data_8PEF
# 
_entry.id   8PEF 
# 
_audit_conform.dict_name       mmcif_pdbx.dic 
_audit_conform.dict_version    5.399 
_audit_conform.dict_location   http://mmcif.pdb.org/dictionaries/ascii/mmcif_pdbx.dic 
# 
loop_
_database_2.database_id 
_database_2.database_code 
_database_2.pdbx_database_accession 
_database_2.pdbx_DOI 
PDB   8PEF         pdb_00008pef 10.2210/pdb8pef/pdb 
WWPDB D_1292127794 ?            ?                   
# 
loop_
_pdbx_audit_revision_history.ordinal 
_pdbx_audit_revision_history.data_content_type 
_pdbx_audit_revision_history.major_revision 
_pdbx_audit_revision_history.minor_revision 
_pdbx_audit_revision_history.revision_date 
1 'Structure model' 1 0 2024-10-09 
2 'Structure model' 1 1 2024-10-16 
3 'Structure model' 1 2 2024-11-20 
# 
_pdbx_audit_revision_details.ordinal             1 
_pdbx_audit_revision_details.revision_ordinal    1 
_pdbx_audit_revision_details.data_content_type   'Structure model' 
_pdbx_audit_revision_details.provider            repository 
_pdbx_audit_revision_details.type                'Initial release' 
_pdbx_audit_revision_details.description         ? 
_pdbx_audit_revision_details.details             ? 
# 
loop_
_pdbx_audit_revision_group.ordinal 
_pdbx_audit_revision_group.revision_ordinal 
_pdbx_audit_revision_group.data_content_type 
_pdbx_audit_revision_group.group 
1 2 'Structure model' 'Database references' 
2 3 'Structure model' 'Database references' 
# 
loop_
_pdbx_audit_revision_category.ordinal 
_pdbx_audit_revision_category.revision_ordinal 
_pdbx_audit_revision_category.data_content_type 
_pdbx_audit_revision_category.category 
1 2 'Structure model' citation        
2 2 'Structure model' citation_author 
3 3 'Structure model' citation        
4 3 'Structure model' citation_author 
# 
loop_
_pdbx_audit_revision_item.ordinal 
_pdbx_audit_revision_item.revision_ordinal 
_pdbx_audit_revision_item.data_content_type 
_pdbx_audit_revision_item.item 
1 2 'Structure model' '_citation.pdbx_database_id_PubMed' 
2 2 'Structure model' '_citation.title'                   
3 3 'Structure model' '_citation.journal_volume'          
4 3 'Structure model' '_citation.page_first'              
5 3 'Structure model' '_citation.page_last'               
6 3 'Structure model' '_citation_author.identifier_ORCID' 
# 
_pdbx_database_status.status_code                     REL 
_pdbx_database_status.status_code_sf                  REL 
_pdbx_database_status.status_code_mr                  ? 
_pdbx_database_status.entry_id                        8PEF 
_pdbx_database_status.recvd_initial_deposition_date   2023-06-13 
_pdbx_database_status.SG_entry                        N 
_pdbx_database_status.deposit_site                    PDBE 
_pdbx_database_status.process_site                    PDBE 
_pdbx_database_status.status_code_cs                  ? 
_pdbx_database_status.status_code_nmr_data            ? 
_pdbx_database_status.methods_development_category    ? 
_pdbx_database_status.pdb_format_compatible           Y 
# 
_pdbx_contact_author.id                 2 
_pdbx_contact_author.email              q.n.wu@leeds.ac.uk 
_pdbx_contact_author.name_first         Qian 
_pdbx_contact_author.name_last          Wu 
_pdbx_contact_author.name_mi            ? 
_pdbx_contact_author.role               'principal investigator/group leader' 
_pdbx_contact_author.identifier_ORCID   0000-0002-6948-7043 
# 
loop_
_audit_author.name 
_audit_author.pdbx_ordinal 
_audit_author.identifier_ORCID 
'Nasir, N.'   1 0000-0002-1097-8665 
'Ryder, E.L.' 2 0000-0002-8869-2923 
'Wu, Q.'      3 0000-0002-6948-7043 
# 
_citation.abstract                  ? 
_citation.abstract_id_CAS           ? 
_citation.book_id_ISBN              ? 
_citation.book_publisher            ? 
_citation.book_publisher_city       ? 
_citation.book_title                ? 
_citation.coordinate_linkage        ? 
_citation.country                   UK 
_citation.database_id_Medline       ? 
_citation.details                   ? 
_citation.id                        primary 
_citation.journal_abbrev            'Nucleic Acids Res.' 
_citation.journal_id_ASTM           NARHAD 
_citation.journal_id_CSD            0389 
_citation.journal_id_ISSN           1362-4962 
_citation.journal_full              ? 
_citation.journal_issue             ? 
_citation.journal_volume            52 
_citation.language                  ? 
_citation.page_first                12405 
_citation.page_last                 12421 
_citation.title                     
'Structural mechanisms of SLF1 interactions with Histone H4 and RAD18 at the stalled replication fork.' 
_citation.year                      2024 
_citation.database_id_CSD           ? 
_citation.pdbx_database_id_DOI      10.1093/nar/gkae831 
_citation.pdbx_database_id_PubMed   39360622 
_citation.pdbx_database_id_patent   ? 
_citation.unpublished_flag          ? 
# 
loop_
_citation_author.citation_id 
_citation_author.name 
_citation_author.ordinal 
_citation_author.identifier_ORCID 
primary 'Ryder, E.L.'        1 ?                   
primary 'Nasir, N.'          2 ?                   
primary 'Durgan, A.E.O.'     3 ?                   
primary 'Jenkyn-Bedford, M.' 4 ?                   
primary 'Tye, S.'            5 ?                   
primary 'Zhang, X.'          6 0000-0001-9786-7038 
primary 'Wu, Q.'             7 0000-0002-6948-7043 
# 
loop_
_entity.id 
_entity.type 
_entity.src_method 
_entity.pdbx_description 
_entity.formula_weight 
_entity.pdbx_number_of_molecules 
_entity.pdbx_ec 
_entity.pdbx_mutation 
_entity.pdbx_fragment 
_entity.details 
1 polymer man 'SMC5-SMC6 complex localization factor protein 1' 14912.108 1   ? ? ? ?                                          
2 polymer syn 'Histone H4'                                      1869.205  1   ? ? ? 'N-Terminus: Biotin C-Terminus: Amidation' 
3 water   nat water                                             18.015    115 ? ? ? ?                                          
# 
_entity_name_com.entity_id   1 
_entity_name_com.name        
'Ankyrin repeat domain-containing protein 32,BRCT domain-containing protein 1,Smc5/6 localization factor 1' 
# 
loop_
_entity_poly.entity_id 
_entity_poly.type 
_entity_poly.nstd_linkage 
_entity_poly.nstd_monomer 
_entity_poly.pdbx_seq_one_letter_code 
_entity_poly.pdbx_seq_one_letter_code_can 
_entity_poly.pdbx_strand_id 
_entity_poly.pdbx_target_identifier 
1 'polypeptide(L)' no no 
;GSMKTNLKGETALHRACINNQVEKLILLLSLPGIDINVKDNAGWTPLHEACNYGNTVCVQEILQRCPEVDLLTQVDGVTP
LHDALSNGHVEIGKLLLQHGGPVLLQQRNAKGELPLDYVVSPQIKEELFAITKIED
;
;GSMKTNLKGETALHRACINNQVEKLILLLSLPGIDINVKDNAGWTPLHEACNYGNTVCVQEILQRCPEVDLLTQVDGVTP
LHDALSNGHVEIGKLLLQHGGPVLLQQRNAKGELPLDYVVSPQIKEELFAITKIED
;
A ? 
2 'polypeptide(L)' no no GLGKGGAKRHRKVLRDN GLGKGGAKRHRKVLRDN B ? 
# 
_pdbx_entity_nonpoly.entity_id   3 
_pdbx_entity_nonpoly.name        water 
_pdbx_entity_nonpoly.comp_id     HOH 
# 
loop_
_entity_poly_seq.entity_id 
_entity_poly_seq.num 
_entity_poly_seq.mon_id 
_entity_poly_seq.hetero 
1 1   GLY n 
1 2   SER n 
1 3   MET n 
1 4   LYS n 
1 5   THR n 
1 6   ASN n 
1 7   LEU n 
1 8   LYS n 
1 9   GLY n 
1 10  GLU n 
1 11  THR n 
1 12  ALA n 
1 13  LEU n 
1 14  HIS n 
1 15  ARG n 
1 16  ALA n 
1 17  CYS n 
1 18  ILE n 
1 19  ASN n 
1 20  ASN n 
1 21  GLN n 
1 22  VAL n 
1 23  GLU n 
1 24  LYS n 
1 25  LEU n 
1 26  ILE n 
1 27  LEU n 
1 28  LEU n 
1 29  LEU n 
1 30  SER n 
1 31  LEU n 
1 32  PRO n 
1 33  GLY n 
1 34  ILE n 
1 35  ASP n 
1 36  ILE n 
1 37  ASN n 
1 38  VAL n 
1 39  LYS n 
1 40  ASP n 
1 41  ASN n 
1 42  ALA n 
1 43  GLY n 
1 44  TRP n 
1 45  THR n 
1 46  PRO n 
1 47  LEU n 
1 48  HIS n 
1 49  GLU n 
1 50  ALA n 
1 51  CYS n 
1 52  ASN n 
1 53  TYR n 
1 54  GLY n 
1 55  ASN n 
1 56  THR n 
1 57  VAL n 
1 58  CYS n 
1 59  VAL n 
1 60  GLN n 
1 61  GLU n 
1 62  ILE n 
1 63  LEU n 
1 64  GLN n 
1 65  ARG n 
1 66  CYS n 
1 67  PRO n 
1 68  GLU n 
1 69  VAL n 
1 70  ASP n 
1 71  LEU n 
1 72  LEU n 
1 73  THR n 
1 74  GLN n 
1 75  VAL n 
1 76  ASP n 
1 77  GLY n 
1 78  VAL n 
1 79  THR n 
1 80  PRO n 
1 81  LEU n 
1 82  HIS n 
1 83  ASP n 
1 84  ALA n 
1 85  LEU n 
1 86  SER n 
1 87  ASN n 
1 88  GLY n 
1 89  HIS n 
1 90  VAL n 
1 91  GLU n 
1 92  ILE n 
1 93  GLY n 
1 94  LYS n 
1 95  LEU n 
1 96  LEU n 
1 97  LEU n 
1 98  GLN n 
1 99  HIS n 
1 100 GLY n 
1 101 GLY n 
1 102 PRO n 
1 103 VAL n 
1 104 LEU n 
1 105 LEU n 
1 106 GLN n 
1 107 GLN n 
1 108 ARG n 
1 109 ASN n 
1 110 ALA n 
1 111 LYS n 
1 112 GLY n 
1 113 GLU n 
1 114 LEU n 
1 115 PRO n 
1 116 LEU n 
1 117 ASP n 
1 118 TYR n 
1 119 VAL n 
1 120 VAL n 
1 121 SER n 
1 122 PRO n 
1 123 GLN n 
1 124 ILE n 
1 125 LYS n 
1 126 GLU n 
1 127 GLU n 
1 128 LEU n 
1 129 PHE n 
1 130 ALA n 
1 131 ILE n 
1 132 THR n 
1 133 LYS n 
1 134 ILE n 
1 135 GLU n 
1 136 ASP n 
2 1   GLY n 
2 2   LEU n 
2 3   GLY n 
2 4   LYS n 
2 5   GLY n 
2 6   GLY n 
2 7   ALA n 
2 8   LYS n 
2 9   ARG n 
2 10  HIS n 
2 11  ARG n 
2 12  LYS n 
2 13  VAL n 
2 14  LEU n 
2 15  ARG n 
2 16  ASP n 
2 17  ASN n 
# 
_entity_src_gen.entity_id                          1 
_entity_src_gen.pdbx_src_id                        1 
_entity_src_gen.pdbx_alt_source_flag               sample 
_entity_src_gen.pdbx_seq_type                      'Biological sequence' 
_entity_src_gen.pdbx_beg_seq_num                   1 
_entity_src_gen.pdbx_end_seq_num                   136 
_entity_src_gen.gene_src_common_name               human 
_entity_src_gen.gene_src_genus                     ? 
_entity_src_gen.pdbx_gene_src_gene                 'SLF1, ANKRD32, BRCTD1' 
_entity_src_gen.gene_src_species                   ? 
_entity_src_gen.gene_src_strain                    ? 
_entity_src_gen.gene_src_tissue                    ? 
_entity_src_gen.gene_src_tissue_fraction           ? 
_entity_src_gen.gene_src_details                   ? 
_entity_src_gen.pdbx_gene_src_fragment             ? 
_entity_src_gen.pdbx_gene_src_scientific_name      'Homo sapiens' 
_entity_src_gen.pdbx_gene_src_ncbi_taxonomy_id     9606 
_entity_src_gen.pdbx_gene_src_variant              ? 
_entity_src_gen.pdbx_gene_src_cell_line            ? 
_entity_src_gen.pdbx_gene_src_atcc                 ? 
_entity_src_gen.pdbx_gene_src_organ                ? 
_entity_src_gen.pdbx_gene_src_organelle            ? 
_entity_src_gen.pdbx_gene_src_cell                 ? 
_entity_src_gen.pdbx_gene_src_cellular_location    ? 
_entity_src_gen.host_org_common_name               ? 
_entity_src_gen.pdbx_host_org_scientific_name      'Escherichia coli' 
_entity_src_gen.pdbx_host_org_ncbi_taxonomy_id     562 
_entity_src_gen.host_org_genus                     ? 
_entity_src_gen.pdbx_host_org_gene                 ? 
_entity_src_gen.pdbx_host_org_organ                ? 
_entity_src_gen.host_org_species                   ? 
_entity_src_gen.pdbx_host_org_tissue               ? 
_entity_src_gen.pdbx_host_org_tissue_fraction      ? 
_entity_src_gen.pdbx_host_org_strain               ? 
_entity_src_gen.pdbx_host_org_variant              ? 
_entity_src_gen.pdbx_host_org_cell_line            ? 
_entity_src_gen.pdbx_host_org_atcc                 ? 
_entity_src_gen.pdbx_host_org_culture_collection   ? 
_entity_src_gen.pdbx_host_org_cell                 ? 
_entity_src_gen.pdbx_host_org_organelle            ? 
_entity_src_gen.pdbx_host_org_cellular_location    ? 
_entity_src_gen.pdbx_host_org_vector_type          ? 
_entity_src_gen.pdbx_host_org_vector               ? 
_entity_src_gen.host_org_details                   ? 
_entity_src_gen.expression_system_id               ? 
_entity_src_gen.plasmid_name                       ? 
_entity_src_gen.plasmid_details                    ? 
_entity_src_gen.pdbx_description                   ? 
# 
_pdbx_entity_src_syn.entity_id              2 
_pdbx_entity_src_syn.pdbx_src_id            1 
_pdbx_entity_src_syn.pdbx_alt_source_flag   sample 
_pdbx_entity_src_syn.pdbx_beg_seq_num       1 
_pdbx_entity_src_syn.pdbx_end_seq_num       17 
_pdbx_entity_src_syn.organism_scientific    'Homo sapiens' 
_pdbx_entity_src_syn.organism_common_name   human 
_pdbx_entity_src_syn.ncbi_taxonomy_id       9606 
_pdbx_entity_src_syn.details                ? 
# 
loop_
_chem_comp.id 
_chem_comp.type 
_chem_comp.mon_nstd_flag 
_chem_comp.name 
_chem_comp.pdbx_synonyms 
_chem_comp.formula 
_chem_comp.formula_weight 
ALA 'L-peptide linking' y ALANINE         ? 'C3 H7 N O2'     89.093  
ARG 'L-peptide linking' y ARGININE        ? 'C6 H15 N4 O2 1' 175.209 
ASN 'L-peptide linking' y ASPARAGINE      ? 'C4 H8 N2 O3'    132.118 
ASP 'L-peptide linking' y 'ASPARTIC ACID' ? 'C4 H7 N O4'     133.103 
CYS 'L-peptide linking' y CYSTEINE        ? 'C3 H7 N O2 S'   121.158 
GLN 'L-peptide linking' y GLUTAMINE       ? 'C5 H10 N2 O3'   146.144 
GLU 'L-peptide linking' y 'GLUTAMIC ACID' ? 'C5 H9 N O4'     147.129 
GLY 'peptide linking'   y GLYCINE         ? 'C2 H5 N O2'     75.067  
HIS 'L-peptide linking' y HISTIDINE       ? 'C6 H10 N3 O2 1' 156.162 
HOH non-polymer         . WATER           ? 'H2 O'           18.015  
ILE 'L-peptide linking' y ISOLEUCINE      ? 'C6 H13 N O2'    131.173 
LEU 'L-peptide linking' y LEUCINE         ? 'C6 H13 N O2'    131.173 
LYS 'L-peptide linking' y LYSINE          ? 'C6 H15 N2 O2 1' 147.195 
MET 'L-peptide linking' y METHIONINE      ? 'C5 H11 N O2 S'  149.211 
PHE 'L-peptide linking' y PHENYLALANINE   ? 'C9 H11 N O2'    165.189 
PRO 'L-peptide linking' y PROLINE         ? 'C5 H9 N O2'     115.130 
SER 'L-peptide linking' y SERINE          ? 'C3 H7 N O3'     105.093 
THR 'L-peptide linking' y THREONINE       ? 'C4 H9 N O3'     119.119 
TRP 'L-peptide linking' y TRYPTOPHAN      ? 'C11 H12 N2 O2'  204.225 
TYR 'L-peptide linking' y TYROSINE        ? 'C9 H11 N O3'    181.189 
VAL 'L-peptide linking' y VALINE          ? 'C5 H11 N O2'    117.146 
# 
loop_
_pdbx_poly_seq_scheme.asym_id 
_pdbx_poly_seq_scheme.entity_id 
_pdbx_poly_seq_scheme.seq_id 
_pdbx_poly_seq_scheme.mon_id 
_pdbx_poly_seq_scheme.ndb_seq_num 
_pdbx_poly_seq_scheme.pdb_seq_num 
_pdbx_poly_seq_scheme.auth_seq_num 
_pdbx_poly_seq_scheme.pdb_mon_id 
_pdbx_poly_seq_scheme.auth_mon_id 
_pdbx_poly_seq_scheme.pdb_strand_id 
_pdbx_poly_seq_scheme.pdb_ins_code 
_pdbx_poly_seq_scheme.hetero 
A 1 1   GLY 1   -2  ?   ?   ?   A . n 
A 1 2   SER 2   -1  -1  SER SER A . n 
A 1 3   MET 3   0   0   MET MET A . n 
A 1 4   LYS 4   802 802 LYS LYS A . n 
A 1 5   THR 5   803 803 THR THR A . n 
A 1 6   ASN 6   804 804 ASN ASN A . n 
A 1 7   LEU 7   805 805 LEU LEU A . n 
A 1 8   LYS 8   806 806 LYS LYS A . n 
A 1 9   GLY 9   807 807 GLY GLY A . n 
A 1 10  GLU 10  808 808 GLU GLU A . n 
A 1 11  THR 11  809 809 THR THR A . n 
A 1 12  ALA 12  810 810 ALA ALA A . n 
A 1 13  LEU 13  811 811 LEU LEU A . n 
A 1 14  HIS 14  812 812 HIS HIS A . n 
A 1 15  ARG 15  813 813 ARG ARG A . n 
A 1 16  ALA 16  814 814 ALA ALA A . n 
A 1 17  CYS 17  815 815 CYS CYS A . n 
A 1 18  ILE 18  816 816 ILE ILE A . n 
A 1 19  ASN 19  817 817 ASN ASN A . n 
A 1 20  ASN 20  818 818 ASN ASN A . n 
A 1 21  GLN 21  819 819 GLN GLN A . n 
A 1 22  VAL 22  820 820 VAL VAL A . n 
A 1 23  GLU 23  821 821 GLU GLU A . n 
A 1 24  LYS 24  822 822 LYS LYS A . n 
A 1 25  LEU 25  823 823 LEU LEU A . n 
A 1 26  ILE 26  824 824 ILE ILE A . n 
A 1 27  LEU 27  825 825 LEU LEU A . n 
A 1 28  LEU 28  826 826 LEU LEU A . n 
A 1 29  LEU 29  827 827 LEU LEU A . n 
A 1 30  SER 30  828 828 SER SER A . n 
A 1 31  LEU 31  829 829 LEU LEU A . n 
A 1 32  PRO 32  830 830 PRO PRO A . n 
A 1 33  GLY 33  831 831 GLY GLY A . n 
A 1 34  ILE 34  832 832 ILE ILE A . n 
A 1 35  ASP 35  833 833 ASP ASP A . n 
A 1 36  ILE 36  834 834 ILE ILE A . n 
A 1 37  ASN 37  835 835 ASN ASN A . n 
A 1 38  VAL 38  836 836 VAL VAL A . n 
A 1 39  LYS 39  837 837 LYS LYS A . n 
A 1 40  ASP 40  838 838 ASP ASP A . n 
A 1 41  ASN 41  839 839 ASN ASN A . n 
A 1 42  ALA 42  840 840 ALA ALA A . n 
A 1 43  GLY 43  841 841 GLY GLY A . n 
A 1 44  TRP 44  842 842 TRP TRP A . n 
A 1 45  THR 45  843 843 THR THR A . n 
A 1 46  PRO 46  844 844 PRO PRO A . n 
A 1 47  LEU 47  845 845 LEU LEU A . n 
A 1 48  HIS 48  846 846 HIS HIS A . n 
A 1 49  GLU 49  847 847 GLU GLU A . n 
A 1 50  ALA 50  848 848 ALA ALA A . n 
A 1 51  CYS 51  849 849 CYS CYS A . n 
A 1 52  ASN 52  850 850 ASN ASN A . n 
A 1 53  TYR 53  851 851 TYR TYR A . n 
A 1 54  GLY 54  852 852 GLY GLY A . n 
A 1 55  ASN 55  853 853 ASN ASN A . n 
A 1 56  THR 56  854 854 THR THR A . n 
A 1 57  VAL 57  855 855 VAL VAL A . n 
A 1 58  CYS 58  856 856 CYS CYS A . n 
A 1 59  VAL 59  857 857 VAL VAL A . n 
A 1 60  GLN 60  858 858 GLN GLN A . n 
A 1 61  GLU 61  859 859 GLU GLU A . n 
A 1 62  ILE 62  860 860 ILE ILE A . n 
A 1 63  LEU 63  861 861 LEU LEU A . n 
A 1 64  GLN 64  862 862 GLN GLN A . n 
A 1 65  ARG 65  863 863 ARG ARG A . n 
A 1 66  CYS 66  864 864 CYS CYS A . n 
A 1 67  PRO 67  865 865 PRO PRO A . n 
A 1 68  GLU 68  866 866 GLU GLU A . n 
A 1 69  VAL 69  867 867 VAL VAL A . n 
A 1 70  ASP 70  868 868 ASP ASP A . n 
A 1 71  LEU 71  869 869 LEU LEU A . n 
A 1 72  LEU 72  870 870 LEU LEU A . n 
A 1 73  THR 73  871 871 THR THR A . n 
A 1 74  GLN 74  872 872 GLN GLN A . n 
A 1 75  VAL 75  873 873 VAL VAL A . n 
A 1 76  ASP 76  874 874 ASP ASP A . n 
A 1 77  GLY 77  875 875 GLY GLY A . n 
A 1 78  VAL 78  876 876 VAL VAL A . n 
A 1 79  THR 79  877 877 THR THR A . n 
A 1 80  PRO 80  878 878 PRO PRO A . n 
A 1 81  LEU 81  879 879 LEU LEU A . n 
A 1 82  HIS 82  880 880 HIS HIS A . n 
A 1 83  ASP 83  881 881 ASP ASP A . n 
A 1 84  ALA 84  882 882 ALA ALA A . n 
A 1 85  LEU 85  883 883 LEU LEU A . n 
A 1 86  SER 86  884 884 SER SER A . n 
A 1 87  ASN 87  885 885 ASN ASN A . n 
A 1 88  GLY 88  886 886 GLY GLY A . n 
A 1 89  HIS 89  887 887 HIS HIS A . n 
A 1 90  VAL 90  888 888 VAL VAL A . n 
A 1 91  GLU 91  889 889 GLU GLU A . n 
A 1 92  ILE 92  890 890 ILE ILE A . n 
A 1 93  GLY 93  891 891 GLY GLY A . n 
A 1 94  LYS 94  892 892 LYS LYS A . n 
A 1 95  LEU 95  893 893 LEU LEU A . n 
A 1 96  LEU 96  894 894 LEU LEU A . n 
A 1 97  LEU 97  895 895 LEU LEU A . n 
A 1 98  GLN 98  896 896 GLN GLN A . n 
A 1 99  HIS 99  897 897 HIS HIS A . n 
A 1 100 GLY 100 898 898 GLY GLY A . n 
A 1 101 GLY 101 899 899 GLY GLY A . n 
A 1 102 PRO 102 900 900 PRO PRO A . n 
A 1 103 VAL 103 901 901 VAL VAL A . n 
A 1 104 LEU 104 902 902 LEU LEU A . n 
A 1 105 LEU 105 903 903 LEU LEU A . n 
A 1 106 GLN 106 904 904 GLN GLN A . n 
A 1 107 GLN 107 905 905 GLN GLN A . n 
A 1 108 ARG 108 906 906 ARG ARG A . n 
A 1 109 ASN 109 907 907 ASN ASN A . n 
A 1 110 ALA 110 908 908 ALA ALA A . n 
A 1 111 LYS 111 909 909 LYS LYS A . n 
A 1 112 GLY 112 910 910 GLY GLY A . n 
A 1 113 GLU 113 911 911 GLU GLU A . n 
A 1 114 LEU 114 912 912 LEU LEU A . n 
A 1 115 PRO 115 913 913 PRO PRO A . n 
A 1 116 LEU 116 914 914 LEU LEU A . n 
A 1 117 ASP 117 915 915 ASP ASP A . n 
A 1 118 TYR 118 916 916 TYR TYR A . n 
A 1 119 VAL 119 917 917 VAL VAL A . n 
A 1 120 VAL 120 918 918 VAL VAL A . n 
A 1 121 SER 121 919 919 SER SER A . n 
A 1 122 PRO 122 920 920 PRO PRO A . n 
A 1 123 GLN 123 921 921 GLN GLN A . n 
A 1 124 ILE 124 922 922 ILE ILE A . n 
A 1 125 LYS 125 923 923 LYS LYS A . n 
A 1 126 GLU 126 924 924 GLU GLU A . n 
A 1 127 GLU 127 925 925 GLU GLU A . n 
A 1 128 LEU 128 926 926 LEU LEU A . n 
A 1 129 PHE 129 927 927 PHE PHE A . n 
A 1 130 ALA 130 928 928 ALA ALA A . n 
A 1 131 ILE 131 929 929 ILE ILE A . n 
A 1 132 THR 132 930 930 THR THR A . n 
A 1 133 LYS 133 931 931 LYS LYS A . n 
A 1 134 ILE 134 932 932 ILE ILE A . n 
A 1 135 GLU 135 933 933 GLU GLU A . n 
A 1 136 ASP 136 934 ?   ?   ?   A . n 
B 2 1   GLY 1   9   ?   ?   ?   B . n 
B 2 2   LEU 2   10  ?   ?   ?   B . n 
B 2 3   GLY 3   11  ?   ?   ?   B . n 
B 2 4   LYS 4   12  ?   ?   ?   B . n 
B 2 5   GLY 5   13  ?   ?   ?   B . n 
B 2 6   GLY 6   14  14  GLY GLY B . n 
B 2 7   ALA 7   15  15  ALA ALA B . n 
B 2 8   LYS 8   16  16  LYS LYS B . n 
B 2 9   ARG 9   17  17  ARG ARG B . n 
B 2 10  HIS 10  18  18  HIS HIS B . n 
B 2 11  ARG 11  19  19  ARG ARG B . n 
B 2 12  LYS 12  20  20  LYS LYS B . n 
B 2 13  VAL 13  21  21  VAL VAL B . n 
B 2 14  LEU 14  22  22  LEU LEU B . n 
B 2 15  ARG 15  23  23  ARG ARG B . n 
B 2 16  ASP 16  24  24  ASP ASP B . n 
B 2 17  ASN 17  25  25  ASN ASN B . n 
# 
loop_
_pdbx_nonpoly_scheme.asym_id 
_pdbx_nonpoly_scheme.entity_id 
_pdbx_nonpoly_scheme.mon_id 
_pdbx_nonpoly_scheme.ndb_seq_num 
_pdbx_nonpoly_scheme.pdb_seq_num 
_pdbx_nonpoly_scheme.auth_seq_num 
_pdbx_nonpoly_scheme.pdb_mon_id 
_pdbx_nonpoly_scheme.auth_mon_id 
_pdbx_nonpoly_scheme.pdb_strand_id 
_pdbx_nonpoly_scheme.pdb_ins_code 
C 3 HOH 1  1001 1017 HOH HOH A . 
C 3 HOH 2  1002 1001 HOH HOH A . 
C 3 HOH 3  1003 942  HOH HOH A . 
C 3 HOH 4  1004 982  HOH HOH A . 
C 3 HOH 5  1005 1011 HOH HOH A . 
C 3 HOH 6  1006 965  HOH HOH A . 
C 3 HOH 7  1007 1014 HOH HOH A . 
C 3 HOH 8  1008 974  HOH HOH A . 
C 3 HOH 9  1009 976  HOH HOH A . 
C 3 HOH 10 1010 1000 HOH HOH A . 
C 3 HOH 11 1011 966  HOH HOH A . 
C 3 HOH 12 1012 1002 HOH HOH A . 
C 3 HOH 13 1013 957  HOH HOH A . 
C 3 HOH 14 1014 985  HOH HOH A . 
C 3 HOH 15 1015 964  HOH HOH A . 
C 3 HOH 16 1016 980  HOH HOH A . 
C 3 HOH 17 1017 983  HOH HOH A . 
C 3 HOH 18 1018 977  HOH HOH A . 
C 3 HOH 19 1019 978  HOH HOH A . 
C 3 HOH 20 1020 1025 HOH HOH A . 
C 3 HOH 21 1021 946  HOH HOH A . 
C 3 HOH 22 1022 968  HOH HOH A . 
C 3 HOH 23 1023 993  HOH HOH A . 
C 3 HOH 24 1024 995  HOH HOH A . 
C 3 HOH 25 1025 1024 HOH HOH A . 
C 3 HOH 26 1026 941  HOH HOH A . 
C 3 HOH 27 1027 940  HOH HOH A . 
C 3 HOH 28 1028 988  HOH HOH A . 
C 3 HOH 29 1029 1006 HOH HOH A . 
C 3 HOH 30 1030 939  HOH HOH A . 
C 3 HOH 31 1031 934  HOH HOH A . 
C 3 HOH 32 1032 936  HOH HOH A . 
C 3 HOH 33 1033 962  HOH HOH A . 
C 3 HOH 34 1034 953  HOH HOH A . 
C 3 HOH 35 1035 991  HOH HOH A . 
C 3 HOH 36 1036 948  HOH HOH A . 
C 3 HOH 37 1037 956  HOH HOH A . 
C 3 HOH 38 1038 945  HOH HOH A . 
C 3 HOH 39 1039 943  HOH HOH A . 
C 3 HOH 40 1040 949  HOH HOH A . 
C 3 HOH 41 1041 935  HOH HOH A . 
C 3 HOH 42 1042 937  HOH HOH A . 
C 3 HOH 43 1043 990  HOH HOH A . 
C 3 HOH 44 1044 961  HOH HOH A . 
C 3 HOH 45 1045 938  HOH HOH A . 
C 3 HOH 46 1046 970  HOH HOH A . 
C 3 HOH 47 1047 960  HOH HOH A . 
C 3 HOH 48 1048 975  HOH HOH A . 
C 3 HOH 49 1049 973  HOH HOH A . 
C 3 HOH 50 1050 954  HOH HOH A . 
C 3 HOH 51 1051 997  HOH HOH A . 
C 3 HOH 52 1052 952  HOH HOH A . 
C 3 HOH 53 1053 955  HOH HOH A . 
C 3 HOH 54 1054 987  HOH HOH A . 
C 3 HOH 55 1055 967  HOH HOH A . 
C 3 HOH 56 1056 944  HOH HOH A . 
C 3 HOH 57 1057 996  HOH HOH A . 
C 3 HOH 58 1058 1013 HOH HOH A . 
C 3 HOH 59 1059 951  HOH HOH A . 
C 3 HOH 60 1060 1021 HOH HOH A . 
C 3 HOH 61 1061 958  HOH HOH A . 
C 3 HOH 62 1062 992  HOH HOH A . 
C 3 HOH 63 1063 963  HOH HOH A . 
C 3 HOH 64 1064 1004 HOH HOH A . 
C 3 HOH 65 1065 1019 HOH HOH A . 
C 3 HOH 66 1066 1012 HOH HOH A . 
C 3 HOH 67 1067 1009 HOH HOH A . 
C 3 HOH 68 1068 950  HOH HOH A . 
C 3 HOH 69 1069 959  HOH HOH A . 
C 3 HOH 70 1070 947  HOH HOH A . 
C 3 HOH 71 1071 986  HOH HOH A . 
C 3 HOH 72 1072 972  HOH HOH A . 
C 3 HOH 73 1073 40   HOH HOH A . 
C 3 HOH 74 1074 1015 HOH HOH A . 
C 3 HOH 75 1075 994  HOH HOH A . 
C 3 HOH 76 1076 1007 HOH HOH A . 
C 3 HOH 77 1077 971  HOH HOH A . 
C 3 HOH 78 1078 979  HOH HOH A . 
C 3 HOH 79 1079 1016 HOH HOH A . 
C 3 HOH 80 1080 998  HOH HOH A . 
C 3 HOH 81 1081 969  HOH HOH A . 
C 3 HOH 82 1082 1008 HOH HOH A . 
C 3 HOH 83 1083 1030 HOH HOH A . 
C 3 HOH 84 1084 1035 HOH HOH A . 
C 3 HOH 85 1085 1018 HOH HOH A . 
C 3 HOH 86 1086 1033 HOH HOH A . 
C 3 HOH 87 1087 989  HOH HOH A . 
C 3 HOH 88 1088 1020 HOH HOH A . 
C 3 HOH 89 1089 1031 HOH HOH A . 
C 3 HOH 90 1090 984  HOH HOH A . 
C 3 HOH 91 1091 1005 HOH HOH A . 
C 3 HOH 92 1092 1022 HOH HOH A . 
C 3 HOH 93 1093 1026 HOH HOH A . 
C 3 HOH 94 1094 981  HOH HOH A . 
C 3 HOH 95 1095 999  HOH HOH A . 
C 3 HOH 96 1096 1032 HOH HOH A . 
C 3 HOH 97 1097 1003 HOH HOH A . 
C 3 HOH 98 1098 1028 HOH HOH A . 
D 3 HOH 1  101  31   HOH HOH B . 
D 3 HOH 2  102  36   HOH HOH B . 
D 3 HOH 3  103  37   HOH HOH B . 
D 3 HOH 4  104  32   HOH HOH B . 
D 3 HOH 5  105  28   HOH HOH B . 
D 3 HOH 6  106  1023 HOH HOH B . 
D 3 HOH 7  107  30   HOH HOH B . 
D 3 HOH 8  108  29   HOH HOH B . 
D 3 HOH 9  109  26   HOH HOH B . 
D 3 HOH 10 110  27   HOH HOH B . 
D 3 HOH 11 111  33   HOH HOH B . 
D 3 HOH 12 112  34   HOH HOH B . 
D 3 HOH 13 113  39   HOH HOH B . 
D 3 HOH 14 114  35   HOH HOH B . 
D 3 HOH 15 115  38   HOH HOH B . 
D 3 HOH 16 116  1010 HOH HOH B . 
D 3 HOH 17 117  1029 HOH HOH B . 
# 
loop_
_pdbx_unobs_or_zero_occ_atoms.id 
_pdbx_unobs_or_zero_occ_atoms.PDB_model_num 
_pdbx_unobs_or_zero_occ_atoms.polymer_flag 
_pdbx_unobs_or_zero_occ_atoms.occupancy_flag 
_pdbx_unobs_or_zero_occ_atoms.auth_asym_id 
_pdbx_unobs_or_zero_occ_atoms.auth_comp_id 
_pdbx_unobs_or_zero_occ_atoms.auth_seq_id 
_pdbx_unobs_or_zero_occ_atoms.PDB_ins_code 
_pdbx_unobs_or_zero_occ_atoms.auth_atom_id 
_pdbx_unobs_or_zero_occ_atoms.label_alt_id 
_pdbx_unobs_or_zero_occ_atoms.label_asym_id 
_pdbx_unobs_or_zero_occ_atoms.label_comp_id 
_pdbx_unobs_or_zero_occ_atoms.label_seq_id 
_pdbx_unobs_or_zero_occ_atoms.label_atom_id 
1  1 Y 1 A LYS 802 ? CG  ? A LYS 4   CG  
2  1 Y 1 A LYS 802 ? CD  ? A LYS 4   CD  
3  1 Y 1 A LYS 802 ? CE  ? A LYS 4   CE  
4  1 Y 1 A LYS 802 ? NZ  ? A LYS 4   NZ  
5  1 Y 1 A GLU 866 ? CG  ? A GLU 68  CG  
6  1 Y 1 A GLU 866 ? CD  ? A GLU 68  CD  
7  1 Y 1 A GLU 866 ? OE1 ? A GLU 68  OE1 
8  1 Y 1 A GLU 866 ? OE2 ? A GLU 68  OE2 
9  1 Y 1 A GLU 889 ? CG  ? A GLU 91  CG  
10 1 Y 1 A GLU 889 ? CD  ? A GLU 91  CD  
11 1 Y 1 A GLU 889 ? OE1 ? A GLU 91  OE1 
12 1 Y 1 A GLU 889 ? OE2 ? A GLU 91  OE2 
13 1 Y 1 A GLU 933 ? CG  ? A GLU 135 CG  
14 1 Y 1 A GLU 933 ? CD  ? A GLU 135 CD  
15 1 Y 1 A GLU 933 ? OE1 ? A GLU 135 OE1 
16 1 Y 1 A GLU 933 ? OE2 ? A GLU 135 OE2 
17 1 Y 1 B LYS 16  ? CG  ? B LYS 8   CG  
18 1 Y 1 B LYS 16  ? CD  ? B LYS 8   CD  
19 1 Y 1 B LYS 16  ? CE  ? B LYS 8   CE  
20 1 Y 1 B LYS 16  ? NZ  ? B LYS 8   NZ  
# 
loop_
_software.citation_id 
_software.classification 
_software.compiler_name 
_software.compiler_version 
_software.contact_author 
_software.contact_author_email 
_software.date 
_software.description 
_software.dependencies 
_software.hardware 
_software.language 
_software.location 
_software.mods 
_software.name 
_software.os 
_software.os_version 
_software.type 
_software.version 
_software.pdbx_ordinal 
? refinement       ? ? ? ? ? ? ? ? ? ? ? PHENIX ? ? ? 1.20.1_4487 1 
? refinement       ? ? ? ? ? ? ? ? ? ? ? PHENIX ? ? ? 1.20.1_4487 2 
? 'data reduction' ? ? ? ? ? ? ? ? ? ? ? xia2   ? ? ? .           3 
? 'data scaling'   ? ? ? ? ? ? ? ? ? ? ? xia2   ? ? ? .           4 
? phasing          ? ? ? ? ? ? ? ? ? ? ? PHASER ? ? ? .           5 
# 
_cell.angle_alpha                  90.000 
_cell.angle_alpha_esd              ? 
_cell.angle_beta                   90.000 
_cell.angle_beta_esd               ? 
_cell.angle_gamma                  90.000 
_cell.angle_gamma_esd              ? 
_cell.entry_id                     8PEF 
_cell.details                      ? 
_cell.formula_units_Z              ? 
_cell.length_a                     37.680 
_cell.length_a_esd                 ? 
_cell.length_b                     50.940 
_cell.length_b_esd                 ? 
_cell.length_c                     139.620 
_cell.length_c_esd                 ? 
_cell.volume                       267989.309 
_cell.volume_esd                   ? 
_cell.Z_PDB                        8 
_cell.reciprocal_angle_alpha       ? 
_cell.reciprocal_angle_beta        ? 
_cell.reciprocal_angle_gamma       ? 
_cell.reciprocal_angle_alpha_esd   ? 
_cell.reciprocal_angle_beta_esd    ? 
_cell.reciprocal_angle_gamma_esd   ? 
_cell.reciprocal_length_a          ? 
_cell.reciprocal_length_b          ? 
_cell.reciprocal_length_c          ? 
_cell.reciprocal_length_a_esd      ? 
_cell.reciprocal_length_b_esd      ? 
_cell.reciprocal_length_c_esd      ? 
_cell.pdbx_unique_axis             ? 
_cell.pdbx_esd_method              ? 
# 
_symmetry.entry_id                         8PEF 
_symmetry.cell_setting                     ? 
_symmetry.Int_Tables_number                20 
_symmetry.space_group_name_Hall            'C 2c 2' 
_symmetry.space_group_name_H-M             'C 2 2 21' 
_symmetry.pdbx_full_space_group_name_H-M   ? 
# 
_exptl.absorpt_coefficient_mu     ? 
_exptl.absorpt_correction_T_max   ? 
_exptl.absorpt_correction_T_min   ? 
_exptl.absorpt_correction_type    ? 
_exptl.absorpt_process_details    ? 
_exptl.entry_id                   8PEF 
_exptl.crystals_number            1 
_exptl.details                    ? 
_exptl.method                     'X-RAY DIFFRACTION' 
_exptl.method_details             ? 
# 
_exptl_crystal.colour                       ? 
_exptl_crystal.density_diffrn               ? 
_exptl_crystal.density_Matthews             2.00 
_exptl_crystal.density_method               ? 
_exptl_crystal.density_percent_sol          38.38 
_exptl_crystal.description                  ? 
_exptl_crystal.F_000                        ? 
_exptl_crystal.id                           1 
_exptl_crystal.preparation                  ? 
_exptl_crystal.size_max                     ? 
_exptl_crystal.size_mid                     ? 
_exptl_crystal.size_min                     ? 
_exptl_crystal.size_rad                     ? 
_exptl_crystal.colour_lustre                ? 
_exptl_crystal.colour_modifier              ? 
_exptl_crystal.colour_primary               ? 
_exptl_crystal.density_meas                 ? 
_exptl_crystal.density_meas_esd             ? 
_exptl_crystal.density_meas_gt              ? 
_exptl_crystal.density_meas_lt              ? 
_exptl_crystal.density_meas_temp            ? 
_exptl_crystal.density_meas_temp_esd        ? 
_exptl_crystal.density_meas_temp_gt         ? 
_exptl_crystal.density_meas_temp_lt         ? 
_exptl_crystal.pdbx_crystal_image_url       ? 
_exptl_crystal.pdbx_crystal_image_format    ? 
_exptl_crystal.pdbx_mosaicity               ? 
_exptl_crystal.pdbx_mosaicity_esd           ? 
_exptl_crystal.pdbx_mosaic_method           ? 
_exptl_crystal.pdbx_mosaic_block_size       ? 
_exptl_crystal.pdbx_mosaic_block_size_esd   ? 
# 
_exptl_crystal_grow.apparatus       ? 
_exptl_crystal_grow.atmosphere      ? 
_exptl_crystal_grow.crystal_id      1 
_exptl_crystal_grow.details         ? 
_exptl_crystal_grow.method          'VAPOR DIFFUSION, SITTING DROP' 
_exptl_crystal_grow.method_ref      ? 
_exptl_crystal_grow.pH              7 
_exptl_crystal_grow.pressure        ? 
_exptl_crystal_grow.pressure_esd    ? 
_exptl_crystal_grow.seeding         ? 
_exptl_crystal_grow.seeding_ref     ? 
_exptl_crystal_grow.temp_details    ? 
_exptl_crystal_grow.temp_esd        ? 
_exptl_crystal_grow.time            ? 
_exptl_crystal_grow.pdbx_details    
;0.1M Sodium malonate dibasic monohydrate
0.1M Hepes pH 7
30% (w/v) Poly(acrylic acid sodium salt) 2100
;
_exptl_crystal_grow.pdbx_pH_range   ? 
_exptl_crystal_grow.temp            291 
# 
_diffrn.ambient_environment              ? 
_diffrn.ambient_temp                     100 
_diffrn.ambient_temp_details             ? 
_diffrn.ambient_temp_esd                 ? 
_diffrn.crystal_id                       1 
_diffrn.crystal_support                  ? 
_diffrn.crystal_treatment                ? 
_diffrn.details                          ? 
_diffrn.id                               1 
_diffrn.ambient_pressure                 ? 
_diffrn.ambient_pressure_esd             ? 
_diffrn.ambient_pressure_gt              ? 
_diffrn.ambient_pressure_lt              ? 
_diffrn.ambient_temp_gt                  ? 
_diffrn.ambient_temp_lt                  ? 
_diffrn.pdbx_serial_crystal_experiment   N 
# 
_diffrn_detector.details                      ? 
_diffrn_detector.detector                     PIXEL 
_diffrn_detector.diffrn_id                    1 
_diffrn_detector.type                         'DECTRIS PILATUS 6M' 
_diffrn_detector.area_resol_mean              ? 
_diffrn_detector.dtime                        ? 
_diffrn_detector.pdbx_frames_total            ? 
_diffrn_detector.pdbx_collection_time_total   ? 
_diffrn_detector.pdbx_collection_date         2021-05-04 
_diffrn_detector.pdbx_frequency               ? 
_diffrn_detector.id                           ? 
_diffrn_detector.number_of_axes               ? 
# 
_diffrn_radiation.collimation                      ? 
_diffrn_radiation.diffrn_id                        1 
_diffrn_radiation.filter_edge                      ? 
_diffrn_radiation.inhomogeneity                    ? 
_diffrn_radiation.monochromator                    ? 
_diffrn_radiation.polarisn_norm                    ? 
_diffrn_radiation.polarisn_ratio                   ? 
_diffrn_radiation.probe                            ? 
_diffrn_radiation.type                             ? 
_diffrn_radiation.xray_symbol                      ? 
_diffrn_radiation.wavelength_id                    1 
_diffrn_radiation.pdbx_monochromatic_or_laue_m_l   M 
_diffrn_radiation.pdbx_wavelength_list             ? 
_diffrn_radiation.pdbx_wavelength                  ? 
_diffrn_radiation.pdbx_diffrn_protocol             'SINGLE WAVELENGTH' 
_diffrn_radiation.pdbx_analyzer                    ? 
_diffrn_radiation.pdbx_scattering_type             x-ray 
# 
_diffrn_radiation_wavelength.id           1 
_diffrn_radiation_wavelength.wavelength   0.9999 
_diffrn_radiation_wavelength.wt           1.0 
# 
_diffrn_source.current                     ? 
_diffrn_source.details                     ? 
_diffrn_source.diffrn_id                   1 
_diffrn_source.power                       ? 
_diffrn_source.size                        ? 
_diffrn_source.source                      SYNCHROTRON 
_diffrn_source.target                      ? 
_diffrn_source.type                        'DIAMOND BEAMLINE I24' 
_diffrn_source.voltage                     ? 
_diffrn_source.take-off_angle              ? 
_diffrn_source.pdbx_wavelength_list        0.9999 
_diffrn_source.pdbx_wavelength             ? 
_diffrn_source.pdbx_synchrotron_beamline   I24 
_diffrn_source.pdbx_synchrotron_site       Diamond 
# 
_reflns.B_iso_Wilson_estimate                          17.09 
_reflns.entry_id                                       8PEF 
_reflns.data_reduction_details                         ? 
_reflns.data_reduction_method                          ? 
_reflns.d_resolution_high                              1.28 
_reflns.d_resolution_low                               29.6 
_reflns.details                                        ? 
_reflns.limit_h_max                                    ? 
_reflns.limit_h_min                                    ? 
_reflns.limit_k_max                                    ? 
_reflns.limit_k_min                                    ? 
_reflns.limit_l_max                                    ? 
_reflns.limit_l_min                                    ? 
_reflns.number_all                                     ? 
_reflns.number_obs                                     35141 
_reflns.observed_criterion                             ? 
_reflns.observed_criterion_F_max                       ? 
_reflns.observed_criterion_F_min                       ? 
_reflns.observed_criterion_I_max                       ? 
_reflns.observed_criterion_I_min                       ? 
_reflns.observed_criterion_sigma_F                     ? 
_reflns.observed_criterion_sigma_I                     ? 
_reflns.percent_possible_obs                           99.97 
_reflns.R_free_details                                 ? 
_reflns.Rmerge_F_all                                   ? 
_reflns.Rmerge_F_obs                                   ? 
_reflns.Friedel_coverage                               ? 
_reflns.number_gt                                      ? 
_reflns.threshold_expression                           ? 
_reflns.pdbx_redundancy                                11.4 
_reflns.pdbx_netI_over_av_sigmaI                       ? 
_reflns.pdbx_netI_over_sigmaI                          10.02 
_reflns.pdbx_res_netI_over_av_sigmaI_2                 ? 
_reflns.pdbx_res_netI_over_sigmaI_2                    ? 
_reflns.pdbx_chi_squared                               ? 
_reflns.pdbx_scaling_rejects                           ? 
_reflns.pdbx_d_res_high_opt                            ? 
_reflns.pdbx_d_res_low_opt                             ? 
_reflns.pdbx_d_res_opt_method                          ? 
_reflns.phase_calculation_details                      ? 
_reflns.pdbx_Rrim_I_all                                ? 
_reflns.pdbx_Rpim_I_all                                ? 
_reflns.pdbx_d_opt                                     ? 
_reflns.pdbx_number_measured_all                       ? 
_reflns.pdbx_diffrn_id                                 1 
_reflns.pdbx_ordinal                                   1 
_reflns.pdbx_CC_half                                   0.99 
_reflns.pdbx_CC_star                                   0.998 
_reflns.pdbx_R_split                                   ? 
_reflns.pdbx_Rmerge_I_obs                              ? 
_reflns.pdbx_Rmerge_I_all                              ? 
_reflns.pdbx_Rsym_value                                ? 
_reflns.pdbx_CC_split_method                           ? 
_reflns.pdbx_aniso_diffraction_limit_axis_1_ortho[1]   ? 
_reflns.pdbx_aniso_diffraction_limit_axis_1_ortho[2]   ? 
_reflns.pdbx_aniso_diffraction_limit_axis_1_ortho[3]   ? 
_reflns.pdbx_aniso_diffraction_limit_axis_2_ortho[1]   ? 
_reflns.pdbx_aniso_diffraction_limit_axis_2_ortho[2]   ? 
_reflns.pdbx_aniso_diffraction_limit_axis_2_ortho[3]   ? 
_reflns.pdbx_aniso_diffraction_limit_axis_3_ortho[1]   ? 
_reflns.pdbx_aniso_diffraction_limit_axis_3_ortho[2]   ? 
_reflns.pdbx_aniso_diffraction_limit_axis_3_ortho[3]   ? 
_reflns.pdbx_aniso_diffraction_limit_1                 ? 
_reflns.pdbx_aniso_diffraction_limit_2                 ? 
_reflns.pdbx_aniso_diffraction_limit_3                 ? 
_reflns.pdbx_aniso_B_tensor_eigenvector_1_ortho[1]     ? 
_reflns.pdbx_aniso_B_tensor_eigenvector_1_ortho[2]     ? 
_reflns.pdbx_aniso_B_tensor_eigenvector_1_ortho[3]     ? 
_reflns.pdbx_aniso_B_tensor_eigenvector_2_ortho[1]     ? 
_reflns.pdbx_aniso_B_tensor_eigenvector_2_ortho[2]     ? 
_reflns.pdbx_aniso_B_tensor_eigenvector_2_ortho[3]     ? 
_reflns.pdbx_aniso_B_tensor_eigenvector_3_ortho[1]     ? 
_reflns.pdbx_aniso_B_tensor_eigenvector_3_ortho[2]     ? 
_reflns.pdbx_aniso_B_tensor_eigenvector_3_ortho[3]     ? 
_reflns.pdbx_aniso_B_tensor_eigenvalue_1               ? 
_reflns.pdbx_aniso_B_tensor_eigenvalue_2               ? 
_reflns.pdbx_aniso_B_tensor_eigenvalue_3               ? 
_reflns.pdbx_orthogonalization_convention              ? 
_reflns.pdbx_percent_possible_ellipsoidal              ? 
_reflns.pdbx_percent_possible_spherical                ? 
_reflns.pdbx_percent_possible_ellipsoidal_anomalous    ? 
_reflns.pdbx_percent_possible_spherical_anomalous      ? 
_reflns.pdbx_redundancy_anomalous                      ? 
_reflns.pdbx_CC_half_anomalous                         ? 
_reflns.pdbx_absDiff_over_sigma_anomalous              ? 
_reflns.pdbx_percent_possible_anomalous                ? 
_reflns.pdbx_observed_signal_threshold                 ? 
_reflns.pdbx_signal_type                               ? 
_reflns.pdbx_signal_details                            ? 
_reflns.pdbx_signal_software_id                        ? 
# 
_reflns_shell.d_res_high                                    1.28 
_reflns_shell.d_res_low                                     1.326 
_reflns_shell.meanI_over_sigI_all                           ? 
_reflns_shell.meanI_over_sigI_obs                           ? 
_reflns_shell.number_measured_all                           ? 
_reflns_shell.number_measured_obs                           ? 
_reflns_shell.number_possible                               ? 
_reflns_shell.number_unique_all                             ? 
_reflns_shell.number_unique_obs                             3459 
_reflns_shell.percent_possible_obs                          ? 
_reflns_shell.Rmerge_F_all                                  ? 
_reflns_shell.Rmerge_F_obs                                  ? 
_reflns_shell.meanI_over_sigI_gt                            ? 
_reflns_shell.meanI_over_uI_all                             ? 
_reflns_shell.meanI_over_uI_gt                              ? 
_reflns_shell.number_measured_gt                            ? 
_reflns_shell.number_unique_gt                              ? 
_reflns_shell.percent_possible_gt                           ? 
_reflns_shell.Rmerge_F_gt                                   ? 
_reflns_shell.Rmerge_I_gt                                   ? 
_reflns_shell.pdbx_redundancy                               ? 
_reflns_shell.pdbx_chi_squared                              ? 
_reflns_shell.pdbx_netI_over_sigmaI_all                     ? 
_reflns_shell.pdbx_netI_over_sigmaI_obs                     ? 
_reflns_shell.pdbx_Rrim_I_all                               ? 
_reflns_shell.pdbx_Rpim_I_all                               ? 
_reflns_shell.pdbx_rejects                                  ? 
_reflns_shell.pdbx_ordinal                                  1 
_reflns_shell.pdbx_diffrn_id                                1 
_reflns_shell.pdbx_CC_half                                  0.331 
_reflns_shell.pdbx_CC_star                                  0.705 
_reflns_shell.pdbx_R_split                                  ? 
_reflns_shell.percent_possible_all                          ? 
_reflns_shell.Rmerge_I_all                                  ? 
_reflns_shell.Rmerge_I_obs                                  ? 
_reflns_shell.pdbx_Rsym_value                               ? 
_reflns_shell.pdbx_percent_possible_ellipsoidal             ? 
_reflns_shell.pdbx_percent_possible_spherical               ? 
_reflns_shell.pdbx_percent_possible_ellipsoidal_anomalous   ? 
_reflns_shell.pdbx_percent_possible_spherical_anomalous     ? 
_reflns_shell.pdbx_redundancy_anomalous                     ? 
_reflns_shell.pdbx_CC_half_anomalous                        ? 
_reflns_shell.pdbx_absDiff_over_sigma_anomalous             ? 
_reflns_shell.pdbx_percent_possible_anomalous               ? 
# 
_refine.aniso_B[1][1]                            ? 
_refine.aniso_B[1][2]                            ? 
_refine.aniso_B[1][3]                            ? 
_refine.aniso_B[2][2]                            ? 
_refine.aniso_B[2][3]                            ? 
_refine.aniso_B[3][3]                            ? 
_refine.B_iso_max                                ? 
_refine.B_iso_mean                               25.37 
_refine.B_iso_min                                ? 
_refine.correlation_coeff_Fo_to_Fc               ? 
_refine.correlation_coeff_Fo_to_Fc_free          ? 
_refine.details                                  ? 
_refine.diff_density_max                         ? 
_refine.diff_density_max_esd                     ? 
_refine.diff_density_min                         ? 
_refine.diff_density_min_esd                     ? 
_refine.diff_density_rms                         ? 
_refine.diff_density_rms_esd                     ? 
_refine.entry_id                                 8PEF 
_refine.pdbx_refine_id                           'X-RAY DIFFRACTION' 
_refine.ls_abs_structure_details                 ? 
_refine.ls_abs_structure_Flack                   ? 
_refine.ls_abs_structure_Flack_esd               ? 
_refine.ls_abs_structure_Rogers                  ? 
_refine.ls_abs_structure_Rogers_esd              ? 
_refine.ls_d_res_high                            1.28 
_refine.ls_d_res_low                             29.60 
_refine.ls_extinction_coef                       ? 
_refine.ls_extinction_coef_esd                   ? 
_refine.ls_extinction_expression                 ? 
_refine.ls_extinction_method                     ? 
_refine.ls_goodness_of_fit_all                   ? 
_refine.ls_goodness_of_fit_all_esd               ? 
_refine.ls_goodness_of_fit_obs                   ? 
_refine.ls_goodness_of_fit_obs_esd               ? 
_refine.ls_hydrogen_treatment                    ? 
_refine.ls_matrix_type                           ? 
_refine.ls_number_constraints                    ? 
_refine.ls_number_parameters                     ? 
_refine.ls_number_reflns_all                     ? 
_refine.ls_number_reflns_obs                     35137 
_refine.ls_number_reflns_R_free                  1763 
_refine.ls_number_reflns_R_work                  33374 
_refine.ls_number_restraints                     ? 
_refine.ls_percent_reflns_obs                    99.98 
_refine.ls_percent_reflns_R_free                 5.02 
_refine.ls_R_factor_all                          ? 
_refine.ls_R_factor_obs                          0.1955 
_refine.ls_R_factor_R_free                       0.2249 
_refine.ls_R_factor_R_free_error                 ? 
_refine.ls_R_factor_R_free_error_details         ? 
_refine.ls_R_factor_R_work                       0.1940 
_refine.ls_R_Fsqd_factor_obs                     ? 
_refine.ls_R_I_factor_obs                        ? 
_refine.ls_redundancy_reflns_all                 ? 
_refine.ls_redundancy_reflns_obs                 ? 
_refine.ls_restrained_S_all                      ? 
_refine.ls_restrained_S_obs                      ? 
_refine.ls_shift_over_esd_max                    ? 
_refine.ls_shift_over_esd_mean                   ? 
_refine.ls_structure_factor_coef                 ? 
_refine.ls_weighting_details                     ? 
_refine.ls_weighting_scheme                      ? 
_refine.ls_wR_factor_all                         ? 
_refine.ls_wR_factor_obs                         ? 
_refine.ls_wR_factor_R_free                      ? 
_refine.ls_wR_factor_R_work                      ? 
_refine.occupancy_max                            ? 
_refine.occupancy_min                            ? 
_refine.solvent_model_details                    'FLAT BULK SOLVENT MODEL' 
_refine.solvent_model_param_bsol                 ? 
_refine.solvent_model_param_ksol                 ? 
_refine.pdbx_R_complete                          ? 
_refine.ls_R_factor_gt                           ? 
_refine.ls_goodness_of_fit_gt                    ? 
_refine.ls_goodness_of_fit_ref                   ? 
_refine.ls_shift_over_su_max                     ? 
_refine.ls_shift_over_su_max_lt                  ? 
_refine.ls_shift_over_su_mean                    ? 
_refine.ls_shift_over_su_mean_lt                 ? 
_refine.pdbx_ls_sigma_I                          ? 
_refine.pdbx_ls_sigma_F                          1.35 
_refine.pdbx_ls_sigma_Fsqd                       ? 
_refine.pdbx_data_cutoff_high_absF               ? 
_refine.pdbx_data_cutoff_high_rms_absF           ? 
_refine.pdbx_data_cutoff_low_absF                ? 
_refine.pdbx_isotropic_thermal_model             ? 
_refine.pdbx_ls_cross_valid_method               'FREE R-VALUE' 
_refine.pdbx_method_to_determine_struct          'MOLECULAR REPLACEMENT' 
_refine.pdbx_starting_model                      ? 
_refine.pdbx_stereochemistry_target_values       'GeoStd + Monomer Library + CDL v1.2' 
_refine.pdbx_R_Free_selection_details            ? 
_refine.pdbx_stereochem_target_val_spec_case     ? 
_refine.pdbx_overall_ESU_R                       ? 
_refine.pdbx_overall_ESU_R_Free                  ? 
_refine.pdbx_solvent_vdw_probe_radii             1.1000 
_refine.pdbx_solvent_ion_probe_radii             ? 
_refine.pdbx_solvent_shrinkage_radii             0.9000 
_refine.pdbx_real_space_R                        ? 
_refine.pdbx_density_correlation                 ? 
_refine.pdbx_pd_number_of_powder_patterns        ? 
_refine.pdbx_pd_number_of_points                 ? 
_refine.pdbx_pd_meas_number_of_points            ? 
_refine.pdbx_pd_proc_ls_prof_R_factor            ? 
_refine.pdbx_pd_proc_ls_prof_wR_factor           ? 
_refine.pdbx_pd_Marquardt_correlation_coeff      ? 
_refine.pdbx_pd_Fsqrd_R_factor                   ? 
_refine.pdbx_pd_ls_matrix_band_width             ? 
_refine.pdbx_overall_phase_error                 25.4469 
_refine.pdbx_overall_SU_R_free_Cruickshank_DPI   ? 
_refine.pdbx_overall_SU_R_free_Blow_DPI          ? 
_refine.pdbx_overall_SU_R_Blow_DPI               ? 
_refine.pdbx_TLS_residual_ADP_flag               ? 
_refine.pdbx_diffrn_id                           1 
_refine.overall_SU_B                             ? 
_refine.overall_SU_ML                            0.2026 
_refine.overall_SU_R_Cruickshank_DPI             ? 
_refine.overall_SU_R_free                        ? 
_refine.overall_FOM_free_R_set                   ? 
_refine.overall_FOM_work_R_set                   ? 
_refine.pdbx_average_fsc_overall                 ? 
_refine.pdbx_average_fsc_work                    ? 
_refine.pdbx_average_fsc_free                    ? 
# 
_refine_hist.pdbx_refine_id                   'X-RAY DIFFRACTION' 
_refine_hist.cycle_id                         LAST 
_refine_hist.details                          ? 
_refine_hist.d_res_high                       1.28 
_refine_hist.d_res_low                        29.60 
_refine_hist.number_atoms_solvent             118 
_refine_hist.number_atoms_total               1231 
_refine_hist.number_reflns_all                ? 
_refine_hist.number_reflns_obs                ? 
_refine_hist.number_reflns_R_free             ? 
_refine_hist.number_reflns_R_work             ? 
_refine_hist.R_factor_all                     ? 
_refine_hist.R_factor_obs                     ? 
_refine_hist.R_factor_R_free                  ? 
_refine_hist.R_factor_R_work                  ? 
_refine_hist.pdbx_number_residues_total       ? 
_refine_hist.pdbx_B_iso_mean_ligand           ? 
_refine_hist.pdbx_B_iso_mean_solvent          ? 
_refine_hist.pdbx_number_atoms_protein        1113 
_refine_hist.pdbx_number_atoms_nucleic_acid   0 
_refine_hist.pdbx_number_atoms_ligand         0 
_refine_hist.pdbx_number_atoms_lipid          ? 
_refine_hist.pdbx_number_atoms_carb           ? 
_refine_hist.pdbx_pseudo_atom_details         ? 
# 
loop_
_refine_ls_restr.pdbx_refine_id 
_refine_ls_restr.criterion 
_refine_ls_restr.dev_ideal 
_refine_ls_restr.dev_ideal_target 
_refine_ls_restr.number 
_refine_ls_restr.rejects 
_refine_ls_restr.type 
_refine_ls_restr.weight 
_refine_ls_restr.pdbx_restraint_function 
'X-RAY DIFFRACTION' ? 0.0046 ? 1129 ? f_bond_d           ? ? 
'X-RAY DIFFRACTION' ? 0.7700 ? 1533 ? f_angle_d          ? ? 
'X-RAY DIFFRACTION' ? 0.0754 ? 185  ? f_chiral_restr     ? ? 
'X-RAY DIFFRACTION' ? 0.0070 ? 199  ? f_plane_restr      ? ? 
'X-RAY DIFFRACTION' ? 4.7839 ? 152  ? f_dihedral_angle_d ? ? 
# 
loop_
_refine_ls_shell.pdbx_refine_id 
_refine_ls_shell.d_res_high 
_refine_ls_shell.d_res_low 
_refine_ls_shell.number_reflns_all 
_refine_ls_shell.number_reflns_obs 
_refine_ls_shell.number_reflns_R_free 
_refine_ls_shell.number_reflns_R_work 
_refine_ls_shell.percent_reflns_obs 
_refine_ls_shell.percent_reflns_R_free 
_refine_ls_shell.R_factor_all 
_refine_ls_shell.R_factor_obs 
_refine_ls_shell.R_factor_R_free_error 
_refine_ls_shell.R_factor_R_work 
_refine_ls_shell.redundancy_reflns_all 
_refine_ls_shell.redundancy_reflns_obs 
_refine_ls_shell.wR_factor_all 
_refine_ls_shell.wR_factor_obs 
_refine_ls_shell.wR_factor_R_free 
_refine_ls_shell.wR_factor_R_work 
_refine_ls_shell.pdbx_R_complete 
_refine_ls_shell.pdbx_total_number_of_bins_used 
_refine_ls_shell.pdbx_phase_error 
_refine_ls_shell.pdbx_fsc_work 
_refine_ls_shell.pdbx_fsc_free 
_refine_ls_shell.R_factor_R_free 
'X-RAY DIFFRACTION' 1.28 1.31  . . 131 2539 100.00 . . . . 0.3935 . . . . . . . . . . . 0.4190 
'X-RAY DIFFRACTION' 1.31 1.35  . . 146 2504 100.00 . . . . 0.3718 . . . . . . . . . . . 0.3686 
'X-RAY DIFFRACTION' 1.35 1.40  . . 130 2533 100.00 . . . . 0.3138 . . . . . . . . . . . 0.3358 
'X-RAY DIFFRACTION' 1.40 1.45  . . 142 2565 100.00 . . . . 0.2756 . . . . . . . . . . . 0.2793 
'X-RAY DIFFRACTION' 1.45 1.50  . . 134 2538 100.00 . . . . 0.2440 . . . . . . . . . . . 0.2646 
'X-RAY DIFFRACTION' 1.50 1.57  . . 144 2524 100.00 . . . . 0.2144 . . . . . . . . . . . 0.2845 
'X-RAY DIFFRACTION' 1.57 1.66  . . 137 2532 100.00 . . . . 0.1971 . . . . . . . . . . . 0.2338 
'X-RAY DIFFRACTION' 1.66 1.76  . . 141 2562 99.93  . . . . 0.1855 . . . . . . . . . . . 0.2405 
'X-RAY DIFFRACTION' 1.76 1.90  . . 125 2557 99.93  . . . . 0.1803 . . . . . . . . . . . 0.1889 
'X-RAY DIFFRACTION' 1.90 2.09  . . 142 2568 100.00 . . . . 0.1659 . . . . . . . . . . . 0.2042 
'X-RAY DIFFRACTION' 2.09 2.39  . . 142 2576 99.96  . . . . 0.1781 . . . . . . . . . . . 0.2047 
'X-RAY DIFFRACTION' 2.39 3.01  . . 127 2611 100.00 . . . . 0.1970 . . . . . . . . . . . 0.2397 
'X-RAY DIFFRACTION' 3.01 29.60 . . 122 2765 99.97  . . . . 0.1744 . . . . . . . . . . . 0.1958 
# 
_struct.entry_id                     8PEF 
_struct.title                        'Crystal structure of SLF1 Ankyrin repeat domain in complex with H4 tail (K20me0)' 
_struct.pdbx_model_details           ? 
_struct.pdbx_formula_weight          ? 
_struct.pdbx_formula_weight_method   ? 
_struct.pdbx_model_type_details      ? 
_struct.pdbx_CASP_flag               N 
# 
_struct_keywords.entry_id        8PEF 
_struct_keywords.text            
'DNA repair, SMC5/6, nucleosome, Histone 4, SLF1, Ankyrin repeat, RAD18, K20me0, Interstrand crosslinks, NUCLEAR PROTEIN' 
_struct_keywords.pdbx_keywords   'NUCLEAR PROTEIN' 
# 
loop_
_struct_asym.id 
_struct_asym.pdbx_blank_PDB_chainid_flag 
_struct_asym.pdbx_modified 
_struct_asym.entity_id 
_struct_asym.details 
A N N 1 ? 
B N N 2 ? 
C N N 3 ? 
D N N 3 ? 
# 
loop_
_struct_ref.id 
_struct_ref.db_name 
_struct_ref.db_code 
_struct_ref.pdbx_db_accession 
_struct_ref.pdbx_db_isoform 
_struct_ref.entity_id 
_struct_ref.pdbx_seq_one_letter_code 
_struct_ref.pdbx_align_begin 
1 UNP SLF1_HUMAN Q9BQI6 ? 1 
;KTNLKGETALHRACINNQVEKLILLLSLPGIDINVKDNAGWTPLHEACNYGNTVCVQEILQRCPEVDLLTQVDGVTPLHD
ALSNGHVEIGKLLLQHGGPVLLQQRNAKGELPLDYVVSPQIKEELFAITKIED
;
802 
2 UNP H4_HUMAN   P62805 ? 2 GLGKGGAKRHRKVLRDN 10  
# 
loop_
_struct_ref_seq.align_id 
_struct_ref_seq.ref_id 
_struct_ref_seq.pdbx_PDB_id_code 
_struct_ref_seq.pdbx_strand_id 
_struct_ref_seq.seq_align_beg 
_struct_ref_seq.pdbx_seq_align_beg_ins_code 
_struct_ref_seq.seq_align_end 
_struct_ref_seq.pdbx_seq_align_end_ins_code 
_struct_ref_seq.pdbx_db_accession 
_struct_ref_seq.db_align_beg 
_struct_ref_seq.pdbx_db_align_beg_ins_code 
_struct_ref_seq.db_align_end 
_struct_ref_seq.pdbx_db_align_end_ins_code 
_struct_ref_seq.pdbx_auth_seq_align_beg 
_struct_ref_seq.pdbx_auth_seq_align_end 
1 1 8PEF A 4 ? 136 ? Q9BQI6 802 ? 934 ? 802 934 
2 2 8PEF B 1 ? 17  ? P62805 10  ? 26  ? 9   25  
# 
loop_
_struct_ref_seq_dif.align_id 
_struct_ref_seq_dif.pdbx_pdb_id_code 
_struct_ref_seq_dif.mon_id 
_struct_ref_seq_dif.pdbx_pdb_strand_id 
_struct_ref_seq_dif.seq_num 
_struct_ref_seq_dif.pdbx_pdb_ins_code 
_struct_ref_seq_dif.pdbx_seq_db_name 
_struct_ref_seq_dif.pdbx_seq_db_accession_code 
_struct_ref_seq_dif.db_mon_id 
_struct_ref_seq_dif.pdbx_seq_db_seq_num 
_struct_ref_seq_dif.details 
_struct_ref_seq_dif.pdbx_auth_seq_num 
_struct_ref_seq_dif.pdbx_ordinal 
1 8PEF GLY A 1 ? UNP Q9BQI6 ? ? 'expression tag' -2 1 
1 8PEF SER A 2 ? UNP Q9BQI6 ? ? 'expression tag' -1 2 
1 8PEF MET A 3 ? UNP Q9BQI6 ? ? 'expression tag' 0  3 
# 
_pdbx_struct_assembly.id                   1 
_pdbx_struct_assembly.details              author_and_software_defined_assembly 
_pdbx_struct_assembly.method_details       PISA 
_pdbx_struct_assembly.oligomeric_details   dimeric 
_pdbx_struct_assembly.oligomeric_count     2 
# 
loop_
_pdbx_struct_assembly_prop.biol_id 
_pdbx_struct_assembly_prop.type 
_pdbx_struct_assembly_prop.value 
_pdbx_struct_assembly_prop.details 
1 'ABSA (A^2)' 1170 ? 
1 MORE         -1   ? 
1 'SSA (A^2)'  7650 ? 
# 
_pdbx_struct_assembly_gen.assembly_id       1 
_pdbx_struct_assembly_gen.oper_expression   1 
_pdbx_struct_assembly_gen.asym_id_list      A,B,C,D 
# 
_pdbx_struct_assembly_auth_evidence.id                     1 
_pdbx_struct_assembly_auth_evidence.assembly_id            1 
_pdbx_struct_assembly_auth_evidence.experimental_support   'gel filtration' 
_pdbx_struct_assembly_auth_evidence.details                ? 
# 
_pdbx_struct_oper_list.id                   1 
_pdbx_struct_oper_list.type                 'identity operation' 
_pdbx_struct_oper_list.name                 1_555 
_pdbx_struct_oper_list.symmetry_operation   x,y,z 
_pdbx_struct_oper_list.matrix[1][1]         1.0000000000 
_pdbx_struct_oper_list.matrix[1][2]         0.0000000000 
_pdbx_struct_oper_list.matrix[1][3]         0.0000000000 
_pdbx_struct_oper_list.vector[1]            0.0000000000 
_pdbx_struct_oper_list.matrix[2][1]         0.0000000000 
_pdbx_struct_oper_list.matrix[2][2]         1.0000000000 
_pdbx_struct_oper_list.matrix[2][3]         0.0000000000 
_pdbx_struct_oper_list.vector[2]            0.0000000000 
_pdbx_struct_oper_list.matrix[3][1]         0.0000000000 
_pdbx_struct_oper_list.matrix[3][2]         0.0000000000 
_pdbx_struct_oper_list.matrix[3][3]         1.0000000000 
_pdbx_struct_oper_list.vector[3]            0.0000000000 
# 
loop_
_struct_conf.conf_type_id 
_struct_conf.id 
_struct_conf.pdbx_PDB_helix_id 
_struct_conf.beg_label_comp_id 
_struct_conf.beg_label_asym_id 
_struct_conf.beg_label_seq_id 
_struct_conf.pdbx_beg_PDB_ins_code 
_struct_conf.end_label_comp_id 
_struct_conf.end_label_asym_id 
_struct_conf.end_label_seq_id 
_struct_conf.pdbx_end_PDB_ins_code 
_struct_conf.beg_auth_comp_id 
_struct_conf.beg_auth_asym_id 
_struct_conf.beg_auth_seq_id 
_struct_conf.end_auth_comp_id 
_struct_conf.end_auth_asym_id 
_struct_conf.end_auth_seq_id 
_struct_conf.pdbx_PDB_helix_class 
_struct_conf.details 
_struct_conf.pdbx_PDB_helix_length 
HELX_P HELX_P1 AA1 THR A 11  ? ASN A 20  ? THR A 809 ASN A 818 1 ? 10 
HELX_P HELX_P2 AA2 GLN A 21  ? SER A 30  ? GLN A 819 SER A 828 1 ? 10 
HELX_P HELX_P3 AA3 THR A 45  ? GLY A 54  ? THR A 843 GLY A 852 1 ? 10 
HELX_P HELX_P4 AA4 ASN A 55  ? CYS A 66  ? ASN A 853 CYS A 864 1 ? 12 
HELX_P HELX_P5 AA5 THR A 79  ? ASN A 87  ? THR A 877 ASN A 885 1 ? 9  
HELX_P HELX_P6 AA6 HIS A 89  ? GLY A 101 ? HIS A 887 GLY A 899 1 ? 13 
HELX_P HELX_P7 AA7 PRO A 102 ? GLN A 107 ? PRO A 900 GLN A 905 5 ? 6  
HELX_P HELX_P8 AA8 LEU A 114 ? VAL A 119 ? LEU A 912 VAL A 917 5 ? 6  
HELX_P HELX_P9 AA9 SER A 121 ? THR A 132 ? SER A 919 THR A 930 1 ? 12 
# 
_struct_conf_type.id          HELX_P 
_struct_conf_type.criteria    ? 
_struct_conf_type.reference   ? 
# 
_pdbx_entry_details.entry_id                   8PEF 
_pdbx_entry_details.nonpolymer_details         ? 
_pdbx_entry_details.sequence_details           ? 
_pdbx_entry_details.compound_details           ? 
_pdbx_entry_details.source_details             ? 
_pdbx_entry_details.has_ligand_of_interest     N 
_pdbx_entry_details.has_protein_modification   N 
# 
_pdbx_struct_special_symmetry.id              1 
_pdbx_struct_special_symmetry.PDB_model_num   1 
_pdbx_struct_special_symmetry.auth_asym_id    A 
_pdbx_struct_special_symmetry.auth_comp_id    HOH 
_pdbx_struct_special_symmetry.auth_seq_id     1020 
_pdbx_struct_special_symmetry.PDB_ins_code    ? 
_pdbx_struct_special_symmetry.label_asym_id   C 
_pdbx_struct_special_symmetry.label_comp_id   HOH 
_pdbx_struct_special_symmetry.label_seq_id    . 
# 
loop_
_space_group_symop.id 
_space_group_symop.operation_xyz 
1 x,y,z               
2 x,-y,-z             
3 -x,y,-z+1/2         
4 -x,-y,z+1/2         
5 x+1/2,y+1/2,z       
6 x+1/2,-y+1/2,-z     
7 -x+1/2,y+1/2,-z+1/2 
8 -x+1/2,-y+1/2,z+1/2 
# 
loop_
_pdbx_unobs_or_zero_occ_residues.id 
_pdbx_unobs_or_zero_occ_residues.PDB_model_num 
_pdbx_unobs_or_zero_occ_residues.polymer_flag 
_pdbx_unobs_or_zero_occ_residues.occupancy_flag 
_pdbx_unobs_or_zero_occ_residues.auth_asym_id 
_pdbx_unobs_or_zero_occ_residues.auth_comp_id 
_pdbx_unobs_or_zero_occ_residues.auth_seq_id 
_pdbx_unobs_or_zero_occ_residues.PDB_ins_code 
_pdbx_unobs_or_zero_occ_residues.label_asym_id 
_pdbx_unobs_or_zero_occ_residues.label_comp_id 
_pdbx_unobs_or_zero_occ_residues.label_seq_id 
1 1 Y 1 A GLY -2  ? A GLY 1   
2 1 Y 1 A ASP 934 ? A ASP 136 
3 1 Y 1 B GLY 9   ? B GLY 1   
4 1 Y 1 B LEU 10  ? B LEU 2   
5 1 Y 1 B GLY 11  ? B GLY 3   
6 1 Y 1 B LYS 12  ? B LYS 4   
7 1 Y 1 B GLY 13  ? B GLY 5   
# 
loop_
_chem_comp_atom.comp_id 
_chem_comp_atom.atom_id 
_chem_comp_atom.type_symbol 
_chem_comp_atom.pdbx_aromatic_flag 
_chem_comp_atom.pdbx_stereo_config 
_chem_comp_atom.pdbx_ordinal 
ALA N    N N N 1   
ALA CA   C N S 2   
ALA C    C N N 3   
ALA O    O N N 4   
ALA CB   C N N 5   
ALA OXT  O N N 6   
ALA H    H N N 7   
ALA H2   H N N 8   
ALA HA   H N N 9   
ALA HB1  H N N 10  
ALA HB2  H N N 11  
ALA HB3  H N N 12  
ALA HXT  H N N 13  
ARG N    N N N 14  
ARG CA   C N S 15  
ARG C    C N N 16  
ARG O    O N N 17  
ARG CB   C N N 18  
ARG CG   C N N 19  
ARG CD   C N N 20  
ARG NE   N N N 21  
ARG CZ   C N N 22  
ARG NH1  N N N 23  
ARG NH2  N N N 24  
ARG OXT  O N N 25  
ARG H    H N N 26  
ARG H2   H N N 27  
ARG HA   H N N 28  
ARG HB2  H N N 29  
ARG HB3  H N N 30  
ARG HG2  H N N 31  
ARG HG3  H N N 32  
ARG HD2  H N N 33  
ARG HD3  H N N 34  
ARG HE   H N N 35  
ARG HH11 H N N 36  
ARG HH12 H N N 37  
ARG HH21 H N N 38  
ARG HH22 H N N 39  
ARG HXT  H N N 40  
ASN N    N N N 41  
ASN CA   C N S 42  
ASN C    C N N 43  
ASN O    O N N 44  
ASN CB   C N N 45  
ASN CG   C N N 46  
ASN OD1  O N N 47  
ASN ND2  N N N 48  
ASN OXT  O N N 49  
ASN H    H N N 50  
ASN H2   H N N 51  
ASN HA   H N N 52  
ASN HB2  H N N 53  
ASN HB3  H N N 54  
ASN HD21 H N N 55  
ASN HD22 H N N 56  
ASN HXT  H N N 57  
ASP N    N N N 58  
ASP CA   C N S 59  
ASP C    C N N 60  
ASP O    O N N 61  
ASP CB   C N N 62  
ASP CG   C N N 63  
ASP OD1  O N N 64  
ASP OD2  O N N 65  
ASP OXT  O N N 66  
ASP H    H N N 67  
ASP H2   H N N 68  
ASP HA   H N N 69  
ASP HB2  H N N 70  
ASP HB3  H N N 71  
ASP HD2  H N N 72  
ASP HXT  H N N 73  
CYS N    N N N 74  
CYS CA   C N R 75  
CYS C    C N N 76  
CYS O    O N N 77  
CYS CB   C N N 78  
CYS SG   S N N 79  
CYS OXT  O N N 80  
CYS H    H N N 81  
CYS H2   H N N 82  
CYS HA   H N N 83  
CYS HB2  H N N 84  
CYS HB3  H N N 85  
CYS HG   H N N 86  
CYS HXT  H N N 87  
GLN N    N N N 88  
GLN CA   C N S 89  
GLN C    C N N 90  
GLN O    O N N 91  
GLN CB   C N N 92  
GLN CG   C N N 93  
GLN CD   C N N 94  
GLN OE1  O N N 95  
GLN NE2  N N N 96  
GLN OXT  O N N 97  
GLN H    H N N 98  
GLN H2   H N N 99  
GLN HA   H N N 100 
GLN HB2  H N N 101 
GLN HB3  H N N 102 
GLN HG2  H N N 103 
GLN HG3  H N N 104 
GLN HE21 H N N 105 
GLN HE22 H N N 106 
GLN HXT  H N N 107 
GLU N    N N N 108 
GLU CA   C N S 109 
GLU C    C N N 110 
GLU O    O N N 111 
GLU CB   C N N 112 
GLU CG   C N N 113 
GLU CD   C N N 114 
GLU OE1  O N N 115 
GLU OE2  O N N 116 
GLU OXT  O N N 117 
GLU H    H N N 118 
GLU H2   H N N 119 
GLU HA   H N N 120 
GLU HB2  H N N 121 
GLU HB3  H N N 122 
GLU HG2  H N N 123 
GLU HG3  H N N 124 
GLU HE2  H N N 125 
GLU HXT  H N N 126 
GLY N    N N N 127 
GLY CA   C N N 128 
GLY C    C N N 129 
GLY O    O N N 130 
GLY OXT  O N N 131 
GLY H    H N N 132 
GLY H2   H N N 133 
GLY HA2  H N N 134 
GLY HA3  H N N 135 
GLY HXT  H N N 136 
HIS N    N N N 137 
HIS CA   C N S 138 
HIS C    C N N 139 
HIS O    O N N 140 
HIS CB   C N N 141 
HIS CG   C Y N 142 
HIS ND1  N Y N 143 
HIS CD2  C Y N 144 
HIS CE1  C Y N 145 
HIS NE2  N Y N 146 
HIS OXT  O N N 147 
HIS H    H N N 148 
HIS H2   H N N 149 
HIS HA   H N N 150 
HIS HB2  H N N 151 
HIS HB3  H N N 152 
HIS HD1  H N N 153 
HIS HD2  H N N 154 
HIS HE1  H N N 155 
HIS HE2  H N N 156 
HIS HXT  H N N 157 
HOH O    O N N 158 
HOH H1   H N N 159 
HOH H2   H N N 160 
ILE N    N N N 161 
ILE CA   C N S 162 
ILE C    C N N 163 
ILE O    O N N 164 
ILE CB   C N S 165 
ILE CG1  C N N 166 
ILE CG2  C N N 167 
ILE CD1  C N N 168 
ILE OXT  O N N 169 
ILE H    H N N 170 
ILE H2   H N N 171 
ILE HA   H N N 172 
ILE HB   H N N 173 
ILE HG12 H N N 174 
ILE HG13 H N N 175 
ILE HG21 H N N 176 
ILE HG22 H N N 177 
ILE HG23 H N N 178 
ILE HD11 H N N 179 
ILE HD12 H N N 180 
ILE HD13 H N N 181 
ILE HXT  H N N 182 
LEU N    N N N 183 
LEU CA   C N S 184 
LEU C    C N N 185 
LEU O    O N N 186 
LEU CB   C N N 187 
LEU CG   C N N 188 
LEU CD1  C N N 189 
LEU CD2  C N N 190 
LEU OXT  O N N 191 
LEU H    H N N 192 
LEU H2   H N N 193 
LEU HA   H N N 194 
LEU HB2  H N N 195 
LEU HB3  H N N 196 
LEU HG   H N N 197 
LEU HD11 H N N 198 
LEU HD12 H N N 199 
LEU HD13 H N N 200 
LEU HD21 H N N 201 
LEU HD22 H N N 202 
LEU HD23 H N N 203 
LEU HXT  H N N 204 
LYS N    N N N 205 
LYS CA   C N S 206 
LYS C    C N N 207 
LYS O    O N N 208 
LYS CB   C N N 209 
LYS CG   C N N 210 
LYS CD   C N N 211 
LYS CE   C N N 212 
LYS NZ   N N N 213 
LYS OXT  O N N 214 
LYS H    H N N 215 
LYS H2   H N N 216 
LYS HA   H N N 217 
LYS HB2  H N N 218 
LYS HB3  H N N 219 
LYS HG2  H N N 220 
LYS HG3  H N N 221 
LYS HD2  H N N 222 
LYS HD3  H N N 223 
LYS HE2  H N N 224 
LYS HE3  H N N 225 
LYS HZ1  H N N 226 
LYS HZ2  H N N 227 
LYS HZ3  H N N 228 
LYS HXT  H N N 229 
MET N    N N N 230 
MET CA   C N S 231 
MET C    C N N 232 
MET O    O N N 233 
MET CB   C N N 234 
MET CG   C N N 235 
MET SD   S N N 236 
MET CE   C N N 237 
MET OXT  O N N 238 
MET H    H N N 239 
MET H2   H N N 240 
MET HA   H N N 241 
MET HB2  H N N 242 
MET HB3  H N N 243 
MET HG2  H N N 244 
MET HG3  H N N 245 
MET HE1  H N N 246 
MET HE2  H N N 247 
MET HE3  H N N 248 
MET HXT  H N N 249 
PHE N    N N N 250 
PHE CA   C N S 251 
PHE C    C N N 252 
PHE O    O N N 253 
PHE CB   C N N 254 
PHE CG   C Y N 255 
PHE CD1  C Y N 256 
PHE CD2  C Y N 257 
PHE CE1  C Y N 258 
PHE CE2  C Y N 259 
PHE CZ   C Y N 260 
PHE OXT  O N N 261 
PHE H    H N N 262 
PHE H2   H N N 263 
PHE HA   H N N 264 
PHE HB2  H N N 265 
PHE HB3  H N N 266 
PHE HD1  H N N 267 
PHE HD2  H N N 268 
PHE HE1  H N N 269 
PHE HE2  H N N 270 
PHE HZ   H N N 271 
PHE HXT  H N N 272 
PRO N    N N N 273 
PRO CA   C N S 274 
PRO C    C N N 275 
PRO O    O N N 276 
PRO CB   C N N 277 
PRO CG   C N N 278 
PRO CD   C N N 279 
PRO OXT  O N N 280 
PRO H    H N N 281 
PRO HA   H N N 282 
PRO HB2  H N N 283 
PRO HB3  H N N 284 
PRO HG2  H N N 285 
PRO HG3  H N N 286 
PRO HD2  H N N 287 
PRO HD3  H N N 288 
PRO HXT  H N N 289 
SER N    N N N 290 
SER CA   C N S 291 
SER C    C N N 292 
SER O    O N N 293 
SER CB   C N N 294 
SER OG   O N N 295 
SER OXT  O N N 296 
SER H    H N N 297 
SER H2   H N N 298 
SER HA   H N N 299 
SER HB2  H N N 300 
SER HB3  H N N 301 
SER HG   H N N 302 
SER HXT  H N N 303 
THR N    N N N 304 
THR CA   C N S 305 
THR C    C N N 306 
THR O    O N N 307 
THR CB   C N R 308 
THR OG1  O N N 309 
THR CG2  C N N 310 
THR OXT  O N N 311 
THR H    H N N 312 
THR H2   H N N 313 
THR HA   H N N 314 
THR HB   H N N 315 
THR HG1  H N N 316 
THR HG21 H N N 317 
THR HG22 H N N 318 
THR HG23 H N N 319 
THR HXT  H N N 320 
TRP N    N N N 321 
TRP CA   C N S 322 
TRP C    C N N 323 
TRP O    O N N 324 
TRP CB   C N N 325 
TRP CG   C Y N 326 
TRP CD1  C Y N 327 
TRP CD2  C Y N 328 
TRP NE1  N Y N 329 
TRP CE2  C Y N 330 
TRP CE3  C Y N 331 
TRP CZ2  C Y N 332 
TRP CZ3  C Y N 333 
TRP CH2  C Y N 334 
TRP OXT  O N N 335 
TRP H    H N N 336 
TRP H2   H N N 337 
TRP HA   H N N 338 
TRP HB2  H N N 339 
TRP HB3  H N N 340 
TRP HD1  H N N 341 
TRP HE1  H N N 342 
TRP HE3  H N N 343 
TRP HZ2  H N N 344 
TRP HZ3  H N N 345 
TRP HH2  H N N 346 
TRP HXT  H N N 347 
TYR N    N N N 348 
TYR CA   C N S 349 
TYR C    C N N 350 
TYR O    O N N 351 
TYR CB   C N N 352 
TYR CG   C Y N 353 
TYR CD1  C Y N 354 
TYR CD2  C Y N 355 
TYR CE1  C Y N 356 
TYR CE2  C Y N 357 
TYR CZ   C Y N 358 
TYR OH   O N N 359 
TYR OXT  O N N 360 
TYR H    H N N 361 
TYR H2   H N N 362 
TYR HA   H N N 363 
TYR HB2  H N N 364 
TYR HB3  H N N 365 
TYR HD1  H N N 366 
TYR HD2  H N N 367 
TYR HE1  H N N 368 
TYR HE2  H N N 369 
TYR HH   H N N 370 
TYR HXT  H N N 371 
VAL N    N N N 372 
VAL CA   C N S 373 
VAL C    C N N 374 
VAL O    O N N 375 
VAL CB   C N N 376 
VAL CG1  C N N 377 
VAL CG2  C N N 378 
VAL OXT  O N N 379 
VAL H    H N N 380 
VAL H2   H N N 381 
VAL HA   H N N 382 
VAL HB   H N N 383 
VAL HG11 H N N 384 
VAL HG12 H N N 385 
VAL HG13 H N N 386 
VAL HG21 H N N 387 
VAL HG22 H N N 388 
VAL HG23 H N N 389 
VAL HXT  H N N 390 
# 
loop_
_chem_comp_bond.comp_id 
_chem_comp_bond.atom_id_1 
_chem_comp_bond.atom_id_2 
_chem_comp_bond.value_order 
_chem_comp_bond.pdbx_aromatic_flag 
_chem_comp_bond.pdbx_stereo_config 
_chem_comp_bond.pdbx_ordinal 
ALA N   CA   sing N N 1   
ALA N   H    sing N N 2   
ALA N   H2   sing N N 3   
ALA CA  C    sing N N 4   
ALA CA  CB   sing N N 5   
ALA CA  HA   sing N N 6   
ALA C   O    doub N N 7   
ALA C   OXT  sing N N 8   
ALA CB  HB1  sing N N 9   
ALA CB  HB2  sing N N 10  
ALA CB  HB3  sing N N 11  
ALA OXT HXT  sing N N 12  
ARG N   CA   sing N N 13  
ARG N   H    sing N N 14  
ARG N   H2   sing N N 15  
ARG CA  C    sing N N 16  
ARG CA  CB   sing N N 17  
ARG CA  HA   sing N N 18  
ARG C   O    doub N N 19  
ARG C   OXT  sing N N 20  
ARG CB  CG   sing N N 21  
ARG CB  HB2  sing N N 22  
ARG CB  HB3  sing N N 23  
ARG CG  CD   sing N N 24  
ARG CG  HG2  sing N N 25  
ARG CG  HG3  sing N N 26  
ARG CD  NE   sing N N 27  
ARG CD  HD2  sing N N 28  
ARG CD  HD3  sing N N 29  
ARG NE  CZ   sing N N 30  
ARG NE  HE   sing N N 31  
ARG CZ  NH1  sing N N 32  
ARG CZ  NH2  doub N N 33  
ARG NH1 HH11 sing N N 34  
ARG NH1 HH12 sing N N 35  
ARG NH2 HH21 sing N N 36  
ARG NH2 HH22 sing N N 37  
ARG OXT HXT  sing N N 38  
ASN N   CA   sing N N 39  
ASN N   H    sing N N 40  
ASN N   H2   sing N N 41  
ASN CA  C    sing N N 42  
ASN CA  CB   sing N N 43  
ASN CA  HA   sing N N 44  
ASN C   O    doub N N 45  
ASN C   OXT  sing N N 46  
ASN CB  CG   sing N N 47  
ASN CB  HB2  sing N N 48  
ASN CB  HB3  sing N N 49  
ASN CG  OD1  doub N N 50  
ASN CG  ND2  sing N N 51  
ASN ND2 HD21 sing N N 52  
ASN ND2 HD22 sing N N 53  
ASN OXT HXT  sing N N 54  
ASP N   CA   sing N N 55  
ASP N   H    sing N N 56  
ASP N   H2   sing N N 57  
ASP CA  C    sing N N 58  
ASP CA  CB   sing N N 59  
ASP CA  HA   sing N N 60  
ASP C   O    doub N N 61  
ASP C   OXT  sing N N 62  
ASP CB  CG   sing N N 63  
ASP CB  HB2  sing N N 64  
ASP CB  HB3  sing N N 65  
ASP CG  OD1  doub N N 66  
ASP CG  OD2  sing N N 67  
ASP OD2 HD2  sing N N 68  
ASP OXT HXT  sing N N 69  
CYS N   CA   sing N N 70  
CYS N   H    sing N N 71  
CYS N   H2   sing N N 72  
CYS CA  C    sing N N 73  
CYS CA  CB   sing N N 74  
CYS CA  HA   sing N N 75  
CYS C   O    doub N N 76  
CYS C   OXT  sing N N 77  
CYS CB  SG   sing N N 78  
CYS CB  HB2  sing N N 79  
CYS CB  HB3  sing N N 80  
CYS SG  HG   sing N N 81  
CYS OXT HXT  sing N N 82  
GLN N   CA   sing N N 83  
GLN N   H    sing N N 84  
GLN N   H2   sing N N 85  
GLN CA  C    sing N N 86  
GLN CA  CB   sing N N 87  
GLN CA  HA   sing N N 88  
GLN C   O    doub N N 89  
GLN C   OXT  sing N N 90  
GLN CB  CG   sing N N 91  
GLN CB  HB2  sing N N 92  
GLN CB  HB3  sing N N 93  
GLN CG  CD   sing N N 94  
GLN CG  HG2  sing N N 95  
GLN CG  HG3  sing N N 96  
GLN CD  OE1  doub N N 97  
GLN CD  NE2  sing N N 98  
GLN NE2 HE21 sing N N 99  
GLN NE2 HE22 sing N N 100 
GLN OXT HXT  sing N N 101 
GLU N   CA   sing N N 102 
GLU N   H    sing N N 103 
GLU N   H2   sing N N 104 
GLU CA  C    sing N N 105 
GLU CA  CB   sing N N 106 
GLU CA  HA   sing N N 107 
GLU C   O    doub N N 108 
GLU C   OXT  sing N N 109 
GLU CB  CG   sing N N 110 
GLU CB  HB2  sing N N 111 
GLU CB  HB3  sing N N 112 
GLU CG  CD   sing N N 113 
GLU CG  HG2  sing N N 114 
GLU CG  HG3  sing N N 115 
GLU CD  OE1  doub N N 116 
GLU CD  OE2  sing N N 117 
GLU OE2 HE2  sing N N 118 
GLU OXT HXT  sing N N 119 
GLY N   CA   sing N N 120 
GLY N   H    sing N N 121 
GLY N   H2   sing N N 122 
GLY CA  C    sing N N 123 
GLY CA  HA2  sing N N 124 
GLY CA  HA3  sing N N 125 
GLY C   O    doub N N 126 
GLY C   OXT  sing N N 127 
GLY OXT HXT  sing N N 128 
HIS N   CA   sing N N 129 
HIS N   H    sing N N 130 
HIS N   H2   sing N N 131 
HIS CA  C    sing N N 132 
HIS CA  CB   sing N N 133 
HIS CA  HA   sing N N 134 
HIS C   O    doub N N 135 
HIS C   OXT  sing N N 136 
HIS CB  CG   sing N N 137 
HIS CB  HB2  sing N N 138 
HIS CB  HB3  sing N N 139 
HIS CG  ND1  sing Y N 140 
HIS CG  CD2  doub Y N 141 
HIS ND1 CE1  doub Y N 142 
HIS ND1 HD1  sing N N 143 
HIS CD2 NE2  sing Y N 144 
HIS CD2 HD2  sing N N 145 
HIS CE1 NE2  sing Y N 146 
HIS CE1 HE1  sing N N 147 
HIS NE2 HE2  sing N N 148 
HIS OXT HXT  sing N N 149 
HOH O   H1   sing N N 150 
HOH O   H2   sing N N 151 
ILE N   CA   sing N N 152 
ILE N   H    sing N N 153 
ILE N   H2   sing N N 154 
ILE CA  C    sing N N 155 
ILE CA  CB   sing N N 156 
ILE CA  HA   sing N N 157 
ILE C   O    doub N N 158 
ILE C   OXT  sing N N 159 
ILE CB  CG1  sing N N 160 
ILE CB  CG2  sing N N 161 
ILE CB  HB   sing N N 162 
ILE CG1 CD1  sing N N 163 
ILE CG1 HG12 sing N N 164 
ILE CG1 HG13 sing N N 165 
ILE CG2 HG21 sing N N 166 
ILE CG2 HG22 sing N N 167 
ILE CG2 HG23 sing N N 168 
ILE CD1 HD11 sing N N 169 
ILE CD1 HD12 sing N N 170 
ILE CD1 HD13 sing N N 171 
ILE OXT HXT  sing N N 172 
LEU N   CA   sing N N 173 
LEU N   H    sing N N 174 
LEU N   H2   sing N N 175 
LEU CA  C    sing N N 176 
LEU CA  CB   sing N N 177 
LEU CA  HA   sing N N 178 
LEU C   O    doub N N 179 
LEU C   OXT  sing N N 180 
LEU CB  CG   sing N N 181 
LEU CB  HB2  sing N N 182 
LEU CB  HB3  sing N N 183 
LEU CG  CD1  sing N N 184 
LEU CG  CD2  sing N N 185 
LEU CG  HG   sing N N 186 
LEU CD1 HD11 sing N N 187 
LEU CD1 HD12 sing N N 188 
LEU CD1 HD13 sing N N 189 
LEU CD2 HD21 sing N N 190 
LEU CD2 HD22 sing N N 191 
LEU CD2 HD23 sing N N 192 
LEU OXT HXT  sing N N 193 
LYS N   CA   sing N N 194 
LYS N   H    sing N N 195 
LYS N   H2   sing N N 196 
LYS CA  C    sing N N 197 
LYS CA  CB   sing N N 198 
LYS CA  HA   sing N N 199 
LYS C   O    doub N N 200 
LYS C   OXT  sing N N 201 
LYS CB  CG   sing N N 202 
LYS CB  HB2  sing N N 203 
LYS CB  HB3  sing N N 204 
LYS CG  CD   sing N N 205 
LYS CG  HG2  sing N N 206 
LYS CG  HG3  sing N N 207 
LYS CD  CE   sing N N 208 
LYS CD  HD2  sing N N 209 
LYS CD  HD3  sing N N 210 
LYS CE  NZ   sing N N 211 
LYS CE  HE2  sing N N 212 
LYS CE  HE3  sing N N 213 
LYS NZ  HZ1  sing N N 214 
LYS NZ  HZ2  sing N N 215 
LYS NZ  HZ3  sing N N 216 
LYS OXT HXT  sing N N 217 
MET N   CA   sing N N 218 
MET N   H    sing N N 219 
MET N   H2   sing N N 220 
MET CA  C    sing N N 221 
MET CA  CB   sing N N 222 
MET CA  HA   sing N N 223 
MET C   O    doub N N 224 
MET C   OXT  sing N N 225 
MET CB  CG   sing N N 226 
MET CB  HB2  sing N N 227 
MET CB  HB3  sing N N 228 
MET CG  SD   sing N N 229 
MET CG  HG2  sing N N 230 
MET CG  HG3  sing N N 231 
MET SD  CE   sing N N 232 
MET CE  HE1  sing N N 233 
MET CE  HE2  sing N N 234 
MET CE  HE3  sing N N 235 
MET OXT HXT  sing N N 236 
PHE N   CA   sing N N 237 
PHE N   H    sing N N 238 
PHE N   H2   sing N N 239 
PHE CA  C    sing N N 240 
PHE CA  CB   sing N N 241 
PHE CA  HA   sing N N 242 
PHE C   O    doub N N 243 
PHE C   OXT  sing N N 244 
PHE CB  CG   sing N N 245 
PHE CB  HB2  sing N N 246 
PHE CB  HB3  sing N N 247 
PHE CG  CD1  doub Y N 248 
PHE CG  CD2  sing Y N 249 
PHE CD1 CE1  sing Y N 250 
PHE CD1 HD1  sing N N 251 
PHE CD2 CE2  doub Y N 252 
PHE CD2 HD2  sing N N 253 
PHE CE1 CZ   doub Y N 254 
PHE CE1 HE1  sing N N 255 
PHE CE2 CZ   sing Y N 256 
PHE CE2 HE2  sing N N 257 
PHE CZ  HZ   sing N N 258 
PHE OXT HXT  sing N N 259 
PRO N   CA   sing N N 260 
PRO N   CD   sing N N 261 
PRO N   H    sing N N 262 
PRO CA  C    sing N N 263 
PRO CA  CB   sing N N 264 
PRO CA  HA   sing N N 265 
PRO C   O    doub N N 266 
PRO C   OXT  sing N N 267 
PRO CB  CG   sing N N 268 
PRO CB  HB2  sing N N 269 
PRO CB  HB3  sing N N 270 
PRO CG  CD   sing N N 271 
PRO CG  HG2  sing N N 272 
PRO CG  HG3  sing N N 273 
PRO CD  HD2  sing N N 274 
PRO CD  HD3  sing N N 275 
PRO OXT HXT  sing N N 276 
SER N   CA   sing N N 277 
SER N   H    sing N N 278 
SER N   H2   sing N N 279 
SER CA  C    sing N N 280 
SER CA  CB   sing N N 281 
SER CA  HA   sing N N 282 
SER C   O    doub N N 283 
SER C   OXT  sing N N 284 
SER CB  OG   sing N N 285 
SER CB  HB2  sing N N 286 
SER CB  HB3  sing N N 287 
SER OG  HG   sing N N 288 
SER OXT HXT  sing N N 289 
THR N   CA   sing N N 290 
THR N   H    sing N N 291 
THR N   H2   sing N N 292 
THR CA  C    sing N N 293 
THR CA  CB   sing N N 294 
THR CA  HA   sing N N 295 
THR C   O    doub N N 296 
THR C   OXT  sing N N 297 
THR CB  OG1  sing N N 298 
THR CB  CG2  sing N N 299 
THR CB  HB   sing N N 300 
THR OG1 HG1  sing N N 301 
THR CG2 HG21 sing N N 302 
THR CG2 HG22 sing N N 303 
THR CG2 HG23 sing N N 304 
THR OXT HXT  sing N N 305 
TRP N   CA   sing N N 306 
TRP N   H    sing N N 307 
TRP N   H2   sing N N 308 
TRP CA  C    sing N N 309 
TRP CA  CB   sing N N 310 
TRP CA  HA   sing N N 311 
TRP C   O    doub N N 312 
TRP C   OXT  sing N N 313 
TRP CB  CG   sing N N 314 
TRP CB  HB2  sing N N 315 
TRP CB  HB3  sing N N 316 
TRP CG  CD1  doub Y N 317 
TRP CG  CD2  sing Y N 318 
TRP CD1 NE1  sing Y N 319 
TRP CD1 HD1  sing N N 320 
TRP CD2 CE2  doub Y N 321 
TRP CD2 CE3  sing Y N 322 
TRP NE1 CE2  sing Y N 323 
TRP NE1 HE1  sing N N 324 
TRP CE2 CZ2  sing Y N 325 
TRP CE3 CZ3  doub Y N 326 
TRP CE3 HE3  sing N N 327 
TRP CZ2 CH2  doub Y N 328 
TRP CZ2 HZ2  sing N N 329 
TRP CZ3 CH2  sing Y N 330 
TRP CZ3 HZ3  sing N N 331 
TRP CH2 HH2  sing N N 332 
TRP OXT HXT  sing N N 333 
TYR N   CA   sing N N 334 
TYR N   H    sing N N 335 
TYR N   H2   sing N N 336 
TYR CA  C    sing N N 337 
TYR CA  CB   sing N N 338 
TYR CA  HA   sing N N 339 
TYR C   O    doub N N 340 
TYR C   OXT  sing N N 341 
TYR CB  CG   sing N N 342 
TYR CB  HB2  sing N N 343 
TYR CB  HB3  sing N N 344 
TYR CG  CD1  doub Y N 345 
TYR CG  CD2  sing Y N 346 
TYR CD1 CE1  sing Y N 347 
TYR CD1 HD1  sing N N 348 
TYR CD2 CE2  doub Y N 349 
TYR CD2 HD2  sing N N 350 
TYR CE1 CZ   doub Y N 351 
TYR CE1 HE1  sing N N 352 
TYR CE2 CZ   sing Y N 353 
TYR CE2 HE2  sing N N 354 
TYR CZ  OH   sing N N 355 
TYR OH  HH   sing N N 356 
TYR OXT HXT  sing N N 357 
VAL N   CA   sing N N 358 
VAL N   H    sing N N 359 
VAL N   H2   sing N N 360 
VAL CA  C    sing N N 361 
VAL CA  CB   sing N N 362 
VAL CA  HA   sing N N 363 
VAL C   O    doub N N 364 
VAL C   OXT  sing N N 365 
VAL CB  CG1  sing N N 366 
VAL CB  CG2  sing N N 367 
VAL CB  HB   sing N N 368 
VAL CG1 HG11 sing N N 369 
VAL CG1 HG12 sing N N 370 
VAL CG1 HG13 sing N N 371 
VAL CG2 HG21 sing N N 372 
VAL CG2 HG22 sing N N 373 
VAL CG2 HG23 sing N N 374 
VAL OXT HXT  sing N N 375 
# 
_pdbx_audit_support.funding_organization   'Medical Research Council (MRC, United Kingdom)' 
_pdbx_audit_support.country                'United Kingdom' 
_pdbx_audit_support.grant_number           ? 
_pdbx_audit_support.ordinal                1 
# 
_pdbx_initial_refinement_model.id               1 
_pdbx_initial_refinement_model.entity_id_list   ? 
_pdbx_initial_refinement_model.type             'in silico model' 
_pdbx_initial_refinement_model.source_name      Other 
_pdbx_initial_refinement_model.accession_code   ? 
_pdbx_initial_refinement_model.details          'Phyre2 generated homology model' 
# 
_space_group.name_H-M_alt     'C 2 2 21' 
_space_group.name_Hall        'C 2c 2' 
_space_group.IT_number        20 
_space_group.crystal_system   orthorhombic 
_space_group.id               1 
# 
_atom_sites.entry_id                    8PEF 
_atom_sites.Cartn_transf_matrix[1][1]   ? 
_atom_sites.Cartn_transf_matrix[1][2]   ? 
_atom_sites.Cartn_transf_matrix[1][3]   ? 
_atom_sites.Cartn_transf_matrix[2][1]   ? 
_atom_sites.Cartn_transf_matrix[2][2]   ? 
_atom_sites.Cartn_transf_matrix[2][3]   ? 
_atom_sites.Cartn_transf_matrix[3][1]   ? 
_atom_sites.Cartn_transf_matrix[3][2]   ? 
_atom_sites.Cartn_transf_matrix[3][3]   ? 
_atom_sites.Cartn_transf_vector[1]      ? 
_atom_sites.Cartn_transf_vector[2]      ? 
_atom_sites.Cartn_transf_vector[3]      ? 
_atom_sites.fract_transf_matrix[1][1]   0.01340539 
_atom_sites.fract_transf_matrix[1][2]   -0.01471058 
_atom_sites.fract_transf_matrix[1][3]   -0.01755599 
_atom_sites.fract_transf_matrix[2][1]   -0.00823447 
_atom_sites.fract_transf_matrix[2][2]   0.01005488 
_atom_sites.fract_transf_matrix[2][3]   -0.01471289 
_atom_sites.fract_transf_matrix[3][1]   0.00540199 
_atom_sites.fract_transf_matrix[3][2]   0.00469867 
_atom_sites.fract_transf_matrix[3][3]   0.00018772 
_atom_sites.fract_transf_vector[1]      0.403678 
_atom_sites.fract_transf_vector[2]      0.094635 
_atom_sites.fract_transf_vector[3]      0.130176 
_atom_sites.solution_primary            ? 
_atom_sites.solution_secondary          ? 
_atom_sites.solution_hydrogens          ? 
_atom_sites.special_details             ? 
# 
loop_
_atom_type.symbol 
_atom_type.scat_dispersion_real 
_atom_type.scat_dispersion_imag 
_atom_type.scat_Cromer_Mann_a1 
_atom_type.scat_Cromer_Mann_a2 
_atom_type.scat_Cromer_Mann_a3 
_atom_type.scat_Cromer_Mann_a4 
_atom_type.scat_Cromer_Mann_b1 
_atom_type.scat_Cromer_Mann_b2 
_atom_type.scat_Cromer_Mann_b3 
_atom_type.scat_Cromer_Mann_b4 
_atom_type.scat_Cromer_Mann_c 
_atom_type.scat_source 
_atom_type.scat_dispersion_source 
C ? ? 3.54356 2.42580 ? ? 25.62398 1.50364  ? ? 0.0 
;2-Gaussian fit: Grosse-Kunstleve RW, Sauter NK, Adams PD: Newsletter of the IUCr Commission on Crystallographic Computing 2004, 3, 22-31.
;
? 
N ? ? 4.01032 2.96436 ? ? 19.97189 1.75589  ? ? 0.0 
;2-Gaussian fit: Grosse-Kunstleve RW, Sauter NK, Adams PD: Newsletter of the IUCr Commission on Crystallographic Computing 2004, 3, 22-31.
;
? 
O ? ? 4.49882 3.47563 ? ? 15.80542 1.70748  ? ? 0.0 
;2-Gaussian fit: Grosse-Kunstleve RW, Sauter NK, Adams PD: Newsletter of the IUCr Commission on Crystallographic Computing 2004, 3, 22-31.
;
? 
S ? ? 9.55732 6.39887 ? ? 1.23737  29.19336 ? ? 0.0 
;2-Gaussian fit: Grosse-Kunstleve RW, Sauter NK, Adams PD: Newsletter of the IUCr Commission on Crystallographic Computing 2004, 3, 22-31.
;
? 
# 
loop_
_atom_site.group_PDB 
_atom_site.id 
_atom_site.type_symbol 
_atom_site.label_atom_id 
_atom_site.label_alt_id 
_atom_site.label_comp_id 
_atom_site.label_asym_id 
_atom_site.label_entity_id 
_atom_site.label_seq_id 
_atom_site.pdbx_PDB_ins_code 
_atom_site.Cartn_x 
_atom_site.Cartn_y 
_atom_site.Cartn_z 
_atom_site.occupancy 
_atom_site.B_iso_or_equiv 
_atom_site.pdbx_formal_charge 
_atom_site.auth_seq_id 
_atom_site.auth_comp_id 
_atom_site.auth_asym_id 
_atom_site.auth_atom_id 
_atom_site.pdbx_PDB_model_num 
ATOM   1    N N   . SER A 1 2   ? -6.13723  20.33195  4.61215   1.000 58.86621  ? -1   SER A N   1 
ATOM   2    C CA  . SER A 1 2   ? -5.22304  19.23914  4.29800   1.000 74.95505  ? -1   SER A CA  1 
ATOM   3    C C   . SER A 1 2   ? -3.76403  19.67937  4.42897   1.000 59.20134  ? -1   SER A C   1 
ATOM   4    O O   . SER A 1 2   ? -3.48256  20.83931  4.72836   1.000 67.76839  ? -1   SER A O   1 
ATOM   5    C CB  . SER A 1 2   ? -5.49832  18.69915  2.89245   1.000 61.05936  ? -1   SER A CB  1 
ATOM   6    O OG  . SER A 1 2   ? -5.36282  19.71912  1.91939   1.000 73.74049  ? -1   SER A OG  1 
ATOM   7    N N   . MET A 1 3   ? -2.84183  18.74781  4.20415   1.000 42.08067  ? 0    MET A N   1 
ATOM   8    C CA  . MET A 1 3   ? -1.41949  19.01081  4.35372   1.000 41.05251  ? 0    MET A CA  1 
ATOM   9    C C   . MET A 1 3   ? -0.83015  19.59849  3.07328   1.000 32.10641  ? 0    MET A C   1 
ATOM   10   O O   . MET A 1 3   ? -1.48387  19.67928  2.03051   1.000 41.47479  ? 0    MET A O   1 
ATOM   11   C CB  . MET A 1 3   ? -0.67356  17.73078  4.72935   1.000 60.01884  ? 0    MET A CB  1 
ATOM   12   C CG  . MET A 1 3   ? -1.52164  16.67921  5.42581   1.000 50.70948  ? 0    MET A CG  1 
ATOM   13   S SD  . MET A 1 3   ? -0.78668  15.03550  5.29560   1.000 79.05098  ? 0    MET A SD  1 
ATOM   14   C CE  . MET A 1 3   ? 0.71230   15.26289  6.25014   1.000 42.52473  ? 0    MET A CE  1 
ATOM   15   N N   . LYS A 1 4   ? 0.43186   20.01098  3.16688   1.000 31.47287  ? 802  LYS A N   1 
ATOM   16   C CA  . LYS A 1 4   ? 1.14180   20.53353  2.00792   1.000 28.35770  ? 802  LYS A CA  1 
ATOM   17   C C   . LYS A 1 4   ? 1.41423   19.41171  1.01533   1.000 59.22425  ? 802  LYS A C   1 
ATOM   18   O O   . LYS A 1 4   ? 1.68393   18.27001  1.40164   1.000 31.43340  ? 802  LYS A O   1 
ATOM   19   C CB  . LYS A 1 4   ? 2.46805   21.15620  2.44251   1.000 37.71256  ? 802  LYS A CB  1 
ATOM   20   N N   . THR A 1 5   ? 1.34429   19.73847  -0.27344  1.000 28.17827  ? 803  THR A N   1 
ATOM   21   C CA  . THR A 1 5   ? 1.54253   18.75086  -1.32246  1.000 26.42641  ? 803  THR A CA  1 
ATOM   22   C C   . THR A 1 5   ? 2.51073   19.26618  -2.37433  1.000 25.71907  ? 803  THR A C   1 
ATOM   23   O O   . THR A 1 5   ? 2.64785   20.47619  -2.58236  1.000 25.44056  ? 803  THR A O   1 
ATOM   24   C CB  . THR A 1 5   ? 0.21638   18.33766  -1.99459  1.000 22.43382  ? 803  THR A CB  1 
ATOM   25   O OG1 . THR A 1 5   ? -0.44500  19.49461  -2.52435  1.000 29.44080  ? 803  THR A OG1 1 
ATOM   26   C CG2 . THR A 1 5   ? -0.69953  17.65600  -0.99681  1.000 28.49438  ? 803  THR A CG2 1 
ATOM   27   N N   . ASN A 1 6   ? 3.19390   18.33429  -3.03179  1.000 20.85022  ? 804  ASN A N   1 
ATOM   28   C CA  . ASN A 1 6   ? 3.95895   18.66168  -4.22553  1.000 18.25735  ? 804  ASN A CA  1 
ATOM   29   C C   . ASN A 1 6   ? 3.00832   18.69262  -5.42851  1.000 18.29627  ? 804  ASN A C   1 
ATOM   30   O O   . ASN A 1 6   ? 1.78501   18.60840  -5.29235  1.000 19.01023  ? 804  ASN A O   1 
ATOM   31   C CB  . ASN A 1 6   ? 5.16542   17.73227  -4.36362  1.000 19.40047  ? 804  ASN A CB  1 
ATOM   32   C CG  . ASN A 1 6   ? 4.77651   16.28869  -4.62671  1.000 17.73013  ? 804  ASN A CG  1 
ATOM   33   O OD1 . ASN A 1 6   ? 3.63117   15.98766  -4.97410  1.000 18.65104  ? 804  ASN A OD1 1 
ATOM   34   N ND2 . ASN A 1 6   ? 5.74710   15.39305  -4.50372  1.000 19.73530  ? 804  ASN A ND2 1 
ATOM   35   N N   . LEU A 1 7   ? 3.57110   18.82757  -6.63133  1.000 18.02204  ? 805  LEU A N   1 
ATOM   36   C CA  . LEU A 1 7   ? 2.76013   18.95226  -7.83578  1.000 16.09289  ? 805  LEU A CA  1 
ATOM   37   C C   . LEU A 1 7   ? 1.94773   17.69410  -8.12118  1.000 16.65995  ? 805  LEU A C   1 
ATOM   38   O O   . LEU A 1 7   ? 0.90065   17.77329  -8.77267  1.000 17.22918  ? 805  LEU A O   1 
ATOM   39   C CB  . LEU A 1 7   ? 3.67888   19.26687  -9.01652  1.000 16.84375  ? 805  LEU A CB  1 
ATOM   40   C CG  . LEU A 1 7   ? 3.03232   19.80618  -10.28712 1.000 22.35611  ? 805  LEU A CG  1 
ATOM   41   C CD1 . LEU A 1 7   ? 2.16072   21.01648  -9.96540  1.000 19.04625  ? 805  LEU A CD1 1 
ATOM   42   C CD2 . LEU A 1 7   ? 4.12854   20.15294  -11.29245 1.000 21.92499  ? 805  LEU A CD2 1 
ATOM   43   N N   . LYS A 1 8   ? 2.39543   16.53776  -7.63740  1.000 16.67528  ? 806  LYS A N   1 
ATOM   44   C CA  . LYS A 1 8   ? 1.64668   15.30022  -7.80171  1.000 15.75189  ? 806  LYS A CA  1 
ATOM   45   C C   . LYS A 1 8   ? 0.55005   15.13976  -6.76124  1.000 14.27790  ? 806  LYS A C   1 
ATOM   46   O O   . LYS A 1 8   ? -0.20201  14.15729  -6.80822  1.000 16.53841  ? 806  LYS A O   1 
ATOM   47   C CB  . LYS A 1 8   ? 2.58699   14.09052  -7.76533  1.000 16.91477  ? 806  LYS A CB  1 
ATOM   48   C CG  . LYS A 1 8   ? 3.58450   14.02686  -8.91919  1.000 19.65589  ? 806  LYS A CG  1 
ATOM   49   C CD  . LYS A 1 8   ? 4.67510   13.00334  -8.64275  1.000 23.88232  ? 806  LYS A CD  1 
ATOM   50   C CE  . LYS A 1 8   ? 6.00179   13.64922  -8.30677  1.000 36.89943  ? 806  LYS A CE  1 
ATOM   51   N NZ  . LYS A 1 8   ? 6.71454   12.86537  -7.25850  1.000 61.14435  ? 806  LYS A NZ  1 
ATOM   52   N N   . GLY A 1 9   ? 0.44370   16.06557  -5.81551  1.000 16.12529  ? 807  GLY A N   1 
ATOM   53   C CA  . GLY A 1 9   ? -0.47937  15.88260  -4.71960  1.000 18.46551  ? 807  GLY A CA  1 
ATOM   54   C C   . GLY A 1 9   ? 0.04770   15.00240  -3.61471  1.000 16.67514  ? 807  GLY A C   1 
ATOM   55   O O   . GLY A 1 9   ? -0.72268  14.62678  -2.72296  1.000 21.09369  ? 807  GLY A O   1 
ATOM   56   N N   . GLU A 1 10  ? 1.33120   14.66477  -3.64936  1.000 16.81123  ? 808  GLU A N   1 
ATOM   57   C CA  . GLU A 1 10  ? 1.91280   13.81501  -2.62502  1.000 19.33591  ? 808  GLU A CA  1 
ATOM   58   C C   . GLU A 1 10  ? 2.17828   14.63813  -1.37089  1.000 18.73077  ? 808  GLU A C   1 
ATOM   59   O O   . GLU A 1 10  ? 2.74291   15.73576  -1.44326  1.000 18.74923  ? 808  GLU A O   1 
ATOM   60   C CB  . GLU A 1 10  ? 3.22946   13.22207  -3.10750  1.000 15.63162  ? 808  GLU A CB  1 
ATOM   61   C CG  . GLU A 1 10  ? 3.09004   12.03742  -4.03376  1.000 19.69113  ? 808  GLU A CG  1 
ATOM   62   C CD  . GLU A 1 10  ? 4.25486   11.87944  -4.98263  1.000 19.15160  ? 808  GLU A CD  1 
ATOM   63   O OE1 . GLU A 1 10  ? 5.26586   12.61102  -4.84384  1.000 20.35909  ? 808  GLU A OE1 1 
ATOM   64   O OE2 . GLU A 1 10  ? 4.20572   10.94021  -5.80129  1.000 19.26416  ? 808  GLU A OE2 1 
ATOM   65   N N   . THR A 1 11  ? 1.76717   14.10482  -0.22481  1.000 17.65732  ? 809  THR A N   1 
ATOM   66   C CA  . THR A 1 11  ? 2.01367   14.71615  1.07099   1.000 19.33251  ? 809  THR A CA  1 
ATOM   67   C C   . THR A 1 11  ? 3.34278   14.22217  1.63065   1.000 18.85854  ? 809  THR A C   1 
ATOM   68   O O   . THR A 1 11  ? 4.00648   13.35579  1.05764   1.000 16.89024  ? 809  THR A O   1 
ATOM   69   C CB  . THR A 1 11  ? 0.91162   14.31406  2.04566   1.000 19.45955  ? 809  THR A CB  1 
ATOM   70   O OG1 . THR A 1 11  ? 1.03973   12.91330  2.34614   1.000 18.75404  ? 809  THR A OG1 1 
ATOM   71   C CG2 . THR A 1 11  ? -0.46894  14.58403  1.45556   1.000 21.05487  ? 809  THR A CG2 1 
ATOM   72   N N   . ALA A 1 12  ? 3.72248   14.76394  2.79089   1.000 18.58024  ? 810  ALA A N   1 
ATOM   73   C CA  . ALA A 1 12  ? 4.91667   14.27835  3.47131   1.000 17.18711  ? 810  ALA A CA  1 
ATOM   74   C C   . ALA A 1 12  ? 4.80335   12.80046  3.80862   1.000 17.57538  ? 810  ALA A C   1 
ATOM   75   O O   . ALA A 1 12  ? 5.81979   12.09632  3.82863   1.000 18.00874  ? 810  ALA A O   1 
ATOM   76   C CB  . ALA A 1 12  ? 5.18923   15.10102  4.73545   1.000 20.76001  ? 810  ALA A CB  1 
ATOM   77   N N   . LEU A 1 13  ? 3.58088   12.31620  4.06113   1.000 17.93883  ? 811  LEU A N   1 
ATOM   78   C CA  . LEU A 1 13  ? 3.36674   10.89166  4.29858   1.000 16.46113  ? 811  LEU A CA  1 
ATOM   79   C C   . LEU A 1 13  ? 3.71493   10.07321  3.06255   1.000 16.76856  ? 811  LEU A C   1 
ATOM   80   O O   . LEU A 1 13  ? 4.39558   9.04476   3.15680   1.000 14.83263  ? 811  LEU A O   1 
ATOM   81   C CB  . LEU A 1 13  ? 1.90475   10.64193  4.67048   1.000 18.52462  ? 811  LEU A CB  1 
ATOM   82   C CG  . LEU A 1 13  ? 1.46572   10.83583  6.11628   1.000 22.48803  ? 811  LEU A CG  1 
ATOM   83   C CD1 . LEU A 1 13  ? -0.02487  10.57583  6.20630   1.000 26.01892  ? 811  LEU A CD1 1 
ATOM   84   C CD2 . LEU A 1 13  ? 2.21887   9.89458   7.04925   1.000 22.72315  ? 811  LEU A CD2 1 
ATOM   85   N N   . HIS A 1 14  ? 3.20913   10.48490  1.89418   1.000 16.16787  ? 812  HIS A N   1 
ATOM   86   C CA  . HIS A 1 14  ? 3.57786   9.80636   0.65551   1.000 14.54999  ? 812  HIS A CA  1 
ATOM   87   C C   . HIS A 1 14  ? 5.08695   9.82254   0.46020   1.000 15.90709  ? 812  HIS A C   1 
ATOM   88   O O   . HIS A 1 14  ? 5.69582   8.80141   0.12901   1.000 15.31809  ? 812  HIS A O   1 
ATOM   89   C CB  . HIS A 1 14  ? 2.93720   10.51469  -0.53684  1.000 14.09310  ? 812  HIS A CB  1 
ATOM   90   C CG  . HIS A 1 14  ? 1.45304   10.36903  -0.63844  1.000 16.65982  ? 812  HIS A CG  1 
ATOM   91   N ND1 . HIS A 1 14  ? 0.57689   11.29432  -0.11143  1.000 16.39321  ? 812  HIS A ND1 1 
ATOM   92   C CD2 . HIS A 1 14  ? 0.69264   9.45495   -1.28734  1.000 14.39066  ? 812  HIS A CD2 1 
ATOM   93   C CE1 . HIS A 1 14  ? -0.66033  10.93214  -0.39657  1.000 15.16756  ? 812  HIS A CE1 1 
ATOM   94   N NE2 . HIS A 1 14  ? -0.61836  9.82127   -1.11318  1.000 15.13635  ? 812  HIS A NE2 1 
ATOM   95   N N   . ARG A 1 15  ? 5.70889   10.98860  0.65236   1.000 15.73284  ? 813  ARG A N   1 
ATOM   96   C CA  . ARG A 1 15  ? 7.13886   11.10142  0.39811   1.000 15.18393  ? 813  ARG A CA  1 
ATOM   97   C C   . ARG A 1 15  ? 7.93550   10.20005  1.33288   1.000 15.48469  ? 813  ARG A C   1 
ATOM   98   O O   . ARG A 1 15  ? 8.89053   9.54089   0.90363   1.000 16.15765  ? 813  ARG A O   1 
ATOM   99   C CB  . ARG A 1 15  ? 7.59775   12.55665  0.53577   1.000 16.21854  ? 813  ARG A CB  1 
ATOM   100  C CG  . ARG A 1 15  ? 6.95119   13.51772  -0.45700  1.000 20.24049  ? 813  ARG A CG  1 
ATOM   101  C CD  . ARG A 1 15  ? 7.13759   13.07752  -1.90370  1.000 20.48822  ? 813  ARG A CD  1 
ATOM   102  N NE  . ARG A 1 15  ? 8.53472   12.81865  -2.23769  1.000 23.89754  ? 813  ARG A NE  1 
ATOM   103  C CZ  . ARG A 1 15  ? 8.93810   12.25632  -3.36880  1.000 107.11613 ? 813  ARG A CZ  1 
ATOM   104  N NH1 . ARG A 1 15  ? 8.07506   11.87750  -4.29870  1.000 31.79277  ? 813  ARG A NH1 1 
ATOM   105  N NH2 . ARG A 1 15  ? 10.23869  12.06608  -3.57115  1.000 53.47647  ? 813  ARG A NH2 1 
ATOM   106  N N   . ALA A 1 16  ? 7.55044   10.13928  2.61267   1.000 15.95032  ? 814  ALA A N   1 
ATOM   107  C CA  . ALA A 1 16  ? 8.26331   9.26555   3.53734   1.000 14.71340  ? 814  ALA A CA  1 
ATOM   108  C C   . ALA A 1 16  ? 8.15366   7.81046   3.10500   1.000 16.21649  ? 814  ALA A C   1 
ATOM   109  O O   . ALA A 1 16  ? 9.12514   7.04848   3.21035   1.000 16.41140  ? 814  ALA A O   1 
ATOM   110  C CB  . ALA A 1 16  ? 7.74366   9.45121   4.96613   1.000 17.16441  ? 814  ALA A CB  1 
ATOM   111  N N   . CYS A 1 17  ? 6.99057   7.41817   2.58249   1.000 15.61167  ? 815  CYS A N   1 
ATOM   112  C CA  . CYS A 1 17  ? 6.78786   6.04008   2.15847   1.000 15.97355  ? 815  CYS A CA  1 
ATOM   113  C C   . CYS A 1 17  ? 7.48366   5.72487   0.84280   1.000 19.90813  ? 815  CYS A C   1 
ATOM   114  O O   . CYS A 1 17  ? 7.82007   4.56107   0.58738   1.000 22.13152  ? 815  CYS A O   1 
ATOM   115  C CB  . CYS A 1 17  ? 5.29452   5.76016   2.04234   1.000 15.61770  ? 815  CYS A CB  1 
ATOM   116  S SG  . CYS A 1 17  ? 4.47559   5.65923   3.64698   1.000 17.03942  ? 815  CYS A SG  1 
ATOM   117  N N   . ILE A 1 18  ? 7.64601   6.71893   -0.02943  1.000 16.68453  ? 816  ILE A N   1 
ATOM   118  C CA  . ILE A 1 18  ? 8.39837   6.50211   -1.25825  1.000 18.60968  ? 816  ILE A CA  1 
ATOM   119  C C   . ILE A 1 18  ? 9.88283   6.38225   -0.94706  1.000 21.30592  ? 816  ILE A C   1 
ATOM   120  O O   . ILE A 1 18  ? 10.57535  5.49671   -1.46692  1.000 21.68783  ? 816  ILE A O   1 
ATOM   121  C CB  . ILE A 1 18  ? 8.12933   7.66020   -2.23291  1.000 16.41481  ? 816  ILE A CB  1 
ATOM   122  C CG1 . ILE A 1 18  ? 6.68667   7.62559   -2.74883  1.000 15.41593  ? 816  ILE A CG1 1 
ATOM   123  C CG2 . ILE A 1 18  ? 9.13981   7.63477   -3.38675  1.000 19.55747  ? 816  ILE A CG2 1 
ATOM   124  C CD1 . ILE A 1 18  ? 6.22906   8.95401   -3.36249  1.000 17.95841  ? 816  ILE A CD1 1 
ATOM   125  N N   . ASN A 1 19  ? 10.38598  7.26608   -0.08225  1.000 18.59193  ? 817  ASN A N   1 
ATOM   126  C CA  . ASN A 1 19  ? 11.80711  7.42561   0.19751   1.000 19.66881  ? 817  ASN A CA  1 
ATOM   127  C C   . ASN A 1 19  ? 12.32653  6.46752   1.26206   1.000 22.30477  ? 817  ASN A C   1 
ATOM   128  O O   . ASN A 1 19  ? 13.53849  6.44253   1.50998   1.000 22.76107  ? 817  ASN A O   1 
ATOM   129  C CB  . ASN A 1 19  ? 12.08689  8.85309   0.69023   1.000 20.94501  ? 817  ASN A CB  1 
ATOM   130  C CG  . ASN A 1 19  ? 11.87582  9.90817   -0.37711  1.000 28.13621  ? 817  ASN A CG  1 
ATOM   131  O OD1 . ASN A 1 19  ? 12.00325  9.64572   -1.57516  1.000 30.29115  ? 817  ASN A OD1 1 
ATOM   132  N ND2 . ASN A 1 19  ? 11.56220  11.12301  0.06074   1.000 29.15245  ? 817  ASN A ND2 1 
ATOM   133  N N   . ASN A 1 20  ? 11.44940  5.70789   1.91661   1.000 18.51366  ? 818  ASN A N   1 
ATOM   134  C CA  . ASN A 1 20  ? 11.83419  4.81573   3.01375   1.000 18.14596  ? 818  ASN A CA  1 
ATOM   135  C C   . ASN A 1 20  ? 12.38879  5.58616   4.21229   1.000 19.95771  ? 818  ASN A C   1 
ATOM   136  O O   . ASN A 1 20  ? 13.36575  5.16935   4.84336   1.000 21.20523  ? 818  ASN A O   1 
ATOM   137  C CB  . ASN A 1 20  ? 12.78182  3.69603   2.56687   1.000 19.37681  ? 818  ASN A CB  1 
ATOM   138  C CG  . ASN A 1 20  ? 12.82746  2.55072   3.55920   1.000 21.15421  ? 818  ASN A CG  1 
ATOM   139  O OD1 . ASN A 1 20  ? 11.82471  2.23278   4.18916   1.000 24.75312  ? 818  ASN A OD1 1 
ATOM   140  N ND2 . ASN A 1 20  ? 13.99055  1.91773   3.69342   1.000 29.39192  ? 818  ASN A ND2 1 
ATOM   141  N N   . GLN A 1 21  ? 11.74356  6.70619   4.54731   1.000 18.53297  ? 819  GLN A N   1 
ATOM   142  C CA  . GLN A 1 21  ? 12.12823  7.52031   5.70526   1.000 16.89269  ? 819  GLN A CA  1 
ATOM   143  C C   . GLN A 1 21  ? 11.28014  7.09391   6.89784   1.000 15.96367  ? 819  GLN A C   1 
ATOM   144  O O   . GLN A 1 21  ? 10.26789  7.70865   7.23704   1.000 17.83050  ? 819  GLN A O   1 
ATOM   145  C CB  . GLN A 1 21  ? 11.95141  8.99906   5.40136   1.000 15.87221  ? 819  GLN A CB  1 
ATOM   146  C CG  . GLN A 1 21  ? 12.85592  9.51301   4.29571   1.000 19.31443  ? 819  GLN A CG  1 
ATOM   147  C CD  . GLN A 1 21  ? 12.46853  10.91741  3.86335   1.000 21.55883  ? 819  GLN A CD  1 
ATOM   148  O OE1 . GLN A 1 21  ? 11.41495  11.12579  3.25562   1.000 23.81751  ? 819  GLN A OE1 1 
ATOM   149  N NE2 . GLN A 1 21  ? 13.31459  11.89095  4.18343   1.000 30.39030  ? 819  GLN A NE2 1 
ATOM   150  N N   . VAL A 1 22  ? 11.71707  6.01637   7.54913   1.000 16.48316  ? 820  VAL A N   1 
ATOM   151  C CA  . VAL A 1 22  ? 10.90158  5.37226   8.57311   1.000 18.47902  ? 820  VAL A CA  1 
ATOM   152  C C   . VAL A 1 22  ? 10.75640  6.25625   9.80190   1.000 15.11951  ? 820  VAL A C   1 
ATOM   153  O O   . VAL A 1 22  ? 9.68149   6.32026   10.40930  1.000 16.81044  ? 820  VAL A O   1 
ATOM   154  C CB  . VAL A 1 22  ? 11.50842  4.00672   8.93632   1.000 20.08478  ? 820  VAL A CB  1 
ATOM   155  C CG1 . VAL A 1 22  ? 10.80592  3.39578   10.15443  1.000 22.21964  ? 820  VAL A CG1 1 
ATOM   156  C CG2 . VAL A 1 22  ? 11.43615  3.07021   7.75270   1.000 27.49825  ? 820  VAL A CG2 1 
ATOM   157  N N   . GLU A 1 23  ? 11.84156  6.91756   10.21519  1.000 17.10009  ? 821  GLU A N   1 
ATOM   158  C CA  . GLU A 1 23  ? 11.77704  7.75575   11.40869  1.000 19.28339  ? 821  GLU A CA  1 
ATOM   159  C C   . GLU A 1 23  ? 10.88174  8.96579   11.18165  1.000 16.15085  ? 821  GLU A C   1 
ATOM   160  O O   . GLU A 1 23  ? 10.07982  9.32203   12.05063  1.000 17.94016  ? 821  GLU A O   1 
ATOM   161  C CB  . GLU A 1 23  ? 13.18337  8.18184   11.82938  1.000 20.33342  ? 821  GLU A CB  1 
ATOM   162  C CG  . GLU A 1 23  ? 14.20039  7.04845   11.85012  1.000 25.91711  ? 821  GLU A CG  1 
ATOM   163  C CD  . GLU A 1 23  ? 13.81157  5.91570   12.77633  1.000 62.33645  ? 821  GLU A CD  1 
ATOM   164  O OE1 . GLU A 1 23  ? 13.25107  6.19192   13.85801  1.000 96.53233  ? 821  GLU A OE1 1 
ATOM   165  O OE2 . GLU A 1 23  ? 14.06905  4.74653   12.42023  1.000 84.99779  ? 821  GLU A OE2 1 
ATOM   166  N N   . LYS A 1 24  ? 10.99599  9.59888   10.01108  1.000 16.48678  ? 822  LYS A N   1 
ATOM   167  C CA  . LYS A 1 24  ? 10.06680  10.65965  9.63355   1.000 16.93995  ? 822  LYS A CA  1 
ATOM   168  C C   . LYS A 1 24  ? 8.63230   10.14309  9.60368   1.000 17.15219  ? 822  LYS A C   1 
ATOM   169  O O   . LYS A 1 24  ? 7.71330   10.79976  10.10764  1.000 16.73455  ? 822  LYS A O   1 
ATOM   170  C CB  . LYS A 1 24  ? 10.45631  11.20888  8.25876   1.000 16.66984  ? 822  LYS A CB  1 
ATOM   171  C CG  . LYS A 1 24  ? 9.47418   12.20782  7.66877   1.000 20.27514  ? 822  LYS A CG  1 
ATOM   172  C CD  . LYS A 1 24  ? 10.09900  12.93229  6.48865   1.000 24.30256  ? 822  LYS A CD  1 
ATOM   173  C CE  . LYS A 1 24  ? 9.18711   14.00368  5.93004   1.000 44.36970  ? 822  LYS A CE  1 
ATOM   174  N NZ  . LYS A 1 24  ? 9.55026   14.32307  4.51855   1.000 55.62515  ? 822  LYS A NZ  1 
ATOM   175  N N   . LEU A 1 25  ? 8.42066   8.96213   9.01538   1.000 15.35984  ? 823  LEU A N   1 
ATOM   176  C CA  . LEU A 1 25  ? 7.07617   8.39629   8.93459   1.000 15.72819  ? 823  LEU A CA  1 
ATOM   177  C C   . LEU A 1 25  ? 6.45759   8.21634   10.31492  1.000 14.42774  ? 823  LEU A C   1 
ATOM   178  O O   . LEU A 1 25  ? 5.28925   8.55739   10.52533  1.000 15.93954  ? 823  LEU A O   1 
ATOM   179  C CB  . LEU A 1 25  ? 7.12086   7.07941   8.16747   1.000 16.32816  ? 823  LEU A CB  1 
ATOM   180  C CG  . LEU A 1 25  ? 5.81319   6.30360   8.11593   1.000 16.32934  ? 823  LEU A CG  1 
ATOM   181  C CD1 . LEU A 1 25  ? 4.78740   7.10943   7.33624   1.000 17.77824  ? 823  LEU A CD1 1 
ATOM   182  C CD2 . LEU A 1 25  ? 6.06186   4.94810   7.46046   1.000 21.40733  ? 823  LEU A CD2 1 
ATOM   183  N N   . ILE A 1 26  ? 7.23890   7.70792   11.27512  1.000 15.95315  ? 824  ILE A N   1 
ATOM   184  C CA  . ILE A 1 26  ? 6.71390   7.46921   12.62176  1.000 17.49164  ? 824  ILE A CA  1 
ATOM   185  C C   . ILE A 1 26  ? 6.24812   8.77172   13.25984  1.000 16.97851  ? 824  ILE A C   1 
ATOM   186  O O   . ILE A 1 26  ? 5.18018   8.82321   13.88052  1.000 17.29387  ? 824  ILE A O   1 
ATOM   187  C CB  . ILE A 1 26  ? 7.75048   6.72619   13.48464  1.000 18.69998  ? 824  ILE A CB  1 
ATOM   188  C CG1 . ILE A 1 26  ? 7.90510   5.29218   12.98373  1.000 20.81644  ? 824  ILE A CG1 1 
ATOM   189  C CG2 . ILE A 1 26  ? 7.32807   6.71694   14.94442  1.000 19.18649  ? 824  ILE A CG2 1 
ATOM   190  C CD1 . ILE A 1 26  ? 9.12280   4.60492   13.54281  1.000 22.75145  ? 824  ILE A CD1 1 
ATOM   191  N N   . LEU A 1 27  ? 7.02445   9.85043   13.09673  1.000 16.11780  ? 825  LEU A N   1 
ATOM   192  C CA  . LEU A 1 27  ? 6.58414   11.15808  13.57205  1.000 16.15425  ? 825  LEU A CA  1 
ATOM   193  C C   . LEU A 1 27  ? 5.26518   11.56148  12.91242  1.000 15.87284  ? 825  LEU A C   1 
ATOM   194  O O   . LEU A 1 27  ? 4.30472   11.94717  13.58646  1.000 15.09810  ? 825  LEU A O   1 
ATOM   195  C CB  . LEU A 1 27  ? 7.67172   12.19384  13.27861  1.000 17.50276  ? 825  LEU A CB  1 
ATOM   196  C CG  . LEU A 1 27  ? 7.28936   13.64436  13.55042  1.000 20.49862  ? 825  LEU A CG  1 
ATOM   197  C CD1 . LEU A 1 27  ? 7.07647   13.81751  15.02829  1.000 26.38706  ? 825  LEU A CD1 1 
ATOM   198  C CD2 . LEU A 1 27  ? 8.37778   14.60204  13.04507  1.000 24.68963  ? 825  LEU A CD2 1 
ATOM   199  N N   . LEU A 1 28  ? 5.19403   11.46691  11.58486  1.000 14.80825  ? 826  LEU A N   1 
ATOM   200  C CA  . LEU A 1 28  ? 3.99469   11.90397  10.87399  1.000 15.81728  ? 826  LEU A CA  1 
ATOM   201  C C   . LEU A 1 28  ? 2.76969   11.09673  11.28877  1.000 17.20865  ? 826  LEU A C   1 
ATOM   202  O O   . LEU A 1 28  ? 1.65904   11.63723  11.39464  1.000 16.02100  ? 826  LEU A O   1 
ATOM   203  C CB  . LEU A 1 28  ? 4.20654   11.76604  9.36956   1.000 16.49084  ? 826  LEU A CB  1 
ATOM   204  C CG  . LEU A 1 28  ? 5.25037   12.70987  8.77841   1.000 18.13282  ? 826  LEU A CG  1 
ATOM   205  C CD1 . LEU A 1 28  ? 5.55525   12.32671  7.33598   1.000 19.10969  ? 826  LEU A CD1 1 
ATOM   206  C CD2 . LEU A 1 28  ? 4.76820   14.14663  8.89427   1.000 24.53276  ? 826  LEU A CD2 1 
ATOM   207  N N   . LEU A 1 29  ? 2.94902   9.79399   11.51954  1.000 15.06339  ? 827  LEU A N   1 
ATOM   208  C CA  . LEU A 1 29  ? 1.83829   8.94352   11.92574  1.000 15.02647  ? 827  LEU A CA  1 
ATOM   209  C C   . LEU A 1 29  ? 1.33241   9.27144   13.32256  1.000 17.61255  ? 827  LEU A C   1 
ATOM   210  O O   . LEU A 1 29  ? 0.22827   8.83857   13.68680  1.000 18.64180  ? 827  LEU A O   1 
ATOM   211  C CB  . LEU A 1 29  ? 2.24049   7.46853   11.83525  1.000 16.17912  ? 827  LEU A CB  1 
ATOM   212  C CG  . LEU A 1 29  ? 2.56683   6.90337   10.45343  1.000 17.00658  ? 827  LEU A CG  1 
ATOM   213  C CD1 . LEU A 1 29  ? 3.02498   5.44525   10.58963  1.000 19.21416  ? 827  LEU A CD1 1 
ATOM   214  C CD2 . LEU A 1 29  ? 1.38306   7.02681   9.50828   1.000 20.19702  ? 827  LEU A CD2 1 
ATOM   215  N N   . SER A 1 30  ? 2.10048   10.03089  14.09766  1.000 15.77750  ? 828  SER A N   1 
ATOM   216  C CA  . SER A 1 30  ? 1.72580   10.43342  15.44499  1.000 18.75297  ? 828  SER A CA  1 
ATOM   217  C C   . SER A 1 30  ? 1.05663   11.79318  15.49547  1.000 20.68056  ? 828  SER A C   1 
ATOM   218  O O   . SER A 1 30  ? 0.75172   12.28024  16.59102  1.000 19.56361  ? 828  SER A O   1 
ATOM   219  C CB  . SER A 1 30  ? 2.95209   10.43816  16.34906  1.000 17.92956  ? 828  SER A CB  1 
ATOM   220  O OG  . SER A 1 30  ? 3.63098   9.20039   16.24184  1.000 18.43379  ? 828  SER A OG  1 
ATOM   221  N N   . LEU A 1 31  ? 0.81878   12.41383  14.34845  1.000 18.75228  ? 829  LEU A N   1 
ATOM   222  C CA  . LEU A 1 31  ? 0.25226   13.75023  14.35463  1.000 19.44001  ? 829  LEU A CA  1 
ATOM   223  C C   . LEU A 1 31  ? -1.25702  13.66830  14.53214  1.000 23.74052  ? 829  LEU A C   1 
ATOM   224  O O   . LEU A 1 31  ? -1.89783  12.78590  13.96648  1.000 23.40232  ? 829  LEU A O   1 
ATOM   225  C CB  . LEU A 1 31  ? 0.58755   14.46556  13.05121  1.000 20.90680  ? 829  LEU A CB  1 
ATOM   226  C CG  . LEU A 1 31  ? 2.05563   14.84696  12.94265  1.000 25.47303  ? 829  LEU A CG  1 
ATOM   227  C CD1 . LEU A 1 31  ? 2.34394   15.48681  11.59288  1.000 24.89952  ? 829  LEU A CD1 1 
ATOM   228  C CD2 . LEU A 1 31  ? 2.40441   15.79414  14.06663  1.000 28.89139  ? 829  LEU A CD2 1 
ATOM   229  N N   . PRO A 1 32  ? -1.84823  14.56792  15.31397  1.000 31.97185  ? 830  PRO A N   1 
ATOM   230  C CA  . PRO A 1 32  ? -3.29144  14.48763  15.54433  1.000 37.67775  ? 830  PRO A CA  1 
ATOM   231  C C   . PRO A 1 32  ? -4.04503  14.88202  14.28445  1.000 58.28101  ? 830  PRO A C   1 
ATOM   232  O O   . PRO A 1 32  ? -3.63800  15.78762  13.55365  1.000 48.41193  ? 830  PRO A O   1 
ATOM   233  C CB  . PRO A 1 32  ? -3.52478  15.49906  16.66928  1.000 31.07079  ? 830  PRO A CB  1 
ATOM   234  C CG  . PRO A 1 32  ? -2.43538  16.51312  16.49744  1.000 31.92041  ? 830  PRO A CG  1 
ATOM   235  C CD  . PRO A 1 32  ? -1.27267  15.83493  15.79817  1.000 35.98450  ? 830  PRO A CD  1 
ATOM   236  N N   . GLY A 1 33  ? -5.14281  14.17834  14.02236  1.000 66.80346  ? 831  GLY A N   1 
ATOM   237  C CA  . GLY A 1 33  ? -5.93220  14.46895  12.84289  1.000 76.21997  ? 831  GLY A CA  1 
ATOM   238  C C   . GLY A 1 33  ? -5.28943  14.10323  11.52475  1.000 116.87808 ? 831  GLY A C   1 
ATOM   239  O O   . GLY A 1 33  ? -5.83260  14.45385  10.47254  1.000 113.09268 ? 831  GLY A O   1 
ATOM   240  N N   . ILE A 1 34  ? -4.14287  13.42016  11.54315  1.000 82.34464  ? 832  ILE A N   1 
ATOM   241  C CA  . ILE A 1 34  ? -3.53956  12.94133  10.30671  1.000 37.94640  ? 832  ILE A CA  1 
ATOM   242  C C   . ILE A 1 34  ? -4.46130  11.90993  9.67168   1.000 46.06994  ? 832  ILE A C   1 
ATOM   243  O O   . ILE A 1 34  ? -5.14818  11.14971  10.36774  1.000 36.16082  ? 832  ILE A O   1 
ATOM   244  C CB  . ILE A 1 34  ? -2.13561  12.36965  10.58002  1.000 59.89092  ? 832  ILE A CB  1 
ATOM   245  C CG1 . ILE A 1 34  ? -1.32792  12.26695  9.28473   1.000 53.86350  ? 832  ILE A CG1 1 
ATOM   246  C CG2 . ILE A 1 34  ? -2.21196  11.01136  11.27310  1.000 43.28708  ? 832  ILE A CG2 1 
ATOM   247  C CD1 . ILE A 1 34  ? -0.39961  13.43624  9.05674   1.000 34.07257  ? 832  ILE A CD1 1 
ATOM   248  N N   . ASP A 1 35  ? -4.51483  11.90193  8.34450   1.000 27.35310  ? 833  ASP A N   1 
ATOM   249  C CA  . ASP A 1 35  ? -5.32895  10.93677  7.61047   1.000 24.56904  ? 833  ASP A CA  1 
ATOM   250  C C   . ASP A 1 35  ? -4.38726  10.00462  6.85801   1.000 30.59923  ? 833  ASP A C   1 
ATOM   251  O O   . ASP A 1 35  ? -3.87372  10.35554  5.79519   1.000 22.09668  ? 833  ASP A O   1 
ATOM   252  C CB  . ASP A 1 35  ? -6.28907  11.64264  6.65763   1.000 24.36527  ? 833  ASP A CB  1 
ATOM   253  C CG  . ASP A 1 35  ? -7.22951  10.67479  5.95284   1.000 62.49552  ? 833  ASP A CG  1 
ATOM   254  O OD1 . ASP A 1 35  ? -7.24013  9.47670   6.31170   1.000 31.88918  ? 833  ASP A OD1 1 
ATOM   255  O OD2 . ASP A 1 35  ? -7.95742  11.11196  5.03627   1.000 38.86278  ? 833  ASP A OD2 1 
ATOM   256  N N   . ILE A 1 36  ? -4.17528  8.80452   7.40174   1.000 21.43872  ? 834  ILE A N   1 
ATOM   257  C CA  . ILE A 1 36  ? -3.31810  7.83514   6.73351   1.000 18.58156  ? 834  ILE A CA  1 
ATOM   258  C C   . ILE A 1 36  ? -3.85606  7.46316   5.35643   1.000 17.38491  ? 834  ILE A C   1 
ATOM   259  O O   . ILE A 1 36  ? -3.09121  7.03495   4.49116   1.000 17.89161  ? 834  ILE A O   1 
ATOM   260  C CB  . ILE A 1 36  ? -3.10118  6.60163   7.64480   1.000 21.90308  ? 834  ILE A CB  1 
ATOM   261  C CG1 . ILE A 1 36  ? -2.01421  5.68768   7.07651   1.000 21.87204  ? 834  ILE A CG1 1 
ATOM   262  C CG2 . ILE A 1 36  ? -4.40541  5.84192   7.83344   1.000 26.20786  ? 834  ILE A CG2 1 
ATOM   263  C CD1 . ILE A 1 36  ? -0.74520  6.38455   6.72027   1.000 26.01280  ? 834  ILE A CD1 1 
ATOM   264  N N   . ASN A 1 37  ? -5.15162  7.62894   5.12472   1.000 17.09421  ? 835  ASN A N   1 
ATOM   265  C CA  . ASN A 1 37  ? -5.75220  7.27180   3.84793   1.000 16.87847  ? 835  ASN A CA  1 
ATOM   266  C C   . ASN A 1 37  ? -5.77037  8.42492   2.85156   1.000 17.08021  ? 835  ASN A C   1 
ATOM   267  O O   . ASN A 1 37  ? -6.46767  8.33512   1.83446   1.000 18.73358  ? 835  ASN A O   1 
ATOM   268  C CB  . ASN A 1 37  ? -7.15111  6.70565   4.07090   1.000 19.29723  ? 835  ASN A CB  1 
ATOM   269  C CG  . ASN A 1 37  ? -7.14007  5.51612   5.01742   1.000 18.69065  ? 835  ASN A CG  1 
ATOM   270  O OD1 . ASN A 1 37  ? -6.34765  4.59502   4.85304   1.000 18.42720  ? 835  ASN A OD1 1 
ATOM   271  N ND2 . ASN A 1 37  ? -8.02974  5.52677   6.00035   1.000 22.12041  ? 835  ASN A ND2 1 
ATOM   272  N N   . VAL A 1 38  ? -5.01346  9.49129   3.11538   1.000 17.08256  ? 836  VAL A N   1 
ATOM   273  C CA  . VAL A 1 38  ? -4.98493  10.63130  2.20428   1.000 19.08685  ? 836  VAL A CA  1 
ATOM   274  C C   . VAL A 1 38  ? -4.53240  10.19060  0.81540   1.000 18.13628  ? 836  VAL A C   1 
ATOM   275  O O   . VAL A 1 38  ? -3.61838  9.36949   0.66064   1.000 18.58524  ? 836  VAL A O   1 
ATOM   276  C CB  . VAL A 1 38  ? -4.07537  11.72815  2.78558   1.000 17.38674  ? 836  VAL A CB  1 
ATOM   277  C CG1 . VAL A 1 38  ? -2.63238  11.23563  2.91930   1.000 19.72774  ? 836  VAL A CG1 1 
ATOM   278  C CG2 . VAL A 1 38  ? -4.16019  13.01124  1.95115   1.000 20.65830  ? 836  VAL A CG2 1 
ATOM   279  N N   . LYS A 1 39  ? -5.16825  10.74834  -0.21202  1.000 16.59312  ? 837  LYS A N   1 
ATOM   280  C CA  . LYS A 1 39  ? -4.86383  10.40026  -1.59257  1.000 15.75563  ? 837  LYS A CA  1 
ATOM   281  C C   . LYS A 1 39  ? -4.09376  11.52824  -2.26751  1.000 16.71227  ? 837  LYS A C   1 
ATOM   282  O O   . LYS A 1 39  ? -4.33121  12.71114  -1.98595  1.000 20.61032  ? 837  LYS A O   1 
ATOM   283  C CB  . LYS A 1 39  ? -6.15177  10.12850  -2.36630  1.000 20.30668  ? 837  LYS A CB  1 
ATOM   284  C CG  . LYS A 1 39  ? -6.98948  9.00646   -1.76318  1.000 21.81235  ? 837  LYS A CG  1 
ATOM   285  C CD  . LYS A 1 39  ? -8.22596  8.74555   -2.61391  1.000 27.15405  ? 837  LYS A CD  1 
ATOM   286  C CE  . LYS A 1 39  ? -9.19337  7.80381   -1.90658  1.000 43.33892  ? 837  LYS A CE  1 
ATOM   287  N NZ  . LYS A 1 39  ? -8.62167  6.43971   -1.76855  1.000 51.23613  ? 837  LYS A NZ  1 
ATOM   288  N N   . ASP A 1 40  ? -3.16152  11.16359  -3.14638  1.000 16.67998  ? 838  ASP A N   1 
ATOM   289  C CA  . ASP A 1 40  ? -2.52718  12.12603  -4.05067  1.000 15.52228  ? 838  ASP A CA  1 
ATOM   290  C C   . ASP A 1 40  ? -3.52627  12.49618  -5.15669  1.000 17.50322  ? 838  ASP A C   1 
ATOM   291  O O   . ASP A 1 40  ? -4.69484  12.11691  -5.11522  1.000 16.96378  ? 838  ASP A O   1 
ATOM   292  C CB  . ASP A 1 40  ? -1.16706  11.61587  -4.54068  1.000 15.47292  ? 838  ASP A CB  1 
ATOM   293  C CG  . ASP A 1 40  ? -1.26750  10.59268  -5.67418  1.000 16.10139  ? 838  ASP A CG  1 
ATOM   294  O OD1 . ASP A 1 40  ? -2.35497  10.08169  -5.98555  1.000 16.22563  ? 838  ASP A OD1 1 
ATOM   295  O OD2 . ASP A 1 40  ? -0.20407  10.28290  -6.24992  1.000 17.54633  ? 838  ASP A OD2 1 
ATOM   296  N N   . ASN A 1 41  ? -3.07220  13.23878  -6.17524  1.000 16.81196  ? 839  ASN A N   1 
ATOM   297  C CA  . ASN A 1 41  ? -4.00751  13.72085  -7.19243  1.000 15.85886  ? 839  ASN A CA  1 
ATOM   298  C C   . ASN A 1 41  ? -4.61456  12.58662  -8.00782  1.000 17.87167  ? 839  ASN A C   1 
ATOM   299  O O   . ASN A 1 41  ? -5.75461  12.70792  -8.47174  1.000 21.69941  ? 839  ASN A O   1 
ATOM   300  C CB  . ASN A 1 41  ? -3.31597  14.70839  -8.13243  1.000 17.06311  ? 839  ASN A CB  1 
ATOM   301  C CG  . ASN A 1 41  ? -2.95415  16.02673  -7.45598  1.000 17.14417  ? 839  ASN A CG  1 
ATOM   302  O OD1 . ASN A 1 41  ? -3.59491  16.44765  -6.49486  1.000 21.45003  ? 839  ASN A OD1 1 
ATOM   303  N ND2 . ASN A 1 41  ? -1.94730  16.69709  -7.98906  1.000 16.92549  ? 839  ASN A ND2 1 
ATOM   304  N N   . ALA A 1 42  ? -3.86647  11.50244  -8.22578  1.000 15.29593  ? 840  ALA A N   1 
ATOM   305  C CA  . ALA A 1 42  ? -4.37853  10.34125  -8.94467  1.000 17.42176  ? 840  ALA A CA  1 
ATOM   306  C C   . ALA A 1 42  ? -5.21111  9.42299   -8.06375  1.000 17.07689  ? 840  ALA A C   1 
ATOM   307  O O   . ALA A 1 42  ? -6.02905  8.65430   -8.58168  1.000 19.70641  ? 840  ALA A O   1 
ATOM   308  C CB  . ALA A 1 42  ? -3.21404  9.55493   -9.54916  1.000 19.29348  ? 840  ALA A CB  1 
ATOM   309  N N   . GLY A 1 43  ? -5.01406  9.48188   -6.75011  1.000 15.30946  ? 841  GLY A N   1 
ATOM   310  C CA  . GLY A 1 43  ? -5.75982  8.66094   -5.80574  1.000 16.37915  ? 841  GLY A CA  1 
ATOM   311  C C   . GLY A 1 43  ? -4.92208  7.70472   -4.97856  1.000 15.54006  ? 841  GLY A C   1 
ATOM   312  O O   . GLY A 1 43  ? -5.49796  6.95428   -4.17509  1.000 17.06405  ? 841  GLY A O   1 
ATOM   313  N N   . TRP A 1 44  ? -3.60206  7.67321   -5.15178  1.000 15.22771  ? 842  TRP A N   1 
ATOM   314  C CA  . TRP A 1 44  ? -2.76530  6.73809   -4.40845  1.000 14.07518  ? 842  TRP A CA  1 
ATOM   315  C C   . TRP A 1 44  ? -2.58772  7.19833   -2.97066  1.000 14.00630  ? 842  TRP A C   1 
ATOM   316  O O   . TRP A 1 44  ? -2.46028  8.39369   -2.69584  1.000 14.61935  ? 842  TRP A O   1 
ATOM   317  C CB  . TRP A 1 44  ? -1.39541  6.61585   -5.07483  1.000 14.80282  ? 842  TRP A CB  1 
ATOM   318  C CG  . TRP A 1 44  ? -1.44791  6.19947   -6.49390  1.000 13.87935  ? 842  TRP A CG  1 
ATOM   319  C CD1 . TRP A 1 44  ? -1.25159  7.00111   -7.58039  1.000 14.01025  ? 842  TRP A CD1 1 
ATOM   320  C CD2 . TRP A 1 44  ? -1.73201  4.89311   -7.00676  1.000 14.95531  ? 842  TRP A CD2 1 
ATOM   321  N NE1 . TRP A 1 44  ? -1.39437  6.27866   -8.74251  1.000 14.84976  ? 842  TRP A NE1 1 
ATOM   322  C CE2 . TRP A 1 44  ? -1.68293  4.97797   -8.41634  1.000 14.93589  ? 842  TRP A CE2 1 
ATOM   323  C CE3 . TRP A 1 44  ? -2.01995  3.65695   -6.41129  1.000 14.28110  ? 842  TRP A CE3 1 
ATOM   324  C CZ2 . TRP A 1 44  ? -1.89971  3.87750   -9.23885  1.000 15.24488  ? 842  TRP A CZ2 1 
ATOM   325  C CZ3 . TRP A 1 44  ? -2.24185  2.56420   -7.23035  1.000 15.03423  ? 842  TRP A CZ3 1 
ATOM   326  C CH2 . TRP A 1 44  ? -2.18414  2.68058   -8.63349  1.000 15.65225  ? 842  TRP A CH2 1 
ATOM   327  N N   . THR A 1 45  ? -2.53764  6.23687   -2.05202  1.000 15.20149  ? 843  THR A N   1 
ATOM   328  C CA  . THR A 1 45  ? -2.31112  6.49909   -0.63252  1.000 14.08081  ? 843  THR A CA  1 
ATOM   329  C C   . THR A 1 45  ? -0.85235  6.28165   -0.26238  1.000 15.15295  ? 843  THR A C   1 
ATOM   330  O O   . THR A 1 45  ? -0.07849  5.67462   -1.00794  1.000 14.36597  ? 843  THR A O   1 
ATOM   331  C CB  . THR A 1 45  ? -3.15111  5.54681   0.21862   1.000 15.50183  ? 843  THR A CB  1 
ATOM   332  O OG1 . THR A 1 45  ? -2.71886  4.19380   -0.01990  1.000 14.98375  ? 843  THR A OG1 1 
ATOM   333  C CG2 . THR A 1 45  ? -4.63958  5.70564   -0.07521  1.000 16.34978  ? 843  THR A CG2 1 
ATOM   334  N N   . PRO A 1 46  ? -0.44325  6.73246   0.92837   1.000 13.86175  ? 844  PRO A N   1 
ATOM   335  C CA  . PRO A 1 46  ? 0.91948   6.42055   1.38277   1.000 15.55100  ? 844  PRO A CA  1 
ATOM   336  C C   . PRO A 1 46  ? 1.18018   4.92876   1.47374   1.000 15.12085  ? 844  PRO A C   1 
ATOM   337  O O   . PRO A 1 46  ? 2.27142   4.48105   1.10288   1.000 14.78700  ? 844  PRO A O   1 
ATOM   338  C CB  . PRO A 1 46  ? 1.00932   7.13573   2.73916   1.000 16.43557  ? 844  PRO A CB  1 
ATOM   339  C CG  . PRO A 1 46  ? -0.00691  8.23793   2.64832   1.000 17.97217  ? 844  PRO A CG  1 
ATOM   340  C CD  . PRO A 1 46  ? -1.12844  7.67153   1.83448   1.000 15.44262  ? 844  PRO A CD  1 
ATOM   341  N N   . LEU A 1 47  ? 0.20001   4.13733   1.91526   1.000 13.34939  ? 845  LEU A N   1 
ATOM   342  C CA  . LEU A 1 47  ? 0.38989   2.68773   1.94655   1.000 14.51283  ? 845  LEU A CA  1 
ATOM   343  C C   . LEU A 1 47  ? 0.64181   2.11815   0.55375   1.000 15.05309  ? 845  LEU A C   1 
ATOM   344  O O   . LEU A 1 47  ? 1.51979   1.26597   0.38914   1.000 14.54445  ? 845  LEU A O   1 
ATOM   345  C CB  . LEU A 1 47  ? -0.78981  2.00078   2.62714   1.000 13.91365  ? 845  LEU A CB  1 
ATOM   346  C CG  . LEU A 1 47  ? -0.69059  0.47819   2.70686   1.000 14.00541  ? 845  LEU A CG  1 
ATOM   347  C CD1 . LEU A 1 47  ? 0.50663   0.03887   3.53850   1.000 16.09611  ? 845  LEU A CD1 1 
ATOM   348  C CD2 . LEU A 1 47  ? -1.96739  -0.05995  3.31728   1.000 15.58590  ? 845  LEU A CD2 1 
ATOM   349  N N   . HIS A 1 48  ? -0.08517  2.59411   -0.46607  1.000 13.57725  ? 846  HIS A N   1 
ATOM   350  C CA  . HIS A 1 48  ? 0.21078   2.15982   -1.83135  1.000 15.16534  ? 846  HIS A CA  1 
ATOM   351  C C   . HIS A 1 48  ? 1.67375   2.41579   -2.17119  1.000 15.07470  ? 846  HIS A C   1 
ATOM   352  O O   . HIS A 1 48  ? 2.34617   1.57507   -2.77966  1.000 14.70689  ? 846  HIS A O   1 
ATOM   353  C CB  . HIS A 1 48  ? -0.61560  2.96693   -2.83641  1.000 13.07521  ? 846  HIS A CB  1 
ATOM   354  C CG  . HIS A 1 48  ? -2.00333  2.46469   -3.10652  1.000 13.62585  ? 846  HIS A CG  1 
ATOM   355  N ND1 . HIS A 1 48  ? -3.11783  3.23142   -2.83890  1.000 16.00569  ? 846  HIS A ND1 1 
ATOM   356  C CD2 . HIS A 1 48  ? -2.45539  1.35748   -3.74503  1.000 14.71763  ? 846  HIS A CD2 1 
ATOM   357  C CE1 . HIS A 1 48  ? -4.20167  2.58895   -3.23873  1.000 15.90676  ? 846  HIS A CE1 1 
ATOM   358  N NE2 . HIS A 1 48  ? -3.82674  1.45534   -3.80327  1.000 15.32040  ? 846  HIS A NE2 1 
ATOM   359  N N   . GLU A 1 49  ? 2.18279   3.59154   -1.81250  1.000 13.33438  ? 847  GLU A N   1 
ATOM   360  C CA  . GLU A 1 49  ? 3.55640   3.91814   -2.17878  1.000 14.14859  ? 847  GLU A CA  1 
ATOM   361  C C   . GLU A 1 49  ? 4.54697   2.97617   -1.50741  1.000 16.71273  ? 847  GLU A C   1 
ATOM   362  O O   . GLU A 1 49  ? 5.47613   2.47743   -2.15113  1.000 15.84864  ? 847  GLU A O   1 
ATOM   363  C CB  . GLU A 1 49  ? 3.86592   5.37540   -1.84077  1.000 14.52806  ? 847  GLU A CB  1 
ATOM   364  C CG  . GLU A 1 49  ? 3.02736   6.39517   -2.61244  1.000 16.87807  ? 847  GLU A CG  1 
ATOM   365  C CD  . GLU A 1 49  ? 3.25657   6.38619   -4.11862  1.000 18.22375  ? 847  GLU A CD  1 
ATOM   366  O OE1 . GLU A 1 49  ? 4.27947   5.84403   -4.58339  1.000 23.29368  ? 847  GLU A OE1 1 
ATOM   367  O OE2 . GLU A 1 49  ? 2.38360   6.91458   -4.84784  1.000 22.71019  ? 847  GLU A OE2 1 
ATOM   368  N N   . ALA A 1 50  ? 4.37840   2.72815   -0.20523  1.000 14.17208  ? 848  ALA A N   1 
ATOM   369  C CA  . ALA A 1 50  ? 5.28478   1.81841   0.49088   1.000 13.68017  ? 848  ALA A CA  1 
ATOM   370  C C   . ALA A 1 50  ? 5.23435   0.42113   -0.11094  1.000 15.34327  ? 848  ALA A C   1 
ATOM   371  O O   . ALA A 1 50  ? 6.26968   -0.24674  -0.23303  1.000 16.25639  ? 848  ALA A O   1 
ATOM   372  C CB  . ALA A 1 50  ? 4.93564   1.78273   1.97544   1.000 17.33272  ? 848  ALA A CB  1 
ATOM   373  N N   . CYS A 1 51  ? 4.04574   -0.03001  -0.50596  1.000 14.29806  ? 849  CYS A N   1 
ATOM   374  C CA  . CYS A 1 51  ? 3.91391   -1.36217  -1.08815  1.000 14.79174  ? 849  CYS A CA  1 
ATOM   375  C C   . CYS A 1 51  ? 4.53198   -1.42281  -2.47629  1.000 18.71709  ? 849  CYS A C   1 
ATOM   376  O O   . CYS A 1 51  ? 5.19258   -2.40772  -2.82555  1.000 19.83498  ? 849  CYS A O   1 
ATOM   377  C CB  . CYS A 1 51  ? 2.43790   -1.75385  -1.16545  1.000 16.35101  ? 849  CYS A CB  1 
ATOM   378  S SG  . CYS A 1 51  ? 1.62819   -2.00079  0.42036   1.000 17.16761  ? 849  CYS A SG  1 
ATOM   379  N N   . ASN A 1 52  ? 4.31818   -0.38271  -3.28149  1.000 15.78164  ? 850  ASN A N   1 
ATOM   380  C CA  . ASN A 1 52  ? 4.83689   -0.36964  -4.64537  1.000 15.64298  ? 850  ASN A CA  1 
ATOM   381  C C   . ASN A 1 52  ? 6.35787   -0.40517  -4.66241  1.000 18.83782  ? 850  ASN A C   1 
ATOM   382  O O   . ASN A 1 52  ? 6.96193   -1.12020  -5.47408  1.000 18.19027  ? 850  ASN A O   1 
ATOM   383  C CB  . ASN A 1 52  ? 4.33054   0.88048   -5.35799  1.000 18.85574  ? 850  ASN A CB  1 
ATOM   384  C CG  . ASN A 1 52  ? 4.74038   0.92334   -6.80195  1.000 18.83594  ? 850  ASN A CG  1 
ATOM   385  O OD1 . ASN A 1 52  ? 5.79467   1.45887   -7.14103  1.000 21.90727  ? 850  ASN A OD1 1 
ATOM   386  N ND2 . ASN A 1 52  ? 3.90757   0.37077   -7.66445  1.000 19.27218  ? 850  ASN A ND2 1 
ATOM   387  N N   . TYR A 1 53  ? 6.99655   0.34594   -3.76590  1.000 17.00637  ? 851  TYR A N   1 
ATOM   388  C CA  . TYR A 1 53  ? 8.45021   0.45139   -3.73294  1.000 18.21738  ? 851  TYR A CA  1 
ATOM   389  C C   . TYR A 1 53  ? 9.11069   -0.62069  -2.87753  1.000 17.68104  ? 851  TYR A C   1 
ATOM   390  O O   . TYR A 1 53  ? 10.34356  -0.69288  -2.84933  1.000 19.50293  ? 851  TYR A O   1 
ATOM   391  C CB  . TYR A 1 53  ? 8.88398   1.84617   -3.26725  1.000 17.89608  ? 851  TYR A CB  1 
ATOM   392  C CG  . TYR A 1 53  ? 8.70861   2.88112   -4.34476  1.000 18.40535  ? 851  TYR A CG  1 
ATOM   393  C CD1 . TYR A 1 53  ? 9.65704   3.02588   -5.34571  1.000 25.37171  ? 851  TYR A CD1 1 
ATOM   394  C CD2 . TYR A 1 53  ? 7.58201   3.68948   -4.38652  1.000 20.06950  ? 851  TYR A CD2 1 
ATOM   395  C CE1 . TYR A 1 53  ? 9.49811   3.96517   -6.35099  1.000 24.95504  ? 851  TYR A CE1 1 
ATOM   396  C CE2 . TYR A 1 53  ? 7.41870   4.63749   -5.38920  1.000 20.77699  ? 851  TYR A CE2 1 
ATOM   397  C CZ  . TYR A 1 53  ? 8.37933   4.76173   -6.36304  1.000 24.27212  ? 851  TYR A CZ  1 
ATOM   398  O OH  . TYR A 1 53  ? 8.22614   5.69602   -7.36279  1.000 28.65404  ? 851  TYR A OH  1 
ATOM   399  N N   . GLY A 1 54  ? 8.33629   -1.44379  -2.17947  1.000 16.63628  ? 852  GLY A N   1 
ATOM   400  C CA  . GLY A 1 54  ? 8.91252   -2.51243  -1.38325  1.000 17.54722  ? 852  GLY A CA  1 
ATOM   401  C C   . GLY A 1 54  ? 9.51400   -2.07566  -0.06653  1.000 18.16454  ? 852  GLY A C   1 
ATOM   402  O O   . GLY A 1 54  ? 10.46413  -2.70284  0.41150   1.000 18.75951  ? 852  GLY A O   1 
ATOM   403  N N   . ASN A 1 55  ? 8.97743   -1.01843  0.54331   1.000 16.87580  ? 853  ASN A N   1 
ATOM   404  C CA  . ASN A 1 55  ? 9.52287   -0.46030  1.77920   1.000 16.44381  ? 853  ASN A CA  1 
ATOM   405  C C   . ASN A 1 55  ? 8.82631   -1.13905  2.95362   1.000 15.84934  ? 853  ASN A C   1 
ATOM   406  O O   . ASN A 1 55  ? 7.88816   -0.61563  3.55918   1.000 16.44687  ? 853  ASN A O   1 
ATOM   407  C CB  . ASN A 1 55  ? 9.36405   1.05172   1.76772   1.000 16.80124  ? 853  ASN A CB  1 
ATOM   408  C CG  . ASN A 1 55  ? 10.31865  1.71029   0.79321   1.000 19.09610  ? 853  ASN A CG  1 
ATOM   409  O OD1 . ASN A 1 55  ? 11.41423  1.19491   0.56268   1.000 19.29774  ? 853  ASN A OD1 1 
ATOM   410  N ND2 . ASN A 1 55  ? 9.90955   2.82743   0.20081   1.000 19.14620  ? 853  ASN A ND2 1 
ATOM   411  N N   . THR A 1 56  ? 9.30047   -2.35453  3.25060   1.000 16.28821  ? 854  THR A N   1 
ATOM   412  C CA  . THR A 1 56  ? 8.62231   -3.25426  4.18023   1.000 17.36654  ? 854  THR A CA  1 
ATOM   413  C C   . THR A 1 56  ? 8.45309   -2.63748  5.56507   1.000 16.57506  ? 854  THR A C   1 
ATOM   414  O O   . THR A 1 56  ? 7.39406   -2.78483  6.19109   1.000 16.63490  ? 854  THR A O   1 
ATOM   415  C CB  . THR A 1 56  ? 9.41055   -4.55834  4.26895   1.000 20.45943  ? 854  THR A CB  1 
ATOM   416  O OG1 . THR A 1 56  ? 9.61600   -5.06933  2.94517   1.000 21.10859  ? 854  THR A OG1 1 
ATOM   417  C CG2 . THR A 1 56  ? 8.64659   -5.59853  5.09195   1.000 19.03395  ? 854  THR A CG2 1 
ATOM   418  N N   . VAL A 1 57  ? 9.48033   -1.94483  6.06464   1.000 18.75498  ? 855  VAL A N   1 
ATOM   419  C CA  . VAL A 1 57  ? 9.38548   -1.37793  7.40690   1.000 20.36938  ? 855  VAL A CA  1 
ATOM   420  C C   . VAL A 1 57  ? 8.35108   -0.26225  7.45266   1.000 16.32361  ? 855  VAL A C   1 
ATOM   421  O O   . VAL A 1 57  ? 7.64080   -0.09902  8.45396   1.000 17.04426  ? 855  VAL A O   1 
ATOM   422  C CB  . VAL A 1 57  ? 10.76513  -0.92179  7.90872   1.000 19.92368  ? 855  VAL A CB  1 
ATOM   423  C CG1 . VAL A 1 57  ? 10.65413  -0.38729  9.32611   1.000 23.01304  ? 855  VAL A CG1 1 
ATOM   424  C CG2 . VAL A 1 57  ? 11.74391  -2.08677  7.86694   1.000 25.98264  ? 855  VAL A CG2 1 
ATOM   425  N N   . CYS A 1 58  ? 8.23609   0.51335   6.37079   1.000 15.96484  ? 856  CYS A N   1 
ATOM   426  C CA  . CYS A 1 58  ? 7.18995   1.52778   6.30902   1.000 15.70862  ? 856  CYS A CA  1 
ATOM   427  C C   . CYS A 1 58  ? 5.80946   0.89470   6.37396   1.000 14.32326  ? 856  CYS A C   1 
ATOM   428  O O   . CYS A 1 58  ? 4.92018   1.41429   7.05700   1.000 15.86055  ? 856  CYS A O   1 
ATOM   429  C CB  . CYS A 1 58  ? 7.33216   2.36324   5.04335   1.000 15.16163  ? 856  CYS A CB  1 
ATOM   430  S SG  . CYS A 1 58  ? 8.68615   3.55003   5.10483   1.000 17.69358  ? 856  CYS A SG  1 
ATOM   431  N N   . VAL A 1 59  ? 5.61641   -0.23251  5.67670   1.000 14.71096  ? 857  VAL A N   1 
ATOM   432  C CA  . VAL A 1 59  ? 4.33805   -0.94146  5.72533   1.000 16.11062  ? 857  VAL A CA  1 
ATOM   433  C C   . VAL A 1 59  ? 4.05047   -1.41689  7.14171   1.000 15.32268  ? 857  VAL A C   1 
ATOM   434  O O   . VAL A 1 59  ? 2.94428   -1.22565  7.66374   1.000 17.17582  ? 857  VAL A O   1 
ATOM   435  C CB  . VAL A 1 59  ? 4.31961   -2.10596  4.71997   1.000 14.39454  ? 857  VAL A CB  1 
ATOM   436  C CG1 . VAL A 1 59  ? 3.06785   -2.97617  4.93560   1.000 16.09225  ? 857  VAL A CG1 1 
ATOM   437  C CG2 . VAL A 1 59  ? 4.33897   -1.56448  3.29320   1.000 16.71461  ? 857  VAL A CG2 1 
ATOM   438  N N   . GLN A 1 60  ? 5.04639   -2.03848  7.78246   1.000 15.12524  ? 858  GLN A N   1 
ATOM   439  C CA  . GLN A 1 60  ? 4.88940   -2.49437  9.16168   1.000 16.62585  ? 858  GLN A CA  1 
ATOM   440  C C   . GLN A 1 60  ? 4.47648   -1.35547  10.08092  1.000 16.18361  ? 858  GLN A C   1 
ATOM   441  O O   . GLN A 1 60  ? 3.59348   -1.52357  10.92657  1.000 18.38725  ? 858  GLN A O   1 
ATOM   442  C CB  . GLN A 1 60  ? 6.18702   -3.11291  9.67993   1.000 23.08780  ? 858  GLN A CB  1 
ATOM   443  C CG  . GLN A 1 60  ? 6.59483   -4.42314  9.07298   1.000 29.68670  ? 858  GLN A CG  1 
ATOM   444  C CD  . GLN A 1 60  ? 7.89347   -4.94626  9.65787   1.000 73.00126  ? 858  GLN A CD  1 
ATOM   445  O OE1 . GLN A 1 60  ? 8.98165   -4.51644  9.27525   1.000 83.27190  ? 858  GLN A OE1 1 
ATOM   446  N NE2 . GLN A 1 60  ? 7.78211   -5.86983  10.60480  1.000 89.00529  ? 858  GLN A NE2 1 
ATOM   447  N N   . GLU A 1 61  ? 5.13218   -0.19683  9.95960   1.000 15.84807  ? 859  GLU A N   1 
ATOM   448  C CA  . GLU A 1 61  ? 4.80842   0.91985   10.84367  1.000 15.61350  ? 859  GLU A CA  1 
ATOM   449  C C   . GLU A 1 61  ? 3.38934   1.42171   10.61740  1.000 16.54734  ? 859  GLU A C   1 
ATOM   450  O O   . GLU A 1 61  ? 2.66991   1.72481   11.57777  1.000 17.22746  ? 859  GLU A O   1 
ATOM   451  C CB  . GLU A 1 61  ? 5.82596   2.04949   10.69716  1.000 18.12592  ? 859  GLU A CB  1 
ATOM   452  C CG  . GLU A 1 61  ? 7.23429   1.71558   11.20388  1.000 21.09111  ? 859  GLU A CG  1 
ATOM   453  C CD  . GLU A 1 61  ? 7.31237   1.39053   12.69360  1.000 104.24693 ? 859  GLU A CD  1 
ATOM   454  O OE1 . GLU A 1 61  ? 6.39436   1.73311   13.46454  1.000 21.25846  ? 859  GLU A OE1 1 
ATOM   455  O OE2 . GLU A 1 61  ? 8.32474   0.79527   13.10544  1.000 30.32648  ? 859  GLU A OE2 1 
ATOM   456  N N   . ILE A 1 62  ? 2.96447   1.53056   9.35506   1.000 15.11900  ? 860  ILE A N   1 
ATOM   457  C CA  . ILE A 1 62  ? 1.58574   1.94129   9.08044   1.000 16.49971  ? 860  ILE A CA  1 
ATOM   458  C C   . ILE A 1 62  ? 0.60748   0.96742   9.72264   1.000 16.47190  ? 860  ILE A C   1 
ATOM   459  O O   . ILE A 1 62  ? -0.35276  1.36963   10.39065  1.000 18.04891  ? 860  ILE A O   1 
ATOM   460  C CB  . ILE A 1 62  ? 1.33179   2.08557   7.56793   1.000 16.13223  ? 860  ILE A CB  1 
ATOM   461  C CG1 . ILE A 1 62  ? 2.07642   3.30891   7.02451   1.000 15.42586  ? 860  ILE A CG1 1 
ATOM   462  C CG2 . ILE A 1 62  ? -0.16015  2.22921   7.30165   1.000 16.04832  ? 860  ILE A CG2 1 
ATOM   463  C CD1 . ILE A 1 62  ? 2.15565   3.33141   5.49936   1.000 15.22078  ? 860  ILE A CD1 1 
ATOM   464  N N   . LEU A 1 63  ? 0.82340   -0.33188  9.51199   1.000 16.03864  ? 861  LEU A N   1 
ATOM   465  C CA  . LEU A 1 63  ? -0.13789  -1.31797  10.00352  1.000 16.10172  ? 861  LEU A CA  1 
ATOM   466  C C   . LEU A 1 63  ? -0.18474  -1.34498  11.52485  1.000 21.11861  ? 861  LEU A C   1 
ATOM   467  O O   . LEU A 1 63  ? -1.25746  -1.57622  12.11071  1.000 22.45691  ? 861  LEU A O   1 
ATOM   468  C CB  . LEU A 1 63  ? 0.19686   -2.69909  9.43903   1.000 16.01757  ? 861  LEU A CB  1 
ATOM   469  C CG  . LEU A 1 63  ? 0.10858   -2.84732  7.91609   1.000 15.46800  ? 861  LEU A CG  1 
ATOM   470  C CD1 . LEU A 1 63  ? 0.53348   -4.25258  7.51865   1.000 18.38068  ? 861  LEU A CD1 1 
ATOM   471  C CD2 . LEU A 1 63  ? -1.28038  -2.51584  7.39094   1.000 18.92414  ? 861  LEU A CD2 1 
ATOM   472  N N   . GLN A 1 64  ? 0.94488   -1.09749  12.18300  1.000 19.55310  ? 862  GLN A N   1 
ATOM   473  C CA  . GLN A 1 64  ? 0.96718   -1.13707  13.63946  1.000 19.70981  ? 862  GLN A CA  1 
ATOM   474  C C   . GLN A 1 64  ? 0.54181   0.16892   14.29261  1.000 22.63561  ? 862  GLN A C   1 
ATOM   475  O O   . GLN A 1 64  ? 0.06823   0.14433   15.43620  1.000 25.63662  ? 862  GLN A O   1 
ATOM   476  C CB  . GLN A 1 64  ? 2.33207   -1.59501  14.15752  1.000 27.45014  ? 862  GLN A CB  1 
ATOM   477  C CG  . GLN A 1 64  ? 2.69765   -2.98345  13.66316  1.000 26.08085  ? 862  GLN A CG  1 
ATOM   478  C CD  . GLN A 1 64  ? 4.09934   -3.40893  14.04289  1.000 78.60745  ? 862  GLN A CD  1 
ATOM   479  O OE1 . GLN A 1 64  ? 4.97349   -2.57830  14.28526  1.000 35.68902  ? 862  GLN A OE1 1 
ATOM   480  N NE2 . GLN A 1 64  ? 4.32450   -4.71802  14.08005  1.000 33.66919  ? 862  GLN A NE2 1 
ATOM   481  N N   . ARG A 1 65  ? 0.67907   1.30061   13.60428  1.000 16.75686  ? 863  ARG A N   1 
ATOM   482  C CA  . ARG A 1 65  ? 0.38170   2.59498   14.20187  1.000 18.11147  ? 863  ARG A CA  1 
ATOM   483  C C   . ARG A 1 65  ? -0.93439  3.21184   13.74467  1.000 20.00570  ? 863  ARG A C   1 
ATOM   484  O O   . ARG A 1 65  ? -1.37074  4.19866   14.34119  1.000 19.60631  ? 863  ARG A O   1 
ATOM   485  C CB  . ARG A 1 65  ? 1.54428   3.57285   13.97186  1.000 17.74128  ? 863  ARG A CB  1 
ATOM   486  C CG  . ARG A 1 65  ? 2.82290   3.10856   14.64273  1.000 19.62225  ? 863  ARG A CG  1 
ATOM   487  C CD  . ARG A 1 65  ? 3.98278   4.05203   14.38392  1.000 17.80408  ? 863  ARG A CD  1 
ATOM   488  N NE  . ARG A 1 65  ? 5.18769   3.62111   15.08667  1.000 20.36608  ? 863  ARG A NE  1 
ATOM   489  C CZ  . ARG A 1 65  ? 5.52981   4.00480   16.31019  1.000 18.62976  ? 863  ARG A CZ  1 
ATOM   490  N NH1 . ARG A 1 65  ? 4.80350   4.86990   16.99521  1.000 20.05635  ? 863  ARG A NH1 1 
ATOM   491  N NH2 . ARG A 1 65  ? 6.62046   3.49007   16.87007  1.000 21.58011  ? 863  ARG A NH2 1 
ATOM   492  N N   . CYS A 1 66  ? -1.58050  2.67510   12.71120  1.000 20.04931  ? 864  CYS A N   1 
ATOM   493  C CA  . CYS A 1 66  ? -2.83733  3.23086   12.20039  1.000 15.78656  ? 864  CYS A CA  1 
ATOM   494  C C   . CYS A 1 66  ? -3.93487  2.18326   12.14576  1.000 23.40044  ? 864  CYS A C   1 
ATOM   495  O O   . CYS A 1 66  ? -4.11706  1.50533   11.12519  1.000 26.42898  ? 864  CYS A O   1 
ATOM   496  C CB  . CYS A 1 66  ? -2.67711  3.97462   10.87616  1.000 19.42209  ? 864  CYS A CB  1 
ATOM   497  S SG  . CYS A 1 66  ? -1.11909  4.80142   10.66078  1.000 24.27549  ? 864  CYS A SG  1 
ATOM   498  N N   . PRO A 1 67  ? -4.70379  2.04294   13.22455  1.000 24.27252  ? 865  PRO A N   1 
ATOM   499  C CA  . PRO A 1 67  ? -5.79635  1.05702   13.22676  1.000 24.51310  ? 865  PRO A CA  1 
ATOM   500  C C   . PRO A 1 67  ? -6.84953  1.30524   12.16157  1.000 27.26721  ? 865  PRO A C   1 
ATOM   501  O O   . PRO A 1 67  ? -7.57024  0.36668   11.79761  1.000 31.62305  ? 865  PRO A O   1 
ATOM   502  C CB  . PRO A 1 67  ? -6.38403  1.16293   14.64132  1.000 43.15638  ? 865  PRO A CB  1 
ATOM   503  C CG  . PRO A 1 67  ? -5.88194  2.44844   15.20275  1.000 43.61118  ? 865  PRO A CG  1 
ATOM   504  C CD  . PRO A 1 67  ? -4.64694  2.85373   14.45193  1.000 32.37203  ? 865  PRO A CD  1 
ATOM   505  N N   . GLU A 1 68  ? -6.97263  2.53120   11.65395  1.000 25.67954  ? 866  GLU A N   1 
ATOM   506  C CA  . GLU A 1 68  ? -8.00588  2.85839   10.68153  1.000 28.14747  ? 866  GLU A CA  1 
ATOM   507  C C   . GLU A 1 68  ? -7.49541  2.86919   9.24203   1.000 26.05005  ? 866  GLU A C   1 
ATOM   508  O O   . GLU A 1 68  ? -8.17555  3.40102   8.36007   1.000 27.49942  ? 866  GLU A O   1 
ATOM   509  C CB  . GLU A 1 68  ? -8.67081  4.19241   11.02867  1.000 33.99185  ? 866  GLU A CB  1 
ATOM   510  N N   . VAL A 1 69  ? -6.32453  2.28892   8.97542   1.000 20.60204  ? 867  VAL A N   1 
ATOM   511  C CA  . VAL A 1 69  ? -5.82776  2.27497   7.60435   1.000 16.48342  ? 867  VAL A CA  1 
ATOM   512  C C   . VAL A 1 69  ? -6.71617  1.40284   6.72468   1.000 20.34145  ? 867  VAL A C   1 
ATOM   513  O O   . VAL A 1 69  ? -7.12684  0.29839   7.10902   1.000 20.62199  ? 867  VAL A O   1 
ATOM   514  C CB  . VAL A 1 69  ? -4.34284  1.87080   7.55132   1.000 19.17872  ? 867  VAL A CB  1 
ATOM   515  C CG1 . VAL A 1 69  ? -4.14273  0.42407   8.00089   1.000 25.08625  ? 867  VAL A CG1 1 
ATOM   516  C CG2 . VAL A 1 69  ? -3.78431  2.08854   6.15162   1.000 23.98199  ? 867  VAL A CG2 1 
ATOM   517  N N   . ASP A 1 70  ? -7.02869  1.90979   5.53357   1.000 17.69390  ? 868  ASP A N   1 
ATOM   518  C CA  . ASP A 1 70  ? -7.92456  1.24427   4.59519   1.000 18.02929  ? 868  ASP A CA  1 
ATOM   519  C C   . ASP A 1 70  ? -7.07984  0.41191   3.63423   1.000 17.78963  ? 868  ASP A C   1 
ATOM   520  O O   . ASP A 1 70  ? -6.37402  0.95575   2.77785   1.000 18.66562  ? 868  ASP A O   1 
ATOM   521  C CB  . ASP A 1 70  ? -8.73105  2.29869   3.84302   1.000 18.10990  ? 868  ASP A CB  1 
ATOM   522  C CG  . ASP A 1 70  ? -9.78407  1.70238   2.93801   1.000 25.30382  ? 868  ASP A CG  1 
ATOM   523  O OD1 . ASP A 1 70  ? -9.88924  0.45997   2.85576   1.000 24.77448  ? 868  ASP A OD1 1 
ATOM   524  O OD2 . ASP A 1 70  ? -10.49829 2.49631   2.28488   1.000 32.93779  ? 868  ASP A OD2 1 
ATOM   525  N N   . LEU A 1 71  ? -7.15146  -0.90269  3.76589   1.000 16.22173  ? 869  LEU A N   1 
ATOM   526  C CA  . LEU A 1 71  ? -6.35819  -1.79266  2.93378   1.000 16.34181  ? 869  LEU A CA  1 
ATOM   527  C C   . LEU A 1 71  ? -7.00481  -2.06156  1.58268   1.000 16.39161  ? 869  LEU A C   1 
ATOM   528  O O   . LEU A 1 71  ? -6.40181  -2.74398  0.75258   1.000 16.83732  ? 869  LEU A O   1 
ATOM   529  C CB  . LEU A 1 71  ? -6.12519  -3.10972  3.68121   1.000 17.12432  ? 869  LEU A CB  1 
ATOM   530  C CG  . LEU A 1 71  ? -5.51284  -2.99469  5.07941   1.000 23.02677  ? 869  LEU A CG  1 
ATOM   531  C CD1 . LEU A 1 71  ? -5.24087  -4.38826  5.63153   1.000 24.08257  ? 869  LEU A CD1 1 
ATOM   532  C CD2 . LEU A 1 71  ? -4.23464  -2.20634  5.06755   1.000 26.00291  ? 869  LEU A CD2 1 
ATOM   533  N N   . LEU A 1 72  ? -8.22084  -1.56700  1.35847   1.000 15.83626  ? 870  LEU A N   1 
ATOM   534  C CA  . LEU A 1 72  ? -8.94647  -1.76874  0.11162   1.000 15.74696  ? 870  LEU A CA  1 
ATOM   535  C C   . LEU A 1 72  ? -9.00140  -0.51343  -0.74349  1.000 16.51577  ? 870  LEU A C   1 
ATOM   536  O O   . LEU A 1 72  ? -9.70655  -0.49991  -1.75570  1.000 18.24881  ? 870  LEU A O   1 
ATOM   537  C CB  . LEU A 1 72  ? -10.36460 -2.27800  0.39425   1.000 15.47713  ? 870  LEU A CB  1 
ATOM   538  C CG  . LEU A 1 72  ? -10.42626 -3.66043  1.04867   1.000 20.29901  ? 870  LEU A CG  1 
ATOM   539  C CD1 . LEU A 1 72  ? -11.86259 -3.97103  1.46407   1.000 20.97538  ? 870  LEU A CD1 1 
ATOM   540  C CD2 . LEU A 1 72  ? -9.90891  -4.70844  0.09504   1.000 26.16831  ? 870  LEU A CD2 1 
ATOM   541  N N   . THR A 1 73  ? -8.26970  0.53817   -0.36838  1.000 16.43446  ? 871  THR A N   1 
ATOM   542  C CA  . THR A 1 73  ? -8.19108  1.71761   -1.21072  1.000 17.30916  ? 871  THR A CA  1 
ATOM   543  C C   . THR A 1 73  ? -7.60598  1.32151   -2.56582  1.000 16.78493  ? 871  THR A C   1 
ATOM   544  O O   . THR A 1 73  ? -6.79039  0.40860   -2.66747  1.000 16.11182  ? 871  THR A O   1 
ATOM   545  C CB  . THR A 1 73  ? -7.32583  2.76454   -0.49594  1.000 19.19748  ? 871  THR A CB  1 
ATOM   546  O OG1 . THR A 1 73  ? -7.33158  3.98361   -1.23617  1.000 26.32247  ? 871  THR A OG1 1 
ATOM   547  C CG2 . THR A 1 73  ? -5.89925  2.25926   -0.30029  1.000 16.15835  ? 871  THR A CG2 1 
ATOM   548  N N   . GLN A 1 74  ? -8.05192  1.98601   -3.63022  1.000 16.96414  ? 872  GLN A N   1 
ATOM   549  C CA  . GLN A 1 74  ? -7.64952  1.55144   -4.96335  1.000 16.01504  ? 872  GLN A CA  1 
ATOM   550  C C   . GLN A 1 74  ? -7.54133  2.73046   -5.91637  1.000 15.64130  ? 872  GLN A C   1 
ATOM   551  O O   . GLN A 1 74  ? -8.22649  3.74226   -5.75644  1.000 17.67477  ? 872  GLN A O   1 
ATOM   552  C CB  . GLN A 1 74  ? -8.62800  0.52984   -5.56286  1.000 18.88613  ? 872  GLN A CB  1 
ATOM   553  C CG  . GLN A 1 74  ? -10.09060 1.01111   -5.63614  1.000 18.31939  ? 872  GLN A CG  1 
ATOM   554  C CD  . GLN A 1 74  ? -10.39675 1.86083   -6.86372  1.000 19.79270  ? 872  GLN A CD  1 
ATOM   555  O OE1 . GLN A 1 74  ? -9.71030  1.78643   -7.87417  1.000 20.08807  ? 872  GLN A OE1 1 
ATOM   556  N NE2 . GLN A 1 74  ? -11.45385 2.66142   -6.77737  1.000 21.73322  ? 872  GLN A NE2 1 
ATOM   557  N N   . VAL A 1 75  ? -6.65538  2.58661   -6.90094  1.000 14.38217  ? 873  VAL A N   1 
ATOM   558  C CA  . VAL A 1 75  ? -6.65349  3.38222   -8.12479  1.000 14.65014  ? 873  VAL A CA  1 
ATOM   559  C C   . VAL A 1 75  ? -6.64642  2.39831   -9.28081  1.000 15.14001  ? 873  VAL A C   1 
ATOM   560  O O   . VAL A 1 75  ? -5.80061  1.49580   -9.32309  1.000 15.88499  ? 873  VAL A O   1 
ATOM   561  C CB  . VAL A 1 75  ? -5.40494  4.27041   -8.20880  1.000 15.09546  ? 873  VAL A CB  1 
ATOM   562  C CG1 . VAL A 1 75  ? -5.37423  5.01731   -9.55053  1.000 17.04906  ? 873  VAL A CG1 1 
ATOM   563  C CG2 . VAL A 1 75  ? -5.37493  5.23073   -7.03904  1.000 17.32655  ? 873  VAL A CG2 1 
ATOM   564  N N   . ASP A 1 76  ? -7.57480  2.56871   -10.22228 1.000 14.80512  ? 874  ASP A N   1 
ATOM   565  C CA  . ASP A 1 76  ? -7.73514  1.59727   -11.30953 1.000 15.81636  ? 874  ASP A CA  1 
ATOM   566  C C   . ASP A 1 76  ? -7.91131  0.17827   -10.77299 1.000 16.35108  ? 874  ASP A C   1 
ATOM   567  O O   . ASP A 1 76  ? -7.50298  -0.79751  -11.40938 1.000 17.03004  ? 874  ASP A O   1 
ATOM   568  C CB  . ASP A 1 76  ? -6.58486  1.66733   -12.32508 1.000 19.54667  ? 874  ASP A CB  1 
ATOM   569  C CG  . ASP A 1 76  ? -6.33799  3.08690   -12.84036 1.000 20.12207  ? 874  ASP A CG  1 
ATOM   570  O OD1 . ASP A 1 76  ? -7.30794  3.87262   -12.89121 1.000 21.56450  ? 874  ASP A OD1 1 
ATOM   571  O OD2 . ASP A 1 76  ? -5.18035  3.40497   -13.18894 1.000 90.91943  ? 874  ASP A OD2 1 
ATOM   572  N N   . GLY A 1 77  ? -8.51261  0.05797   -9.58726  1.000 16.60403  ? 875  GLY A N   1 
ATOM   573  C CA  . GLY A 1 77  ? -8.69329  -1.22926  -8.95751  1.000 15.03414  ? 875  GLY A CA  1 
ATOM   574  C C   . GLY A 1 77  ? -7.45846  -1.79454  -8.29740  1.000 15.36690  ? 875  GLY A C   1 
ATOM   575  O O   . GLY A 1 77  ? -7.53338  -2.89063  -7.72912  1.000 15.53483  ? 875  GLY A O   1 
ATOM   576  N N   . VAL A 1 78  ? -6.33107  -1.09158  -8.35854  1.000 14.21208  ? 876  VAL A N   1 
ATOM   577  C CA  . VAL A 1 78  ? -5.07837  -1.56229  -7.77779  1.000 14.77878  ? 876  VAL A CA  1 
ATOM   578  C C   . VAL A 1 78  ? -5.10609  -1.24991  -6.28454  1.000 14.67726  ? 876  VAL A C   1 
ATOM   579  O O   . VAL A 1 78  ? -5.03719  -0.08741  -5.88175  1.000 14.94608  ? 876  VAL A O   1 
ATOM   580  C CB  . VAL A 1 78  ? -3.87458  -0.89414  -8.45048  1.000 15.05313  ? 876  VAL A CB  1 
ATOM   581  C CG1 . VAL A 1 78  ? -2.58177  -1.33124  -7.78608  1.000 15.49450  ? 876  VAL A CG1 1 
ATOM   582  C CG2 . VAL A 1 78  ? -3.86475  -1.20267  -9.94298  1.000 17.75746  ? 876  VAL A CG2 1 
ATOM   583  N N   . THR A 1 79  ? -5.19452  -2.28919  -5.46413  1.000 12.40511  ? 877  THR A N   1 
ATOM   584  C CA  . THR A 1 79  ? -5.10137  -2.16597  -4.01301  1.000 13.89477  ? 877  THR A CA  1 
ATOM   585  C C   . THR A 1 79  ? -3.65890  -2.29030  -3.56687  1.000 14.57775  ? 877  THR A C   1 
ATOM   586  O O   . THR A 1 79  ? -2.78156  -2.67517  -4.34345  1.000 13.17042  ? 877  THR A O   1 
ATOM   587  C CB  . THR A 1 79  ? -5.88435  -3.29599  -3.35827  1.000 16.08872  ? 877  THR A CB  1 
ATOM   588  O OG1 . THR A 1 79  ? -5.26424  -4.55192  -3.67150  1.000 14.18870  ? 877  THR A OG1 1 
ATOM   589  C CG2 . THR A 1 79  ? -7.33382  -3.28822  -3.79633  1.000 15.69327  ? 877  THR A CG2 1 
ATOM   590  N N   . PRO A 1 80  ? -3.36558  -1.97961  -2.29145  1.000 14.59922  ? 878  PRO A N   1 
ATOM   591  C CA  . PRO A 1 80  ? -2.00005  -2.19824  -1.78366  1.000 14.99210  ? 878  PRO A CA  1 
ATOM   592  C C   . PRO A 1 80  ? -1.46796  -3.59942  -2.03550  1.000 13.49691  ? 878  PRO A C   1 
ATOM   593  O O   . PRO A 1 80  ? -0.30632  -3.74849  -2.41747  1.000 13.13868  ? 878  PRO A O   1 
ATOM   594  C CB  . PRO A 1 80  ? -2.13749  -1.86972  -0.29257  1.000 15.03596  ? 878  PRO A CB  1 
ATOM   595  C CG  . PRO A 1 80  ? -3.22433  -0.81586  -0.26437  1.000 15.56312  ? 878  PRO A CG  1 
ATOM   596  C CD  . PRO A 1 80  ? -4.20171  -1.24075  -1.32079  1.000 15.19548  ? 878  PRO A CD  1 
ATOM   597  N N   . LEU A 1 81  ? -2.28568  -4.63856  -1.85104  1.000 13.94765  ? 879  LEU A N   1 
ATOM   598  C CA  . LEU A 1 81  ? -1.79719  -5.99770  -2.08922  1.000 15.34377  ? 879  LEU A CA  1 
ATOM   599  C C   . LEU A 1 81  ? -1.47573  -6.24581  -3.56019  1.000 14.85222  ? 879  LEU A C   1 
ATOM   600  O O   . LEU A 1 81  ? -0.50927  -6.95092  -3.86807  1.000 15.31245  ? 879  LEU A O   1 
ATOM   601  C CB  . LEU A 1 81  ? -2.76557  -7.04480  -1.54169  1.000 13.29850  ? 879  LEU A CB  1 
ATOM   602  C CG  . LEU A 1 81  ? -2.25893  -8.48303  -1.64942  1.000 13.60279  ? 879  LEU A CG  1 
ATOM   603  C CD1 . LEU A 1 81  ? -1.02796  -8.69764  -0.79870  1.000 15.67880  ? 879  LEU A CD1 1 
ATOM   604  C CD2 . LEU A 1 81  ? -3.38053  -9.40793  -1.21830  1.000 16.56199  ? 879  LEU A CD2 1 
ATOM   605  N N   . HIS A 1 82  ? -2.27055  -5.68712  -4.48569  1.000 14.21565  ? 880  HIS A N   1 
ATOM   606  C CA  . HIS A 1 82  ? -1.90677  -5.74620  -5.90475  1.000 15.21632  ? 880  HIS A CA  1 
ATOM   607  C C   . HIS A 1 82  ? -0.55002  -5.10151  -6.12230  1.000 16.36292  ? 880  HIS A C   1 
ATOM   608  O O   . HIS A 1 82  ? 0.31122   -5.64421  -6.82001  1.000 16.23296  ? 880  HIS A O   1 
ATOM   609  C CB  . HIS A 1 82  ? -2.90242  -4.96197  -6.76439  1.000 15.12517  ? 880  HIS A CB  1 
ATOM   610  C CG  . HIS A 1 82  ? -4.19861  -5.66251  -7.02542  1.000 13.81215  ? 880  HIS A CG  1 
ATOM   611  N ND1 . HIS A 1 82  ? -5.34657  -5.37646  -6.32033  1.000 16.01987  ? 880  HIS A ND1 1 
ATOM   612  C CD2 . HIS A 1 82  ? -4.55206  -6.57519  -7.96329  1.000 15.59883  ? 880  HIS A CD2 1 
ATOM   613  C CE1 . HIS A 1 82  ? -6.34395  -6.10633  -6.78879  1.000 17.54656  ? 880  HIS A CE1 1 
ATOM   614  N NE2 . HIS A 1 82  ? -5.88670  -6.84496  -7.78332  1.000 17.21222  ? 880  HIS A NE2 1 
ATOM   615  N N   . ASP A 1 83  ? -0.36445  -3.91366  -5.55314  1.000 14.19490  ? 881  ASP A N   1 
ATOM   616  C CA  . ASP A 1 83  ? 0.88322   -3.17898  -5.72961  1.000 17.14979  ? 881  ASP A CA  1 
ATOM   617  C C   . ASP A 1 83  ? 2.05996   -4.01005  -5.25276  1.000 18.11298  ? 881  ASP A C   1 
ATOM   618  O O   . ASP A 1 83  ? 3.06396   -4.15866  -5.95761  1.000 19.59899  ? 881  ASP A O   1 
ATOM   619  C CB  . ASP A 1 83  ? 0.83322   -1.89037  -4.90809  1.000 18.56184  ? 881  ASP A CB  1 
ATOM   620  C CG  . ASP A 1 83  ? 0.81157   -0.65284  -5.75454  1.000 21.69818  ? 881  ASP A CG  1 
ATOM   621  O OD1 . ASP A 1 83  ? 1.30938   -0.69825  -6.90059  1.000 22.65839  ? 881  ASP A OD1 1 
ATOM   622  O OD2 . ASP A 1 83  ? 0.32880   0.37095   -5.23257  1.000 21.04918  ? 881  ASP A OD2 1 
ATOM   623  N N   . ALA A 1 84  ? 1.95991   -4.54630  -4.03644  1.000 16.12162  ? 882  ALA A N   1 
ATOM   624  C CA  . ALA A 1 84  ? 3.05526   -5.32764  -3.47807  1.000 16.10191  ? 882  ALA A CA  1 
ATOM   625  C C   . ALA A 1 84  ? 3.35788   -6.55159  -4.33148  1.000 18.34492  ? 882  ALA A C   1 
ATOM   626  O O   . ALA A 1 84  ? 4.50831   -6.78020  -4.71949  1.000 19.48734  ? 882  ALA A O   1 
ATOM   627  C CB  . ALA A 1 84  ? 2.70933   -5.76138  -2.05808  1.000 17.47184  ? 882  ALA A CB  1 
ATOM   628  N N   . LEU A 1 85  ? 2.33911   -7.35570  -4.63915  1.000 17.72665  ? 883  LEU A N   1 
ATOM   629  C CA  . LEU A 1 85  ? 2.62469   -8.61913  -5.30506  1.000 16.69019  ? 883  LEU A CA  1 
ATOM   630  C C   . LEU A 1 85  ? 3.02991   -8.42089  -6.76180  1.000 20.64099  ? 883  LEU A C   1 
ATOM   631  O O   . LEU A 1 85  ? 3.86955   -9.17412  -7.27132  1.000 19.42828  ? 883  LEU A O   1 
ATOM   632  C CB  . LEU A 1 85  ? 1.45534   -9.59212  -5.13567  1.000 17.12723  ? 883  LEU A CB  1 
ATOM   633  C CG  . LEU A 1 85  ? 1.16752   -10.02698 -3.69454  1.000 17.56887  ? 883  LEU A CG  1 
ATOM   634  C CD1 . LEU A 1 85  ? 0.00788   -11.03010 -3.64694  1.000 19.60195  ? 883  LEU A CD1 1 
ATOM   635  C CD2 . LEU A 1 85  ? 2.41871   -10.64253 -3.07831  1.000 18.54666  ? 883  LEU A CD2 1 
ATOM   636  N N   . SER A 1 86  ? 2.48144   -7.40372  -7.43912  1.000 18.62443  ? 884  SER A N   1 
ATOM   637  C CA  . SER A 1 86  ? 2.87435   -7.15855  -8.82419  1.000 18.50511  ? 884  SER A CA  1 
ATOM   638  C C   . SER A 1 86  ? 4.35106   -6.80791  -8.92982  1.000 22.87170  ? 884  SER A C   1 
ATOM   639  O O   . SER A 1 86  ? 4.98176   -7.09309  -9.95239  1.000 24.24050  ? 884  SER A O   1 
ATOM   640  C CB  . SER A 1 86  ? 2.02366   -6.05143  -9.44159  1.000 21.95314  ? 884  SER A CB  1 
ATOM   641  O OG  . SER A 1 86  ? 2.33524   -4.79391  -8.87473  1.000 27.16986  ? 884  SER A OG  1 
ATOM   642  N N   . ASN A 1 87  ? 4.92297   -6.20527  -7.88847  1.000 18.55190  ? 885  ASN A N   1 
ATOM   643  C CA  . ASN A 1 87  ? 6.34071   -5.87471  -7.87125  1.000 20.12803  ? 885  ASN A CA  1 
ATOM   644  C C   . ASN A 1 87  ? 7.17596   -6.87865  -7.08878  1.000 20.94143  ? 885  ASN A C   1 
ATOM   645  O O   . ASN A 1 87  ? 8.34199   -6.60211  -6.79485  1.000 23.63369  ? 885  ASN A O   1 
ATOM   646  C CB  . ASN A 1 87  ? 6.56369   -4.43981  -7.37851  1.000 20.31139  ? 885  ASN A CB  1 
ATOM   647  C CG  . ASN A 1 87  ? 6.29936   -3.40393  -8.47000  1.000 22.18378  ? 885  ASN A CG  1 
ATOM   648  O OD1 . ASN A 1 87  ? 6.18374   -3.74890  -9.64962  1.000 28.99117  ? 885  ASN A OD1 1 
ATOM   649  N ND2 . ASN A 1 87  ? 6.19307   -2.13758  -8.08208  1.000 23.79337  ? 885  ASN A ND2 1 
ATOM   650  N N   . GLY A 1 88  ? 6.61246   -8.04150  -6.74917  1.000 19.73593  ? 886  GLY A N   1 
ATOM   651  C CA  . GLY A 1 88  ? 7.39482   -9.10323  -6.13807  1.000 19.97362  ? 886  GLY A CA  1 
ATOM   652  C C   . GLY A 1 88  ? 7.67960   -8.96248  -4.65870  1.000 23.81255  ? 886  GLY A C   1 
ATOM   653  O O   . GLY A 1 88  ? 8.53467   -9.68948  -4.13975  1.000 23.50691  ? 886  GLY A O   1 
ATOM   654  N N   . HIS A 1 89  ? 6.98096   -8.07137  -3.95464  1.000 19.01131  ? 887  HIS A N   1 
ATOM   655  C CA  . HIS A 1 89  ? 7.24781   -7.81075  -2.53910  1.000 17.30708  ? 887  HIS A CA  1 
ATOM   656  C C   . HIS A 1 89  ? 6.38853   -8.75189  -1.69659  1.000 19.94686  ? 887  HIS A C   1 
ATOM   657  O O   . HIS A 1 89  ? 5.35787   -8.38659  -1.12236  1.000 18.86086  ? 887  HIS A O   1 
ATOM   658  C CB  . HIS A 1 89  ? 7.01766   -6.34143  -2.22559  1.000 18.53074  ? 887  HIS A CB  1 
ATOM   659  C CG  . HIS A 1 89  ? 7.80562   -5.42731  -3.10896  1.000 18.54423  ? 887  HIS A CG  1 
ATOM   660  N ND1 . HIS A 1 89  ? 9.16610   -5.56596  -3.27854  1.000 21.96500  ? 887  HIS A ND1 1 
ATOM   661  C CD2 . HIS A 1 89  ? 7.43291   -4.37919  -3.87808  1.000 17.42555  ? 887  HIS A CD2 1 
ATOM   662  C CE1 . HIS A 1 89  ? 9.59750   -4.63618  -4.11237  1.000 19.91880  ? 887  HIS A CE1 1 
ATOM   663  N NE2 . HIS A 1 89  ? 8.56658   -3.90515  -4.49250  1.000 18.43507  ? 887  HIS A NE2 1 
ATOM   664  N N   . VAL A 1 90  ? 6.84414   -10.00073 -1.62580  1.000 20.90610  ? 888  VAL A N   1 
ATOM   665  C CA  . VAL A 1 90  ? 6.07770   -11.04968 -0.95715  1.000 23.61072  ? 888  VAL A CA  1 
ATOM   666  C C   . VAL A 1 90  ? 5.97346   -10.78736 0.54305   1.000 19.92030  ? 888  VAL A C   1 
ATOM   667  O O   . VAL A 1 90  ? 4.92942   -11.04381 1.15425   1.000 19.53512  ? 888  VAL A O   1 
ATOM   668  C CB  . VAL A 1 90  ? 6.68565   -12.42803 -1.27206  1.000 23.11048  ? 888  VAL A CB  1 
ATOM   669  C CG1 . VAL A 1 90  ? 6.00713   -13.52406 -0.45421  1.000 25.70574  ? 888  VAL A CG1 1 
ATOM   670  C CG2 . VAL A 1 90  ? 6.59414   -12.72062 -2.75662  1.000 27.14658  ? 888  VAL A CG2 1 
ATOM   671  N N   . GLU A 1 91  ? 7.03517   -10.26920 1.16444   1.000 20.50904  ? 889  GLU A N   1 
ATOM   672  C CA  . GLU A 1 91  ? 6.98501   -10.03461 2.60939   1.000 20.25590  ? 889  GLU A CA  1 
ATOM   673  C C   . GLU A 1 91  ? 5.93860   -8.98390  2.96780   1.000 20.25979  ? 889  GLU A C   1 
ATOM   674  O O   . GLU A 1 91  ? 5.20116   -9.13071  3.95373   1.000 17.19578  ? 889  GLU A O   1 
ATOM   675  C CB  . GLU A 1 91  ? 8.36451   -9.64432  3.14402   1.000 24.40909  ? 889  GLU A CB  1 
ATOM   676  N N   . ILE A 1 92  ? 5.83312   -7.93137  2.15682   1.000 17.22949  ? 890  ILE A N   1 
ATOM   677  C CA  . ILE A 1 92  ? 4.76291   -6.96037  2.34324   1.000 16.31867  ? 890  ILE A CA  1 
ATOM   678  C C   . ILE A 1 92  ? 3.40570   -7.62069  2.15882   1.000 13.89835  ? 890  ILE A C   1 
ATOM   679  O O   . ILE A 1 92  ? 2.46613   -7.35292  2.91446   1.000 15.89627  ? 890  ILE A O   1 
ATOM   680  C CB  . ILE A 1 92  ? 4.95774   -5.76683  1.39586   1.000 15.68804  ? 890  ILE A CB  1 
ATOM   681  C CG1 . ILE A 1 92  ? 6.11422   -4.89528  1.91049   1.000 18.86223  ? 890  ILE A CG1 1 
ATOM   682  C CG2 . ILE A 1 92  ? 3.67070   -4.96397  1.28313   1.000 16.94886  ? 890  ILE A CG2 1 
ATOM   683  C CD1 . ILE A 1 92  ? 6.47829   -3.73991  0.98545   1.000 17.95720  ? 890  ILE A CD1 1 
ATOM   684  N N   . GLY A 1 93  ? 3.27646   -8.47456  1.14465   1.000 15.90595  ? 891  GLY A N   1 
ATOM   685  C CA  . GLY A 1 93  ? 2.01827   -9.17736  0.93967   1.000 15.85848  ? 891  GLY A CA  1 
ATOM   686  C C   . GLY A 1 93  ? 1.60564   -9.98217  2.15719   1.000 15.60378  ? 891  GLY A C   1 
ATOM   687  O O   . GLY A 1 93  ? 0.43776   -9.97267  2.55391   1.000 15.18695  ? 891  GLY A O   1 
ATOM   688  N N   . LYS A 1 94  ? 2.57297   -10.64095 2.80252   1.000 16.68447  ? 892  LYS A N   1 
ATOM   689  C CA  . LYS A 1 94  ? 2.26350   -11.38227 4.02600   1.000 16.43975  ? 892  LYS A CA  1 
ATOM   690  C C   . LYS A 1 94  ? 1.80950   -10.45221 5.15036   1.000 14.46605  ? 892  LYS A C   1 
ATOM   691  O O   . LYS A 1 94  ? 0.84210   -10.75429 5.85945   1.000 15.61278  ? 892  LYS A O   1 
ATOM   692  C CB  . LYS A 1 94  ? 3.47477   -12.20686 4.46932   1.000 18.14071  ? 892  LYS A CB  1 
ATOM   693  C CG  . LYS A 1 94  ? 3.82658   -13.31691 3.50473   1.000 18.66225  ? 892  LYS A CG  1 
ATOM   694  C CD  . LYS A 1 94  ? 4.91221   -14.21263 4.07122   1.000 24.13204  ? 892  LYS A CD  1 
ATOM   695  C CE  . LYS A 1 94  ? 5.19736   -15.36477 3.12298   1.000 28.71436  ? 892  LYS A CE  1 
ATOM   696  N NZ  . LYS A 1 94  ? 6.44699   -16.08386 3.49636   1.000 38.33150  ? 892  LYS A NZ  1 
ATOM   697  N N   . LEU A 1 95  ? 2.49089   -9.31890  5.33283   1.000 14.43549  ? 893  LEU A N   1 
ATOM   698  C CA  . LEU A 1 95  ? 2.07137   -8.34843  6.34201   1.000 16.73553  ? 893  LEU A CA  1 
ATOM   699  C C   . LEU A 1 95  ? 0.64653   -7.87951  6.09842   1.000 16.10835  ? 893  LEU A C   1 
ATOM   700  O O   . LEU A 1 95  ? -0.16401  -7.79813  7.03113   1.000 16.04130  ? 893  LEU A O   1 
ATOM   701  C CB  . LEU A 1 95  ? 3.01900   -7.14851  6.35269   1.000 17.11809  ? 893  LEU A CB  1 
ATOM   702  C CG  . LEU A 1 95  ? 4.43163   -7.43766  6.84362   1.000 20.38807  ? 893  LEU A CG  1 
ATOM   703  C CD1 . LEU A 1 95  ? 5.33349   -6.26042  6.52151   1.000 22.98447  ? 893  LEU A CD1 1 
ATOM   704  C CD2 . LEU A 1 95  ? 4.42943   -7.70783  8.34561   1.000 25.73870  ? 893  LEU A CD2 1 
ATOM   705  N N   . LEU A 1 96  ? 0.32586   -7.54957  4.84505   1.000 15.78314  ? 894  LEU A N   1 
ATOM   706  C CA  . LEU A 1 96  ? -1.00351  -7.04259  4.53892   1.000 13.46088  ? 894  LEU A CA  1 
ATOM   707  C C   . LEU A 1 96  ? -2.05565  -8.09289  4.84910   1.000 14.84113  ? 894  LEU A C   1 
ATOM   708  O O   . LEU A 1 96  ? -3.09824  -7.79486  5.44049   1.000 15.00343  ? 894  LEU A O   1 
ATOM   709  C CB  . LEU A 1 96  ? -1.07566  -6.64477  3.06374   1.000 13.50146  ? 894  LEU A CB  1 
ATOM   710  C CG  . LEU A 1 96  ? -0.24491  -5.43799  2.64326   1.000 13.85993  ? 894  LEU A CG  1 
ATOM   711  C CD1 . LEU A 1 96  ? -0.24118  -5.34510  1.13049   1.000 13.84680  ? 894  LEU A CD1 1 
ATOM   712  C CD2 . LEU A 1 96  ? -0.81028  -4.17788  3.25477   1.000 17.18457  ? 894  LEU A CD2 1 
ATOM   713  N N   . LEU A 1 97  ? -1.79585  -9.32624  4.44571   1.000 13.85638  ? 895  LEU A N   1 
ATOM   714  C CA  . LEU A 1 97  ? -2.77575  -10.39220 4.64385   1.000 15.71617  ? 895  LEU A CA  1 
ATOM   715  C C   . LEU A 1 97  ? -2.90940  -10.76813 6.11499   1.000 17.22953  ? 895  LEU A C   1 
ATOM   716  O O   . LEU A 1 97  ? -4.01202  -11.08143 6.58496   1.000 16.20673  ? 895  LEU A O   1 
ATOM   717  C CB  . LEU A 1 97  ? -2.39748  -11.59720 3.78960   1.000 15.65465  ? 895  LEU A CB  1 
ATOM   718  C CG  . LEU A 1 97  ? -2.65651  -11.41587 2.29409   1.000 14.57567  ? 895  LEU A CG  1 
ATOM   719  C CD1 . LEU A 1 97  ? -1.85208  -12.43161 1.50031   1.000 15.47052  ? 895  LEU A CD1 1 
ATOM   720  C CD2 . LEU A 1 97  ? -4.14082  -11.54654 1.98720   1.000 14.55760  ? 895  LEU A CD2 1 
ATOM   721  N N   . GLN A 1 98  ? -1.80442  -10.73087 6.85810   1.000 15.80046  ? 896  GLN A N   1 
ATOM   722  C CA  . GLN A 1 98  ? -1.88123  -10.99974 8.28854   1.000 15.72866  ? 896  GLN A CA  1 
ATOM   723  C C   . GLN A 1 98  ? -2.73256  -9.95601  8.99945   1.000 18.57625  ? 896  GLN A C   1 
ATOM   724  O O   . GLN A 1 98  ? -3.37025  -10.25777 10.01327  1.000 19.08243  ? 896  GLN A O   1 
ATOM   725  C CB  . GLN A 1 98  ? -0.46075  -11.06638 8.85901   1.000 20.54258  ? 896  GLN A CB  1 
ATOM   726  C CG  . GLN A 1 98  ? -0.37362  -11.34725 10.35027  1.000 34.13486  ? 896  GLN A CG  1 
ATOM   727  C CD  . GLN A 1 98  ? 1.00297   -11.05712 10.92104  1.000 104.01375 ? 896  GLN A CD  1 
ATOM   728  O OE1 . GLN A 1 98  ? 1.70179   -10.14974 10.46837  1.000 39.37221  ? 896  GLN A OE1 1 
ATOM   729  N NE2 . GLN A 1 98  ? 1.40576   -11.84230 11.91183  1.000 71.81811  ? 896  GLN A NE2 1 
ATOM   730  N N   . HIS A 1 99  ? -2.77109  -8.72676  8.47590   1.000 15.26232  ? 897  HIS A N   1 
ATOM   731  C CA  . HIS A 1 99  ? -3.54671  -7.64741  9.07180   1.000 18.62986  ? 897  HIS A CA  1 
ATOM   732  C C   . HIS A 1 99  ? -4.98354  -7.61058  8.55656   1.000 19.13071  ? 897  HIS A C   1 
ATOM   733  O O   . HIS A 1 99  ? -5.91417  -7.35110  9.32963   1.000 20.93658  ? 897  HIS A O   1 
ATOM   734  C CB  . HIS A 1 99  ? -2.86582  -6.30935  8.76217   1.000 17.26109  ? 897  HIS A CB  1 
ATOM   735  C CG  . HIS A 1 99  ? -3.48156  -5.13806  9.45639   1.000 22.28642  ? 897  HIS A CG  1 
ATOM   736  N ND1 . HIS A 1 99  ? -3.21790  -4.83553  10.77587  1.000 41.80280  ? 897  HIS A ND1 1 
ATOM   737  C CD2 . HIS A 1 99  ? -4.34576  -4.19121  9.01870   1.000 33.90071  ? 897  HIS A CD2 1 
ATOM   738  C CE1 . HIS A 1 99  ? -3.89225  -3.75215  11.11932  1.000 45.59596  ? 897  HIS A CE1 1 
ATOM   739  N NE2 . HIS A 1 99  ? -4.58648  -3.34324  10.07247  1.000 85.09672  ? 897  HIS A NE2 1 
ATOM   740  N N   . GLY A 1 100 ? -5.19211  -7.89054  7.27033   1.000 17.65652  ? 898  GLY A N   1 
ATOM   741  C CA  . GLY A 1 100 ? -6.46223  -7.60488  6.62830   1.000 15.79450  ? 898  GLY A CA  1 
ATOM   742  C C   . GLY A 1 100 ? -7.38892  -8.76961  6.33010   1.000 19.84870  ? 898  GLY A C   1 
ATOM   743  O O   . GLY A 1 100 ? -8.56374  -8.54348  6.03326   1.000 17.77824  ? 898  GLY A O   1 
ATOM   744  N N   . GLY A 1 101 ? -6.90170  -10.00687 6.39301   1.000 83.08414  ? 899  GLY A N   1 
ATOM   745  C CA  . GLY A 1 101 ? -7.73682  -11.15637 6.11796   1.000 16.74931  ? 899  GLY A CA  1 
ATOM   746  C C   . GLY A 1 101 ? -7.92166  -11.38970 4.63342   1.000 14.79627  ? 899  GLY A C   1 
ATOM   747  O O   . GLY A 1 101 ? -7.37675  -10.68288 3.77020   1.000 16.20428  ? 899  GLY A O   1 
ATOM   748  N N   . PRO A 1 102 ? -8.72716  -12.39960 4.31008   1.000 14.98489  ? 900  PRO A N   1 
ATOM   749  C CA  . PRO A 1 102 ? -8.80938  -12.87648 2.92669   1.000 14.08485  ? 900  PRO A CA  1 
ATOM   750  C C   . PRO A 1 102 ? -9.58939  -11.97270 1.97585   1.000 14.27659  ? 900  PRO A C   1 
ATOM   751  O O   . PRO A 1 102 ? -9.50936  -12.19182 0.76058   1.000 15.20736  ? 900  PRO A O   1 
ATOM   752  C CB  . PRO A 1 102 ? -9.48235  -14.25376 3.07526   1.000 16.10938  ? 900  PRO A CB  1 
ATOM   753  C CG  . PRO A 1 102 ? -10.29475 -14.12478 4.33127   1.000 15.35170  ? 900  PRO A CG  1 
ATOM   754  C CD  . PRO A 1 102 ? -9.48344  -13.24951 5.24948   1.000 15.41694  ? 900  PRO A CD  1 
ATOM   755  N N   . VAL A 1 103 ? -10.32686 -10.97511 2.47565   1.000 14.83154  ? 901  VAL A N   1 
ATOM   756  C CA  . VAL A 1 103 ? -11.01716 -10.05495 1.56954   1.000 14.22679  ? 901  VAL A CA  1 
ATOM   757  C C   . VAL A 1 103 ? -10.01633 -9.41946  0.61684   1.000 16.85699  ? 901  VAL A C   1 
ATOM   758  O O   . VAL A 1 103 ? -10.35887 -9.09648  -0.52668  1.000 14.36443  ? 901  VAL A O   1 
ATOM   759  C CB  . VAL A 1 103 ? -11.83205 -9.01147  2.36361   1.000 14.83626  ? 901  VAL A CB  1 
ATOM   760  C CG1 . VAL A 1 103 ? -10.90380 -8.08904  3.15736   1.000 18.54581  ? 901  VAL A CG1 1 
ATOM   761  C CG2 . VAL A 1 103 ? -12.77365 -8.22354  1.43563   1.000 17.16268  ? 901  VAL A CG2 1 
ATOM   762  N N   . LEU A 1 104 ? -8.76056  -9.26561  1.04593   1.000 14.97033  ? 902  LEU A N   1 
ATOM   763  C CA  . LEU A 1 104 ? -7.75458  -8.66285  0.17283   1.000 15.09111  ? 902  LEU A CA  1 
ATOM   764  C C   . LEU A 1 104 ? -7.49103  -9.51619  -1.05887  1.000 12.80307  ? 902  LEU A C   1 
ATOM   765  O O   . LEU A 1 104 ? -7.16394  -8.97678  -2.12780  1.000 14.39337  ? 902  LEU A O   1 
ATOM   766  C CB  . LEU A 1 104 ? -6.45122  -8.45708  0.94157   1.000 14.16340  ? 902  LEU A CB  1 
ATOM   767  C CG  . LEU A 1 104 ? -6.46784  -7.63929  2.23147   1.000 18.54830  ? 902  LEU A CG  1 
ATOM   768  C CD1 . LEU A 1 104 ? -5.03224  -7.31625  2.63255   1.000 17.02309  ? 902  LEU A CD1 1 
ATOM   769  C CD2 . LEU A 1 104 ? -7.27740  -6.36581  2.08726   1.000 24.47075  ? 902  LEU A CD2 1 
ATOM   770  N N   . LEU A 1 105 ? -7.63621  -10.84132 -0.93493  1.000 14.56282  ? 903  LEU A N   1 
ATOM   771  C CA  . LEU A 1 105 ? -7.36142  -11.75547 -2.03501  1.000 14.28069  ? 903  LEU A CA  1 
ATOM   772  C C   . LEU A 1 105 ? -8.45029  -11.73040 -3.09138  1.000 14.50117  ? 903  LEU A C   1 
ATOM   773  O O   . LEU A 1 105 ? -8.21967  -12.22450 -4.19742  1.000 16.27648  ? 903  LEU A O   1 
ATOM   774  C CB  . LEU A 1 105 ? -7.24327  -13.19592 -1.50462  1.000 15.93530  ? 903  LEU A CB  1 
ATOM   775  C CG  . LEU A 1 105 ? -6.16055  -13.41141 -0.45161  1.000 15.96181  ? 903  LEU A CG  1 
ATOM   776  C CD1 . LEU A 1 105 ? -6.32978  -14.75552 0.24109   1.000 20.22352  ? 903  LEU A CD1 1 
ATOM   777  C CD2 . LEU A 1 105 ? -4.80827  -13.32888 -1.13761  1.000 19.06106  ? 903  LEU A CD2 1 
ATOM   778  N N   . GLN A 1 106 ? -9.62976  -11.18996 -2.77415  1.000 14.74795  ? 904  GLN A N   1 
ATOM   779  C CA  . GLN A 1 106 ? -10.80004 -11.24218 -3.64300  1.000 15.13307  ? 904  GLN A CA  1 
ATOM   780  C C   . GLN A 1 106 ? -10.93385 -10.04321 -4.57039  1.000 20.11401  ? 904  GLN A C   1 
ATOM   781  O O   . GLN A 1 106 ? -11.87776 -9.99329  -5.36222  1.000 17.89957  ? 904  GLN A O   1 
ATOM   782  C CB  . GLN A 1 106 ? -12.05601 -11.30869 -2.78202  1.000 15.23685  ? 904  GLN A CB  1 
ATOM   783  C CG  . GLN A 1 106 ? -12.15406 -12.55760 -1.91107  1.000 15.40130  ? 904  GLN A CG  1 
ATOM   784  C CD  . GLN A 1 106 ? -13.37221 -12.53641 -1.04722  1.000 15.30918  ? 904  GLN A CD  1 
ATOM   785  O OE1 . GLN A 1 106 ? -13.41933 -11.82472 -0.04927  1.000 16.13239  ? 904  GLN A OE1 1 
ATOM   786  N NE2 . GLN A 1 106 ? -14.38486 -13.32430 -1.42583  1.000 16.76634  ? 904  GLN A NE2 1 
ATOM   787  N N   . GLN A 1 107 ? -10.01929 -9.08084  -4.50431  1.000 70.84219  ? 905  GLN A N   1 
ATOM   788  C CA  . GLN A 1 107 ? -10.16666 -7.81022  -5.20645  1.000 18.69921  ? 905  GLN A CA  1 
ATOM   789  C C   . GLN A 1 107 ? -9.61128  -7.92567  -6.62104  1.000 16.29605  ? 905  GLN A C   1 
ATOM   790  O O   . GLN A 1 107 ? -8.43090  -8.22911  -6.81376  1.000 17.92456  ? 905  GLN A O   1 
ATOM   791  C CB  . GLN A 1 107 ? -9.40748  -6.73821  -4.43079  1.000 16.25929  ? 905  GLN A CB  1 
ATOM   792  C CG  . GLN A 1 107 ? -9.80034  -6.61088  -2.96103  1.000 16.30678  ? 905  GLN A CG  1 
ATOM   793  C CD  . GLN A 1 107 ? -11.25685 -6.27177  -2.77932  1.000 18.55031  ? 905  GLN A CD  1 
ATOM   794  O OE1 . GLN A 1 107 ? -11.77318 -5.34725  -3.41454  1.000 22.66454  ? 905  GLN A OE1 1 
ATOM   795  N NE2 . GLN A 1 107 ? -11.94411 -7.02192  -1.92339  1.000 17.47915  ? 905  GLN A NE2 1 
ATOM   796  N N   . ARG A 1 108 ? -10.45587 -7.65696  -7.61011  1.000 16.79862  ? 906  ARG A N   1 
ATOM   797  C CA  . ARG A 1 108 ? -10.03579 -7.62939  -9.00302  1.000 15.75620  ? 906  ARG A CA  1 
ATOM   798  C C   . ARG A 1 108 ? -9.75894  -6.18668  -9.39401  1.000 15.95846  ? 906  ARG A C   1 
ATOM   799  O O   . ARG A 1 108 ? -10.57164 -5.30021  -9.10988  1.000 19.70469  ? 906  ARG A O   1 
ATOM   800  C CB  . ARG A 1 108 ? -11.13898 -8.18087  -9.91050  1.000 22.30829  ? 906  ARG A CB  1 
ATOM   801  C CG  . ARG A 1 108 ? -11.49852 -9.63375  -9.67964  1.000 34.22037  ? 906  ARG A CG  1 
ATOM   802  C CD  . ARG A 1 108 ? -12.01646 -10.27958 -10.96344 1.000 48.29447  ? 906  ARG A CD  1 
ATOM   803  N NE  . ARG A 1 108 ? -12.19399 -11.71858 -10.81342 1.000 38.66162  ? 906  ARG A NE  1 
ATOM   804  C CZ  . ARG A 1 108 ? -11.33398 -12.63159 -11.24371 1.000 49.18703  ? 906  ARG A CZ  1 
ATOM   805  N NH1 . ARG A 1 108 ? -10.24745 -12.29480 -11.92148 1.000 31.19349  ? 906  ARG A NH1 1 
ATOM   806  N NH2 . ARG A 1 108 ? -11.57418 -13.91564 -10.99501 1.000 53.82879  ? 906  ARG A NH2 1 
ATOM   807  N N   . ASN A 1 109 ? -8.61961  -5.96251  -10.03716 1.000 17.47501  ? 907  ASN A N   1 
ATOM   808  C CA  . ASN A 1 109 ? -8.31824  -4.63264  -10.53899 1.000 18.23561  ? 907  ASN A CA  1 
ATOM   809  C C   . ASN A 1 109 ? -9.05447  -4.39250  -11.85603 1.000 22.04585  ? 907  ASN A C   1 
ATOM   810  O O   . ASN A 1 109 ? -9.75771  -5.26746  -12.37432 1.000 22.06357  ? 907  ASN A O   1 
ATOM   811  C CB  . ASN A 1 109 ? -6.80682  -4.39709  -10.60468 1.000 16.67238  ? 907  ASN A CB  1 
ATOM   812  C CG  . ASN A 1 109 ? -6.11342  -5.19121  -11.70194 1.000 19.20741  ? 907  ASN A CG  1 
ATOM   813  O OD1 . ASN A 1 109 ? -6.75405  -5.77596  -12.57763 1.000 20.28255  ? 907  ASN A OD1 1 
ATOM   814  N ND2 . ASN A 1 109 ? -4.78468  -5.19546  -11.66621 1.000 21.70769  ? 907  ASN A ND2 1 
ATOM   815  N N   . ALA A 1 110 ? -8.87497  -3.19366  -12.42015 1.000 19.37936  ? 908  ALA A N   1 
ATOM   816  C CA  . ALA A 1 110 ? -9.63617  -2.83872  -13.61832 1.000 21.62970  ? 908  ALA A CA  1 
ATOM   817  C C   . ALA A 1 110 ? -9.34724  -3.78815  -14.77106 1.000 23.99667  ? 908  ALA A C   1 
ATOM   818  O O   . ALA A 1 110 ? -10.20721 -3.98583  -15.64136 1.000 35.50045  ? 908  ALA A O   1 
ATOM   819  C CB  . ALA A 1 110 ? -9.35611  -1.39058  -14.02060 1.000 22.17406  ? 908  ALA A CB  1 
ATOM   820  N N   . LYS A 1 111 ? -8.15311  -4.36892  -14.81053 1.000 24.58227  ? 909  LYS A N   1 
ATOM   821  C CA  . LYS A 1 111 ? -7.82113  -5.39593  -15.79087 1.000 31.88183  ? 909  LYS A CA  1 
ATOM   822  C C   . LYS A 1 111 ? -8.27492  -6.79032  -15.37686 1.000 31.84907  ? 909  LYS A C   1 
ATOM   823  O O   . LYS A 1 111 ? -7.82863  -7.76948  -15.98525 1.000 52.38190  ? 909  LYS A O   1 
ATOM   824  C CB  . LYS A 1 111 ? -6.31788  -5.41487  -16.06603 1.000 28.94722  ? 909  LYS A CB  1 
ATOM   825  C CG  . LYS A 1 111 ? -5.65906  -4.04556  -16.10098 1.000 49.17157  ? 909  LYS A CG  1 
ATOM   826  C CD  . LYS A 1 111 ? -4.19984  -4.13007  -16.54941 1.000 55.09042  ? 909  LYS A CD  1 
ATOM   827  C CE  . LYS A 1 111 ? -3.95116  -5.30882  -17.48570 1.000 77.60812  ? 909  LYS A CE  1 
ATOM   828  N NZ  . LYS A 1 111 ? -2.63603  -5.20524  -18.18162 1.000 62.27542  ? 909  LYS A NZ  1 
ATOM   829  N N   . GLY A 1 112 ? -9.13661  -6.90645  -14.36768 1.000 24.85490  ? 910  GLY A N   1 
ATOM   830  C CA  . GLY A 1 112 ? -9.62646  -8.20535  -13.94623 1.000 92.65384  ? 910  GLY A CA  1 
ATOM   831  C C   . GLY A 1 112 ? -8.60819  -9.12311  -13.30409 1.000 46.56762  ? 910  GLY A C   1 
ATOM   832  O O   . GLY A 1 112 ? -8.81286  -10.34137 -13.29479 1.000 28.20742  ? 910  GLY A O   1 
ATOM   833  N N   . GLU A 1 113 ? -7.52233  -8.58043  -12.75706 1.000 24.40376  ? 911  GLU A N   1 
ATOM   834  C CA  . GLU A 1 113 ? -6.48935  -9.37176  -12.09662 1.000 22.09220  ? 911  GLU A CA  1 
ATOM   835  C C   . GLU A 1 113 ? -6.73150  -9.39935  -10.59100 1.000 20.21754  ? 911  GLU A C   1 
ATOM   836  O O   . GLU A 1 113 ? -6.98438  -8.35651  -9.97888  1.000 19.25083  ? 911  GLU A O   1 
ATOM   837  C CB  . GLU A 1 113 ? -5.10565  -8.78502  -12.38536 1.000 26.86432  ? 911  GLU A CB  1 
ATOM   838  C CG  . GLU A 1 113 ? -4.77448  -8.72614  -13.87149 1.000 44.15625  ? 911  GLU A CG  1 
ATOM   839  C CD  . GLU A 1 113 ? -3.44933  -8.04449  -14.15812 1.000 94.04338  ? 911  GLU A CD  1 
ATOM   840  O OE1 . GLU A 1 113 ? -3.06387  -7.12966  -13.39667 1.000 31.02201  ? 911  GLU A OE1 1 
ATOM   841  O OE2 . GLU A 1 113 ? -2.78571  -8.43547  -15.14131 1.000 38.97728  ? 911  GLU A OE2 1 
ATOM   842  N N   . LEU A 1 114 ? -6.65333  -10.62541 -9.98329  1.000 18.46391  ? 912  LEU A N   1 
ATOM   843  C CA  . LEU A 1 114 ? -6.60522  -10.82174 -8.54133  1.000 19.97979  ? 912  LEU A CA  1 
ATOM   844  C C   . LEU A 1 114 ? -5.15767  -10.73473 -8.06885  1.000 17.53854  ? 912  LEU A C   1 
ATOM   845  O O   . LEU A 1 114 ? -4.23364  -11.01404 -8.83864  1.000 19.08429  ? 912  LEU A O   1 
ATOM   846  C CB  . LEU A 1 114 ? -7.12676  -12.20548 -8.19823  1.000 20.09683  ? 912  LEU A CB  1 
ATOM   847  C CG  . LEU A 1 114 ? -8.59760  -12.46006 -8.50636  1.000 18.83097  ? 912  LEU A CG  1 
ATOM   848  C CD1 . LEU A 1 114 ? -8.87185  -13.94386 -8.30697  1.000 25.10391  ? 912  LEU A CD1 1 
ATOM   849  C CD2 . LEU A 1 114 ? -9.48274  -11.65554 -7.58665  1.000 22.78633  ? 912  LEU A CD2 1 
ATOM   850  N N   . PRO A 1 115 ? -4.89626  -10.35182 -6.81171  1.000 15.19729  ? 913  PRO A N   1 
ATOM   851  C CA  . PRO A 1 115 ? -3.49290  -10.17902 -6.39397  1.000 20.68170  ? 913  PRO A CA  1 
ATOM   852  C C   . PRO A 1 115 ? -2.63594  -11.42837 -6.53250  1.000 17.89210  ? 913  PRO A C   1 
ATOM   853  O O   . PRO A 1 115 ? -1.45482  -11.32019 -6.87974  1.000 18.87039  ? 913  PRO A O   1 
ATOM   854  C CB  . PRO A 1 115 ? -3.61686  -9.69578  -4.94250  1.000 17.67225  ? 913  PRO A CB  1 
ATOM   855  C CG  . PRO A 1 115 ? -4.95855  -9.02593  -4.89434  1.000 16.67563  ? 913  PRO A CG  1 
ATOM   856  C CD  . PRO A 1 115 ? -5.83891  -9.85293  -5.79677  1.000 17.87471  ? 913  PRO A CD  1 
ATOM   857  N N   . LEU A 1 116 ? -3.18645  -12.61548 -6.27481  1.000 18.73319  ? 914  LEU A N   1 
ATOM   858  C CA  . LEU A 1 116 ? -2.38748  -13.82808 -6.41502  1.000 22.43263  ? 914  LEU A CA  1 
ATOM   859  C C   . LEU A 1 116 ? -2.07597  -14.17905 -7.86628  1.000 24.01021  ? 914  LEU A C   1 
ATOM   860  O O   . LEU A 1 116 ? -1.24259  -15.05987 -8.09928  1.000 22.92359  ? 914  LEU A O   1 
ATOM   861  C CB  . LEU A 1 116 ? -3.07646  -15.01054 -5.72946  1.000 22.46211  ? 914  LEU A CB  1 
ATOM   862  C CG  . LEU A 1 116 ? -3.06530  -15.00792 -4.20457  1.000 23.62224  ? 914  LEU A CG  1 
ATOM   863  C CD1 . LEU A 1 116 ? -3.71826  -16.27992 -3.67178  1.000 27.38749  ? 914  LEU A CD1 1 
ATOM   864  C CD2 . LEU A 1 116 ? -1.64707  -14.87476 -3.68831  1.000 26.27510  ? 914  LEU A CD2 1 
ATOM   865  N N   . ASP A 1 117 ? -2.71237  -13.52721 -8.84305  1.000 21.56842  ? 915  ASP A N   1 
ATOM   866  C CA  . ASP A 1 117 ? -2.36264  -13.78531 -10.23865 1.000 23.42677  ? 915  ASP A CA  1 
ATOM   867  C C   . ASP A 1 117 ? -0.90429  -13.44856 -10.53839 1.000 23.06877  ? 915  ASP A C   1 
ATOM   868  O O   . ASP A 1 117 ? -0.34720  -13.96205 -11.51545 1.000 27.07786  ? 915  ASP A O   1 
ATOM   869  C CB  . ASP A 1 117 ? -3.29256  -13.03184 -11.19493 1.000 27.26463  ? 915  ASP A CB  1 
ATOM   870  C CG  . ASP A 1 117 ? -4.72673  -13.53528 -11.14400 1.000 28.63109  ? 915  ASP A CG  1 
ATOM   871  O OD1 . ASP A 1 117 ? -4.93718  -14.67855 -10.68730 1.000 33.84781  ? 915  ASP A OD1 1 
ATOM   872  O OD2 . ASP A 1 117 ? -5.64004  -12.79465 -11.57988 1.000 30.92761  ? 915  ASP A OD2 1 
ATOM   873  N N   . TYR A 1 118 ? -0.27142  -12.61023 -9.71914  1.000 19.61300  ? 916  TYR A N   1 
ATOM   874  C CA  . TYR A 1 118 ? 1.11184   -12.20588 -9.93338  1.000 22.93072  ? 916  TYR A CA  1 
ATOM   875  C C   . TYR A 1 118 ? 2.11923   -13.15730 -9.31194  1.000 25.98730  ? 916  TYR A C   1 
ATOM   876  O O   . TYR A 1 118 ? 3.32379   -12.97676 -9.51589  1.000 28.58409  ? 916  TYR A O   1 
ATOM   877  C CB  . TYR A 1 118 ? 1.35375   -10.81088 -9.35206  1.000 21.41892  ? 916  TYR A CB  1 
ATOM   878  C CG  . TYR A 1 118 ? 0.34255   -9.79008  -9.79349  1.000 20.41022  ? 916  TYR A CG  1 
ATOM   879  C CD1 . TYR A 1 118 ? -0.32777  -9.00960  -8.86474  1.000 30.21191  ? 916  TYR A CD1 1 
ATOM   880  C CD2 . TYR A 1 118 ? 0.04551   -9.61091  -11.13783 1.000 35.40412  ? 916  TYR A CD2 1 
ATOM   881  C CE1 . TYR A 1 118 ? -1.25939  -8.07579  -9.25608  1.000 33.57263  ? 916  TYR A CE1 1 
ATOM   882  C CE2 . TYR A 1 118 ? -0.88801  -8.67659  -11.54086 1.000 36.32264  ? 916  TYR A CE2 1 
ATOM   883  C CZ  . TYR A 1 118 ? -1.53867  -7.91266  -10.59317 1.000 25.43094  ? 916  TYR A CZ  1 
ATOM   884  O OH  . TYR A 1 118 ? -2.47371  -6.97985  -10.97562 1.000 28.57711  ? 916  TYR A OH  1 
ATOM   885  N N   . VAL A 1 119 ? 1.66507   -14.14044 -8.54739  1.000 23.35246  ? 917  VAL A N   1 
ATOM   886  C CA  . VAL A 1 119 ? 2.54805   -15.08154 -7.87421  1.000 29.38654  ? 917  VAL A CA  1 
ATOM   887  C C   . VAL A 1 119 ? 2.57693   -16.35926 -8.69859  1.000 63.03966  ? 917  VAL A C   1 
ATOM   888  O O   . VAL A 1 119 ? 1.54129   -17.00639 -8.89241  1.000 38.57897  ? 917  VAL A O   1 
ATOM   889  C CB  . VAL A 1 119 ? 2.07669   -15.35494 -6.43863  1.000 22.55974  ? 917  VAL A CB  1 
ATOM   890  C CG1 . VAL A 1 119 ? 3.05696   -16.28189 -5.72696  1.000 25.96404  ? 917  VAL A CG1 1 
ATOM   891  C CG2 . VAL A 1 119 ? 1.91964   -14.05377 -5.66850  1.000 26.47051  ? 917  VAL A CG2 1 
ATOM   892  N N   . VAL A 1 120 ? 3.75588   -16.72054 -9.19364  1.000 37.45078  ? 918  VAL A N   1 
ATOM   893  C CA  . VAL A 1 120 ? 3.88064   -17.91854 -10.01716 1.000 46.89570  ? 918  VAL A CA  1 
ATOM   894  C C   . VAL A 1 120 ? 4.06990   -19.16849 -9.16646  1.000 43.21471  ? 918  VAL A C   1 
ATOM   895  O O   . VAL A 1 120 ? 3.51290   -20.22431 -9.47599  1.000 38.51820  ? 918  VAL A O   1 
ATOM   896  C CB  . VAL A 1 120 ? 5.00819   -17.74693 -11.05463 1.000 49.88637  ? 918  VAL A CB  1 
ATOM   897  C CG1 . VAL A 1 120 ? 5.14248   -19.00204 -11.90623 1.000 60.40381  ? 918  VAL A CG1 1 
ATOM   898  C CG2 . VAL A 1 120 ? 4.73882   -16.53521 -11.92813 1.000 45.67745  ? 918  VAL A CG2 1 
ATOM   899  N N   . SER A 1 121 ? 4.82965   -19.06912 -8.08545  1.000 32.70126  ? 919  SER A N   1 
ATOM   900  C CA  . SER A 1 121 ? 5.16925   -20.24768 -7.29462  1.000 28.61987  ? 919  SER A CA  1 
ATOM   901  C C   . SER A 1 121 ? 3.96604   -20.73007 -6.49695  1.000 32.73807  ? 919  SER A C   1 
ATOM   902  O O   . SER A 1 121 ? 3.48063   -20.00030 -5.62146  1.000 26.94265  ? 919  SER A O   1 
ATOM   903  C CB  . SER A 1 121 ? 6.30955   -19.92050 -6.34404  1.000 33.06929  ? 919  SER A CB  1 
ATOM   904  O OG  . SER A 1 121 ? 6.30985   -20.80455 -5.23797  1.000 36.83258  ? 919  SER A OG  1 
ATOM   905  N N   . PRO A 1 122 ? 3.47469   -21.94713 -6.73618  1.000 40.74396  ? 920  PRO A N   1 
ATOM   906  C CA  . PRO A 1 122 ? 2.37534   -22.46811 -5.90342  1.000 28.48615  ? 920  PRO A CA  1 
ATOM   907  C C   . PRO A 1 122 ? 2.69923   -22.47336 -4.42118  1.000 29.85158  ? 920  PRO A C   1 
ATOM   908  O O   . PRO A 1 122 ? 1.79738   -22.31530 -3.58688  1.000 28.57984  ? 920  PRO A O   1 
ATOM   909  C CB  . PRO A 1 122 ? 2.14281   -23.89048 -6.43603  1.000 35.34365  ? 920  PRO A CB  1 
ATOM   910  C CG  . PRO A 1 122 ? 3.09945   -24.09994 -7.55462  1.000 46.46557  ? 920  PRO A CG  1 
ATOM   911  C CD  . PRO A 1 122 ? 4.01395   -22.93143 -7.68881  1.000 32.71485  ? 920  PRO A CD  1 
ATOM   912  N N   . GLN A 1 123 ? 3.96860   -22.63403 -4.06305  1.000 25.87965  ? 921  GLN A N   1 
ATOM   913  C CA  . GLN A 1 123 ? 4.32164   -22.69192 -2.65603  1.000 26.53830  ? 921  GLN A CA  1 
ATOM   914  C C   . GLN A 1 123 ? 4.27821   -21.31505 -1.99232  1.000 28.59731  ? 921  GLN A C   1 
ATOM   915  O O   . GLN A 1 123 ? 3.86266   -21.21038 -0.83291  1.000 25.86549  ? 921  GLN A O   1 
ATOM   916  C CB  . GLN A 1 123 ? 5.65842   -23.41790 -2.50477  1.000 35.09002  ? 921  GLN A CB  1 
ATOM   917  C CG  . GLN A 1 123 ? 6.24570   -23.42908 -1.12514  1.000 30.55956  ? 921  GLN A CG  1 
ATOM   918  C CD  . GLN A 1 123 ? 7.41906   -24.38153 -1.03656  1.000 40.79665  ? 921  GLN A CD  1 
ATOM   919  O OE1 . GLN A 1 123 ? 7.57412   -25.10051 -0.05181  1.000 40.60745  ? 921  GLN A OE1 1 
ATOM   920  N NE2 . GLN A 1 123 ? 8.24064   -24.40710 -2.08032  1.000 36.31459  ? 921  GLN A NE2 1 
ATOM   921  N N   . ILE A 1 124 ? 4.66742   -20.25027 -2.70519  1.000 25.72353  ? 922  ILE A N   1 
ATOM   922  C CA  . ILE A 1 124 ? 4.46990   -18.90102 -2.17029  1.000 21.35030  ? 922  ILE A CA  1 
ATOM   923  C C   . ILE A 1 124 ? 2.98766   -18.60401 -1.98765  1.000 22.16829  ? 922  ILE A C   1 
ATOM   924  O O   . ILE A 1 124 ? 2.57853   -18.00919 -0.98146  1.000 23.24282  ? 922  ILE A O   1 
ATOM   925  C CB  . ILE A 1 124 ? 5.17924   -17.84443 -3.03873  1.000 23.25939  ? 922  ILE A CB  1 
ATOM   926  C CG1 . ILE A 1 124 ? 6.66444   -18.18331 -3.18232  1.000 24.34508  ? 922  ILE A CG1 1 
ATOM   927  C CG2 . ILE A 1 124 ? 4.95770   -16.43725 -2.47194  1.000 25.20756  ? 922  ILE A CG2 1 
ATOM   928  C CD1 . ILE A 1 124 ? 7.46254   -17.13932 -3.93762  1.000 34.12077  ? 922  ILE A CD1 1 
ATOM   929  N N   . LYS A 1 125 ? 2.15985   -19.02107 -2.94333  1.000 22.67894  ? 923  LYS A N   1 
ATOM   930  C CA  . LYS A 1 125 ? 0.72064   -18.83535 -2.79115  1.000 23.21049  ? 923  LYS A CA  1 
ATOM   931  C C   . LYS A 1 125 ? 0.21063   -19.50545 -1.52041  1.000 32.27733  ? 923  LYS A C   1 
ATOM   932  O O   . LYS A 1 125 ? -0.62138  -18.93877 -0.80285  1.000 23.80602  ? 923  LYS A O   1 
ATOM   933  C CB  . LYS A 1 125 ? -0.02293  -19.36696 -4.01546  1.000 22.92024  ? 923  LYS A CB  1 
ATOM   934  C CG  . LYS A 1 125 ? 0.29045   -18.63208 -5.30559  1.000 30.27444  ? 923  LYS A CG  1 
ATOM   935  C CD  . LYS A 1 125 ? -0.76535  -18.91145 -6.35979  1.000 36.98839  ? 923  LYS A CD  1 
ATOM   936  C CE  . LYS A 1 125 ? -0.29903  -19.98486 -7.32644  1.000 48.19032  ? 923  LYS A CE  1 
ATOM   937  N NZ  . LYS A 1 125 ? 0.05082   -19.42074 -8.65844  1.000 57.26335  ? 923  LYS A NZ  1 
ATOM   938  N N   . GLU A 1 126 ? 0.71286   -20.70675 -1.21718  1.000 25.13866  ? 924  GLU A N   1 
ATOM   939  C CA  . GLU A 1 126 ? 0.30036   -21.40402 -0.00442  1.000 20.88907  ? 924  GLU A CA  1 
ATOM   940  C C   . GLU A 1 126 ? 0.72647   -20.64682 1.24621   1.000 26.04874  ? 924  GLU A C   1 
ATOM   941  O O   . GLU A 1 126 ? -0.03579  -20.55677 2.21674   1.000 24.81594  ? 924  GLU A O   1 
ATOM   942  C CB  . GLU A 1 126 ? 0.90334   -22.80757 0.00639   1.000 26.40382  ? 924  GLU A CB  1 
ATOM   943  C CG  . GLU A 1 126 ? 0.04949   -23.86340 -0.67255  1.000 46.94743  ? 924  GLU A CG  1 
ATOM   944  C CD  . GLU A 1 126 ? 0.70790   -25.23037 -0.66335  1.000 86.26866  ? 924  GLU A CD  1 
ATOM   945  O OE1 . GLU A 1 126 ? 1.72560   -25.39465 0.04312   1.000 90.76134  ? 924  GLU A OE1 1 
ATOM   946  O OE2 . GLU A 1 126 ? 0.20676   -26.14083 -1.35675  1.000 103.35959 ? 924  GLU A OE2 1 
ATOM   947  N N   . GLU A 1 127 ? 1.94525   -20.09826 1.24741   1.000 20.27466  ? 925  GLU A N   1 
ATOM   948  C CA  . GLU A 1 127 ? 2.41389   -19.36267 2.41624   1.000 21.33387  ? 925  GLU A CA  1 
ATOM   949  C C   . GLU A 1 127 ? 1.60765   -18.08769 2.62041   1.000 21.97719  ? 925  GLU A C   1 
ATOM   950  O O   . GLU A 1 127 ? 1.32514   -17.70150 3.75974   1.000 21.58406  ? 925  GLU A O   1 
ATOM   951  C CB  . GLU A 1 127 ? 3.89032   -19.01318 2.26161   1.000 22.85450  ? 925  GLU A CB  1 
ATOM   952  C CG  . GLU A 1 127 ? 4.82951   -20.20452 2.31615   1.000 27.75586  ? 925  GLU A CG  1 
ATOM   953  C CD  . GLU A 1 127 ? 6.27580   -19.78894 2.12480   1.000 97.37857  ? 925  GLU A CD  1 
ATOM   954  O OE1 . GLU A 1 127 ? 6.50581   -18.60012 1.81986   1.000 30.81512  ? 925  GLU A OE1 1 
ATOM   955  O OE2 . GLU A 1 127 ? 7.17759   -20.64493 2.25283   1.000 33.09534  ? 925  GLU A OE2 1 
ATOM   956  N N   . LEU A 1 128 ? 1.25492   -17.40731 1.52550   1.000 19.34434  ? 926  LEU A N   1 
ATOM   957  C CA  . LEU A 1 128 ? 0.44856   -16.19534 1.62725   1.000 18.85939  ? 926  LEU A CA  1 
ATOM   958  C C   . LEU A 1 128 ? -0.93598  -16.50850 2.17636   1.000 19.39950  ? 926  LEU A C   1 
ATOM   959  O O   . LEU A 1 128 ? -1.43957  -15.80186 3.05727   1.000 18.27194  ? 926  LEU A O   1 
ATOM   960  C CB  . LEU A 1 128 ? 0.34550   -15.53321 0.25509   1.000 17.43827  ? 926  LEU A CB  1 
ATOM   961  C CG  . LEU A 1 128 ? 1.61055   -14.79131 -0.19879  1.000 18.12579  ? 926  LEU A CG  1 
ATOM   962  C CD1 . LEU A 1 128 ? 1.59933   -14.60911 -1.69570  1.000 17.63555  ? 926  LEU A CD1 1 
ATOM   963  C CD2 . LEU A 1 128 ? 1.75342   -13.43816 0.50286   1.000 18.20594  ? 926  LEU A CD2 1 
ATOM   964  N N   . PHE A 1 129 ? -1.56148  -17.56956 1.67600   1.000 20.16007  ? 927  PHE A N   1 
ATOM   965  C CA  . PHE A 1 129 ? -2.87129  -17.95065 2.19519   1.000 20.21829  ? 927  PHE A CA  1 
ATOM   966  C C   . PHE A 1 129 ? -2.78330  -18.38467 3.65125   1.000 20.15994  ? 927  PHE A C   1 
ATOM   967  O O   . PHE A 1 129 ? -3.64562  -18.02898 4.46128   1.000 21.17405  ? 927  PHE A O   1 
ATOM   968  C CB  . PHE A 1 129 ? -3.48238  -19.05159 1.33603   1.000 20.88074  ? 927  PHE A CB  1 
ATOM   969  C CG  . PHE A 1 129 ? -4.92719  -19.32897 1.65362   1.000 20.71735  ? 927  PHE A CG  1 
ATOM   970  C CD1 . PHE A 1 129 ? -5.91445  -18.44303 1.26515   1.000 25.97243  ? 927  PHE A CD1 1 
ATOM   971  C CD2 . PHE A 1 129 ? -5.30045  -20.47704 2.33632   1.000 22.36015  ? 927  PHE A CD2 1 
ATOM   972  C CE1 . PHE A 1 129 ? -7.24856  -18.68819 1.54882   1.000 26.34935  ? 927  PHE A CE1 1 
ATOM   973  C CE2 . PHE A 1 129 ? -6.63483  -20.73029 2.62857   1.000 21.91346  ? 927  PHE A CE2 1 
ATOM   974  C CZ  . PHE A 1 129 ? -7.60986  -19.83711 2.23965   1.000 20.08027  ? 927  PHE A CZ  1 
ATOM   975  N N   . ALA A 1 130 ? -1.71905  -19.10159 4.00907   1.000 22.28247  ? 928  ALA A N   1 
ATOM   976  C CA  . ALA A 1 130 ? -1.61021  -19.64500 5.36198   1.000 24.45896  ? 928  ALA A CA  1 
ATOM   977  C C   . ALA A 1 130 ? -1.38855  -18.55819 6.40951   1.000 25.89102  ? 928  ALA A C   1 
ATOM   978  O O   . ALA A 1 130 ? -1.79951  -18.72587 7.56380   1.000 25.67901  ? 928  ALA A O   1 
ATOM   979  C CB  . ALA A 1 130 ? -0.49662  -20.69198 5.42792   1.000 25.97059  ? 928  ALA A CB  1 
ATOM   980  N N   . ILE A 1 131 ? -0.73993  -17.44386 6.04160   1.000 19.32940  ? 929  ILE A N   1 
ATOM   981  C CA  . ILE A 1 131 ? -0.54589  -16.34264 6.98111   1.000 22.73892  ? 929  ILE A CA  1 
ATOM   982  C C   . ILE A 1 131 ? -1.73934  -15.40286 7.03496   1.000 17.75377  ? 929  ILE A C   1 
ATOM   983  O O   . ILE A 1 131 ? -1.79395  -14.53286 7.91981   1.000 20.11742  ? 929  ILE A O   1 
ATOM   984  C CB  . ILE A 1 131 ? 0.77113   -15.57780 6.72278   1.000 20.78584  ? 929  ILE A CB  1 
ATOM   985  C CG1 . ILE A 1 131 ? 1.27098   -14.92636 8.01331   1.000 23.17992  ? 929  ILE A CG1 1 
ATOM   986  C CG2 . ILE A 1 131 ? 0.59497   -14.53885 5.61798   1.000 21.26839  ? 929  ILE A CG2 1 
ATOM   987  C CD1 . ILE A 1 131 ? 2.76501   -14.65420 8.02715   1.000 40.12072  ? 929  ILE A CD1 1 
ATOM   988  N N   . THR A 1 132 ? -2.69510  -15.55134 6.12579   1.000 17.90755  ? 930  THR A N   1 
ATOM   989  C CA  . THR A 1 132 ? -3.82667  -14.63634 6.07505   1.000 20.16876  ? 930  THR A CA  1 
ATOM   990  C C   . THR A 1 132 ? -4.65661  -14.74512 7.35113   1.000 16.94508  ? 930  THR A C   1 
ATOM   991  O O   . THR A 1 132 ? -4.98691  -15.85198 7.80644   1.000 18.01193  ? 930  THR A O   1 
ATOM   992  C CB  . THR A 1 132 ? -4.67562  -14.94960 4.84304   1.000 17.27855  ? 930  THR A CB  1 
ATOM   993  O OG1 . THR A 1 132 ? -3.88330  -14.76680 3.65713   1.000 16.56023  ? 930  THR A OG1 1 
ATOM   994  C CG2 . THR A 1 132 ? -5.87263  -14.01938 4.75651   1.000 14.89228  ? 930  THR A CG2 1 
ATOM   995  N N   . LYS A 1 133 ? -4.96327  -13.59217 7.94676   1.000 17.25242  ? 931  LYS A N   1 
ATOM   996  C CA  . LYS A 1 133 ? -5.76389  -13.54368 9.16580   1.000 16.72554  ? 931  LYS A CA  1 
ATOM   997  C C   . LYS A 1 133 ? -7.04053  -14.35868 9.01319   1.000 14.31126  ? 931  LYS A C   1 
ATOM   998  O O   . LYS A 1 133 ? -7.72306  -14.27970 7.99690   1.000 16.13141  ? 931  LYS A O   1 
ATOM   999  C CB  . LYS A 1 133 ? -6.15190  -12.09247 9.44494   1.000 17.14757  ? 931  LYS A CB  1 
ATOM   1000 C CG  . LYS A 1 133 ? -6.81268  -11.86037 10.79133  1.000 20.74111  ? 931  LYS A CG  1 
ATOM   1001 C CD  . LYS A 1 133 ? -7.27352  -10.41884 10.91803  1.000 24.55865  ? 931  LYS A CD  1 
ATOM   1002 C CE  . LYS A 1 133 ? -7.67426  -10.06636 12.33622  1.000 32.81923  ? 931  LYS A CE  1 
ATOM   1003 N NZ  . LYS A 1 133 ? -8.79822  -10.91374 12.82536  1.000 79.79506  ? 931  LYS A NZ  1 
ATOM   1004 N N   . ILE A 1 134 ? -7.36683  -15.13959 10.03686  1.000 17.19392  ? 932  ILE A N   1 
ATOM   1005 C CA  . ILE A 1 134 ? -8.64998  -15.83220 10.11101  1.000 18.17455  ? 932  ILE A CA  1 
ATOM   1006 C C   . ILE A 1 134 ? -9.52046  -15.09154 11.11750  1.000 21.58308  ? 932  ILE A C   1 
ATOM   1007 O O   . ILE A 1 134 ? -9.17150  -15.00469 12.30200  1.000 26.82533  ? 932  ILE A O   1 
ATOM   1008 C CB  . ILE A 1 134 ? -8.48018  -17.30939 10.50396  1.000 18.68576  ? 932  ILE A CB  1 
ATOM   1009 C CG1 . ILE A 1 134 ? -7.48901  -18.01963 9.58047   1.000 19.02042  ? 932  ILE A CG1 1 
ATOM   1010 C CG2 . ILE A 1 134 ? -9.83413  -18.01977 10.48347  1.000 23.33769  ? 932  ILE A CG2 1 
ATOM   1011 C CD1 . ILE A 1 134 ? -7.21219  -19.46972 9.97720   1.000 32.22490  ? 932  ILE A CD1 1 
ATOM   1012 N N   . GLU A 1 135 ? -10.64849 -14.56361 10.66031  1.000 25.70434  ? 933  GLU A N   1 
ATOM   1013 C CA  . GLU A 1 135 ? -11.53042 -13.77077 11.51458  1.000 33.38469  ? 933  GLU A CA  1 
ATOM   1014 C C   . GLU A 1 135 ? -12.44631 -14.65322 12.35584  1.000 46.71551  ? 933  GLU A C   1 
ATOM   1015 O O   . GLU A 1 135 ? -12.31212 -15.87636 12.36239  1.000 41.88658  ? 933  GLU A O   1 
ATOM   1016 C CB  . GLU A 1 135 ? -12.36374 -12.79995 10.67425  1.000 36.27915  ? 933  GLU A CB  1 
ATOM   1017 N N   . GLY B 2 6   ? 11.15778  -4.93559  -14.99623 1.000 78.26710  ? 14   GLY B N   1 
ATOM   1018 C CA  . GLY B 2 6   ? 9.81753   -4.45604  -15.27548 1.000 71.13985  ? 14   GLY B CA  1 
ATOM   1019 C C   . GLY B 2 6   ? 9.01997   -4.12938  -14.02740 1.000 89.25162  ? 14   GLY B C   1 
ATOM   1020 O O   . GLY B 2 6   ? 8.05337   -4.81729  -13.70042 1.000 79.73623  ? 14   GLY B O   1 
ATOM   1021 N N   . ALA B 2 7   ? 9.42978   -3.07472  -13.32624 1.000 83.54310  ? 15   ALA B N   1 
ATOM   1022 C CA  . ALA B 2 7   ? 8.74085   -2.62222  -12.12529 1.000 66.05634  ? 15   ALA B CA  1 
ATOM   1023 C C   . ALA B 2 7   ? 7.63234   -1.65192  -12.51304 1.000 81.22808  ? 15   ALA B C   1 
ATOM   1024 O O   . ALA B 2 7   ? 7.88362   -0.65709  -13.19963 1.000 42.49608  ? 15   ALA B O   1 
ATOM   1025 C CB  . ALA B 2 7   ? 9.72427   -1.93652  -11.17563 1.000 41.30719  ? 15   ALA B CB  1 
ATOM   1026 N N   . LYS B 2 8   ? 6.41083   -1.94189  -12.06940 1.000 41.03619  ? 16   LYS B N   1 
ATOM   1027 C CA  . LYS B 2 8   ? 5.24676   -1.12489  -12.39475 1.000 27.30762  ? 16   LYS B CA  1 
ATOM   1028 C C   . LYS B 2 8   ? 5.14154   0.01596   -11.38905 1.000 26.74221  ? 16   LYS B C   1 
ATOM   1029 O O   . LYS B 2 8   ? 4.98843   -0.22585  -10.18729 1.000 27.94296  ? 16   LYS B O   1 
ATOM   1030 C CB  . LYS B 2 8   ? 3.98208   -1.97948  -12.35235 1.000 37.75195  ? 16   LYS B CB  1 
ATOM   1031 N N   . ARG B 2 9   ? 5.23116   1.25064   -11.87294 1.000 23.60925  ? 17   ARG B N   1 
ATOM   1032 C CA  . ARG B 2 9   ? 5.12449   2.43140   -11.02749 1.000 22.08113  ? 17   ARG B CA  1 
ATOM   1033 C C   . ARG B 2 9   ? 3.76098   3.09206   -11.19945 1.000 20.65204  ? 17   ARG B C   1 
ATOM   1034 O O   . ARG B 2 9   ? 3.06331   2.87464   -12.18926 1.000 21.81237  ? 17   ARG B O   1 
ATOM   1035 C CB  . ARG B 2 9   ? 6.25392   3.41939   -11.33307 1.000 23.43876  ? 17   ARG B CB  1 
ATOM   1036 C CG  . ARG B 2 9   ? 7.64933   2.87460   -11.01116 1.000 25.37268  ? 17   ARG B CG  1 
ATOM   1037 C CD  . ARG B 2 9   ? 7.77342   2.41759   -9.55277  1.000 26.24439  ? 17   ARG B CD  1 
ATOM   1038 N NE  . ARG B 2 9   ? 9.12485   1.95580   -9.24668  1.000 27.35120  ? 17   ARG B NE  1 
ATOM   1039 C CZ  . ARG B 2 9   ? 9.41342   0.96816   -8.40945  1.000 27.47349  ? 17   ARG B CZ  1 
ATOM   1040 N NH1 . ARG B 2 9   ? 8.46962   0.34084   -7.72379  1.000 26.32322  ? 17   ARG B NH1 1 
ATOM   1041 N NH2 . ARG B 2 9   ? 10.68240  0.60644   -8.24645  1.000 28.64004  ? 17   ARG B NH2 1 
ATOM   1042 N N   . HIS B 2 10  ? 3.39158   3.91244   -10.21529 1.000 18.47501  ? 18   HIS B N   1 
ATOM   1043 C CA  . HIS B 2 10  ? 2.06380   4.51755   -10.17900 1.000 16.81573  ? 18   HIS B CA  1 
ATOM   1044 C C   . HIS B 2 10  ? 1.93814   5.63643   -11.20184 1.000 16.34987  ? 18   HIS B C   1 
ATOM   1045 O O   . HIS B 2 10  ? 2.81685   6.50297   -11.30698 1.000 17.76290  ? 18   HIS B O   1 
ATOM   1046 C CB  . HIS B 2 10  ? 1.84896   5.17519   -8.82146  1.000 19.58029  ? 18   HIS B CB  1 
ATOM   1047 C CG  . HIS B 2 10  ? 1.66440   4.21023   -7.70098  1.000 15.43901  ? 18   HIS B CG  1 
ATOM   1048 N ND1 . HIS B 2 10  ? 1.98081   4.53020   -6.39917  1.000 19.05915  ? 18   HIS B ND1 1 
ATOM   1049 C CD2 . HIS B 2 10  ? 1.21195   2.93655   -7.68150  1.000 17.99474  ? 18   HIS B CD2 1 
ATOM   1050 C CE1 . HIS B 2 10  ? 1.72218   3.49231   -5.62262  1.000 19.45468  ? 18   HIS B CE1 1 
ATOM   1051 N NE2 . HIS B 2 10  ? 1.25852   2.51208   -6.37628  1.000 19.10525  ? 18   HIS B NE2 1 
ATOM   1052 N N   . ARG B 2 11  ? 0.80757   5.66312   -11.90693 1.000 15.37378  ? 19   ARG B N   1 
ATOM   1053 C CA  . ARG B 2 11  ? 0.48036   6.84370   -12.69713 1.000 14.63919  ? 19   ARG B CA  1 
ATOM   1054 C C   . ARG B 2 11  ? 0.23039   8.03369   -11.77038 1.000 15.22887  ? 19   ARG B C   1 
ATOM   1055 O O   . ARG B 2 11  ? -0.16201  7.87939   -10.61268 1.000 15.82354  ? 19   ARG B O   1 
ATOM   1056 C CB  . ARG B 2 11  ? -0.71482  6.57506   -13.61950 1.000 15.91776  ? 19   ARG B CB  1 
ATOM   1057 C CG  . ARG B 2 11  ? -2.06559  6.45338   -12.93026 1.000 16.69311  ? 19   ARG B CG  1 
ATOM   1058 C CD  . ARG B 2 11  ? -3.15536  6.20047   -13.97995 1.000 17.11213  ? 19   ARG B CD  1 
ATOM   1059 N NE  . ARG B 2 11  ? -4.47530  6.00091   -13.39534 1.000 18.11583  ? 19   ARG B NE  1 
ATOM   1060 C CZ  . ARG B 2 11  ? -5.25842  6.97685   -12.95367 1.000 19.13772  ? 19   ARG B CZ  1 
ATOM   1061 N NH1 . ARG B 2 11  ? -4.88633  8.24792   -13.01098 1.000 19.18913  ? 19   ARG B NH1 1 
ATOM   1062 N NH2 . ARG B 2 11  ? -6.45152  6.67230   -12.45532 1.000 19.80848  ? 19   ARG B NH2 1 
ATOM   1063 N N   . LYS B 2 12  ? 0.50410   9.23624   -12.26814 1.000 14.63154  ? 20   LYS B N   1 
ATOM   1064 C CA  . LYS B 2 12  ? 0.39784   10.43200  -11.45000 1.000 14.92853  ? 20   LYS B CA  1 
ATOM   1065 C C   . LYS B 2 12  ? -0.38490  11.49606  -12.20470 1.000 14.89067  ? 20   LYS B C   1 
ATOM   1066 O O   . LYS B 2 12  ? -0.52669  11.43972  -13.43267 1.000 15.52817  ? 20   LYS B O   1 
ATOM   1067 C CB  . LYS B 2 12  ? 1.79339   10.97382  -11.07317 1.000 16.28941  ? 20   LYS B CB  1 
ATOM   1068 C CG  . LYS B 2 12  ? 2.61138   10.05212  -10.16012 1.000 16.43996  ? 20   LYS B CG  1 
ATOM   1069 C CD  . LYS B 2 12  ? 1.98543   9.94952   -8.77263  1.000 16.23025  ? 20   LYS B CD  1 
ATOM   1070 C CE  . LYS B 2 12  ? 2.68675   8.91873   -7.88113  1.000 17.14053  ? 20   LYS B CE  1 
ATOM   1071 N NZ  . LYS B 2 12  ? 2.28116   9.10576   -6.46497  1.000 18.01631  ? 20   LYS B NZ  1 
ATOM   1072 N N   . VAL B 2 13  ? -0.91114  12.45847  -11.44741 1.000 15.35992  ? 21   VAL B N   1 
ATOM   1073 C CA  . VAL B 2 13  ? -1.61127  13.61631  -11.99546 1.000 16.01562  ? 21   VAL B CA  1 
ATOM   1074 C C   . VAL B 2 13  ? -0.97015  14.87305  -11.42837 1.000 15.90618  ? 21   VAL B C   1 
ATOM   1075 O O   . VAL B 2 13  ? -0.82837  15.01089  -10.20834 1.000 16.24584  ? 21   VAL B O   1 
ATOM   1076 C CB  . VAL B 2 13  ? -3.12217  13.58646  -11.68916 1.000 18.55652  ? 21   VAL B CB  1 
ATOM   1077 C CG1 . VAL B 2 13  ? -3.79052  14.87555  -12.18065 1.000 20.15041  ? 21   VAL B CG1 1 
ATOM   1078 C CG2 . VAL B 2 13  ? -3.77603  12.36776  -12.35011 1.000 19.99377  ? 21   VAL B CG2 1 
ATOM   1079 N N   . LEU B 2 14  ? -0.61044  15.79968  -12.30668 1.000 16.57822  ? 22   LEU B N   1 
ATOM   1080 C CA  . LEU B 2 14  ? 0.04150   17.03791  -11.90609 1.000 17.87401  ? 22   LEU B CA  1 
ATOM   1081 C C   . LEU B 2 14  ? -1.01664  18.12457  -11.78848 1.000 20.01371  ? 22   LEU B C   1 
ATOM   1082 O O   . LEU B 2 14  ? -1.76871  18.36718  -12.73809 1.000 22.37370  ? 22   LEU B O   1 
ATOM   1083 C CB  . LEU B 2 14  ? 1.09991   17.42684  -12.93760 1.000 17.54809  ? 22   LEU B CB  1 
ATOM   1084 C CG  . LEU B 2 14  ? 2.17854   16.36956  -13.17044 1.000 19.95112  ? 22   LEU B CG  1 
ATOM   1085 C CD1 . LEU B 2 14  ? 3.16661   16.83898  -14.22299 1.000 21.77996  ? 22   LEU B CD1 1 
ATOM   1086 C CD2 . LEU B 2 14  ? 2.88654   16.04809  -11.86683 1.000 20.87804  ? 22   LEU B CD2 1 
ATOM   1087 N N   . ARG B 2 15  ? -1.07609  18.77549  -10.63085 1.000 20.86277  ? 23   ARG B N   1 
ATOM   1088 C CA  . ARG B 2 15  ? -2.05903  19.82388  -10.39027 1.000 22.39601  ? 23   ARG B CA  1 
ATOM   1089 C C   . ARG B 2 15  ? -1.57431  20.66834  -9.22610  1.000 23.19561  ? 23   ARG B C   1 
ATOM   1090 O O   . ARG B 2 15  ? -1.16393  20.12265  -8.19786  1.000 24.57206  ? 23   ARG B O   1 
ATOM   1091 C CB  . ARG B 2 15  ? -3.41564  19.20601  -10.03208 1.000 25.78361  ? 23   ARG B CB  1 
ATOM   1092 C CG  . ARG B 2 15  ? -4.53705  20.21233  -9.90035  1.000 29.63293  ? 23   ARG B CG  1 
ATOM   1093 C CD  . ARG B 2 15  ? -5.88313  19.50818  -9.89797  1.000 32.57855  ? 23   ARG B CD  1 
ATOM   1094 N NE  . ARG B 2 15  ? -6.53981  19.58109  -11.19687 1.000 34.06922  ? 23   ARG B NE  1 
ATOM   1095 C CZ  . ARG B 2 15  ? -7.02442  18.53074  -11.84653 1.000 34.53859  ? 23   ARG B CZ  1 
ATOM   1096 N NH1 . ARG B 2 15  ? -6.95686  17.31104  -11.33722 1.000 34.61258  ? 23   ARG B NH1 1 
ATOM   1097 N NH2 . ARG B 2 15  ? -7.58646  18.70688  -13.03912 1.000 35.16940  ? 23   ARG B NH2 1 
ATOM   1098 N N   . ASP B 2 16  ? -1.64469  21.98684  -9.38483  1.000 23.98122  ? 24   ASP B N   1 
ATOM   1099 C CA  . ASP B 2 16  ? -1.23247  22.94816  -8.36137  1.000 26.15698  ? 24   ASP B CA  1 
ATOM   1100 C C   . ASP B 2 16  ? -2.42159  23.86607  -8.09841  1.000 34.69381  ? 24   ASP B C   1 
ATOM   1101 O O   . ASP B 2 16  ? -2.69744  24.77442  -8.88864  1.000 34.78729  ? 24   ASP B O   1 
ATOM   1102 C CB  . ASP B 2 16  ? -0.02846  23.75681  -8.84054  1.000 21.82792  ? 24   ASP B CB  1 
ATOM   1103 C CG  . ASP B 2 16  ? 0.60284   24.59291  -7.73414  1.000 24.75295  ? 24   ASP B CG  1 
ATOM   1104 O OD1 . ASP B 2 16  ? -0.02595  24.77934  -6.67054  1.000 27.18147  ? 24   ASP B OD1 1 
ATOM   1105 O OD2 . ASP B 2 16  ? 1.73447   25.06950  -7.93841  1.000 20.75321  ? 24   ASP B OD2 1 
ATOM   1106 N N   . ASN B 2 17  ? -3.11323  23.63733  -6.98694  1.000 42.32788  ? 25   ASN B N   1 
ATOM   1107 C CA  . ASN B 2 17  ? -4.24998  24.46800  -6.60519  1.000 50.39687  ? 25   ASN B CA  1 
ATOM   1108 C C   . ASN B 2 17  ? -3.82420  25.57004  -5.63670  1.000 50.41336  ? 25   ASN B C   1 
ATOM   1109 O O   . ASN B 2 17  ? -2.64869  25.93376  -5.57047  1.000 50.11193  ? 25   ASN B O   1 
ATOM   1110 C CB  . ASN B 2 17  ? -5.35488  23.61440  -5.97566  1.000 58.40941  ? 25   ASN B CB  1 
ATOM   1111 C CG  . ASN B 2 17  ? -5.72582  22.41623  -6.82868  1.000 82.74346  ? 25   ASN B CG  1 
ATOM   1112 O OD1 . ASN B 2 17  ? -5.08199  21.36889  -6.76318  1.000 91.67657  ? 25   ASN B OD1 1 
ATOM   1113 N ND2 . ASN B 2 17  ? -6.76957  22.56600  -7.63681  1.000 71.67097  ? 25   ASN B ND2 1 
HETATM 1114 O O   . HOH C 3 .   ? -10.28651 -15.86044 -11.01591 1.000 49.77421  ? 1001 HOH A O   1 
HETATM 1115 O O   . HOH C 3 .   ? -14.21566 -17.30573 12.46024  1.000 42.27102  ? 1002 HOH A O   1 
HETATM 1116 O O   . HOH C 3 .   ? -8.38856  4.33670   -3.36327  0.202 42.64822  ? 1003 HOH A O   1 
HETATM 1117 O O   . HOH C 3 .   ? -9.72999  3.77926   -13.42361 0.984 35.76563  ? 1004 HOH A O   1 
HETATM 1118 O O   . HOH C 3 .   ? -7.03530  -10.04286 -16.61149 1.000 50.83252  ? 1005 HOH A O   1 
HETATM 1119 O O   . HOH C 3 .   ? -11.68397 -1.42670  -3.10876  1.000 29.13227  ? 1006 HOH A O   1 
HETATM 1120 O O   . HOH C 3 .   ? -8.88449  9.20003   1.69368   1.000 50.06055  ? 1007 HOH A O   1 
HETATM 1121 O O   . HOH C 3 .   ? 1.01856   -1.03109  -9.43856  1.000 31.54954  ? 1008 HOH A O   1 
HETATM 1122 O O   . HOH C 3 .   ? -4.23974  -18.33945 8.35562   0.872 31.23060  ? 1009 HOH A O   1 
HETATM 1123 O O   . HOH C 3 .   ? -1.71647  -14.93592 10.49024  1.000 39.00924  ? 1010 HOH A O   1 
HETATM 1124 O O   . HOH C 3 .   ? 6.08794   9.63906   -7.12082  0.880 30.10907  ? 1011 HOH A O   1 
HETATM 1125 O O   . HOH C 3 .   ? 15.84365  5.95903   2.73020   0.898 46.50147  ? 1012 HOH A O   1 
HETATM 1126 O O   . HOH C 3 .   ? -9.83650  -3.82541  -6.78120  1.000 24.87509  ? 1013 HOH A O   1 
HETATM 1127 O O   . HOH C 3 .   ? -12.81393 -14.11197 -8.64833  0.867 37.12387  ? 1014 HOH A O   1 
HETATM 1128 O O   . HOH C 3 .   ? 11.40631  -0.37910  4.50510   1.000 28.16592  ? 1015 HOH A O   1 
HETATM 1129 O O   . HOH C 3 .   ? 6.51341   -23.16228 2.84470   1.000 34.92805  ? 1016 HOH A O   1 
HETATM 1130 O O   . HOH C 3 .   ? -8.13127  6.13990   -4.58373  0.752 32.95442  ? 1017 HOH A O   1 
HETATM 1131 O O   . HOH C 3 .   ? 5.09991   6.70392   -6.99217  1.000 31.58703  ? 1018 HOH A O   1 
HETATM 1132 O O   . HOH C 3 .   ? -3.08189  1.94854   -12.35077 0.905 33.19236  ? 1019 HOH A O   1 
HETATM 1133 O O   . HOH C 3 .   ? 15.68130  7.46150   0.23547   0.50  49.00616  ? 1020 HOH A O   1 
HETATM 1134 O O   . HOH C 3 .   ? -5.62865  -18.52109 6.24900   1.000 21.56371  ? 1021 HOH A O   1 
HETATM 1135 O O   . HOH C 3 .   ? 10.57603  9.05890   14.70778  0.978 30.18312  ? 1022 HOH A O   1 
HETATM 1136 O O   . HOH C 3 .   ? -1.81695  -3.34753  -19.99496 1.000 38.54054  ? 1023 HOH A O   1 
HETATM 1137 O O   . HOH C 3 .   ? -3.06133  15.03980  -1.36926  1.000 40.32584  ? 1024 HOH A O   1 
HETATM 1138 O O   . HOH C 3 .   ? 0.68505   22.37595  -2.66860  1.000 55.16664  ? 1025 HOH A O   1 
HETATM 1139 O O   . HOH C 3 .   ? -0.02315  6.42992   15.16465  0.967 20.29054  ? 1026 HOH A O   1 
HETATM 1140 O O   . HOH C 3 .   ? -15.04685 -11.14620 2.04297   0.783 18.00418  ? 1027 HOH A O   1 
HETATM 1141 O O   . HOH C 3 .   ? -7.07199  9.16011   -11.07091 1.000 35.30821  ? 1028 HOH A O   1 
HETATM 1142 O O   . HOH C 3 .   ? 1.45189   -20.65456 -11.23962 1.000 44.94552  ? 1029 HOH A O   1 
HETATM 1143 O O   . HOH C 3 .   ? -2.27585  4.66783   3.36039   1.000 17.66076  ? 1030 HOH A O   1 
HETATM 1144 O O   . HOH C 3 .   ? 5.12105   -0.02064  15.27907  0.411 15.75488  ? 1031 HOH A O   1 
HETATM 1145 O O   . HOH C 3 .   ? -4.72429  -4.69287  -0.22929  1.000 15.24301  ? 1032 HOH A O   1 
HETATM 1146 O O   . HOH C 3 .   ? 2.41591   17.08596  3.79444   1.000 28.24448  ? 1033 HOH A O   1 
HETATM 1147 O O   . HOH C 3 .   ? -13.40394 -8.11317  -6.70490  0.804 24.64664  ? 1034 HOH A O   1 
HETATM 1148 O O   . HOH C 3 .   ? -7.17065  -1.12895  9.49468   1.000 37.41456  ? 1035 HOH A O   1 
HETATM 1149 O O   . HOH C 3 .   ? -2.37686  -4.30800  -10.21747 0.883 23.72522  ? 1036 HOH A O   1 
HETATM 1150 O O   . HOH C 3 .   ? 0.75990   -7.64744  9.69258   0.847 28.83661  ? 1037 HOH A O   1 
HETATM 1151 O O   . HOH C 3 .   ? -4.85367  3.53070   2.75779   1.000 20.56064  ? 1038 HOH A O   1 
HETATM 1152 O O   . HOH C 3 .   ? -5.91050  -13.42602 -5.19266  1.000 19.95228  ? 1039 HOH A O   1 
HETATM 1153 O O   . HOH C 3 .   ? -5.81367  -7.28074  12.12126  0.756 24.19797  ? 1040 HOH A O   1 
HETATM 1154 O O   . HOH C 3 .   ? -6.47562  -6.25951  -1.82077  1.000 15.16018  ? 1041 HOH A O   1 
HETATM 1155 O O   . HOH C 3 .   ? -0.79051  12.03307  -8.52764  1.000 15.48610  ? 1042 HOH A O   1 
HETATM 1156 O O   . HOH C 3 .   ? -8.63436  7.65104   -8.37747  1.000 38.10142  ? 1043 HOH A O   1 
HETATM 1157 O O   . HOH C 3 .   ? -5.77559  -1.88223  -13.33770 0.902 27.32020  ? 1044 HOH A O   1 
HETATM 1158 O O   . HOH C 3 .   ? 2.52933   6.62422   16.44090  1.000 16.65770  ? 1045 HOH A O   1 
HETATM 1159 O O   . HOH C 3 .   ? 6.26665   19.65177  -6.84949  1.000 30.84176  ? 1046 HOH A O   1 
HETATM 1160 O O   . HOH C 3 .   ? 6.55615   -10.62630 5.93718   0.818 25.00891  ? 1047 HOH A O   1 
HETATM 1161 O O   . HOH C 3 .   ? -9.96629  5.28236   2.12495   0.867 29.91879  ? 1048 HOH A O   1 
HETATM 1162 O O   . HOH C 3 .   ? -9.72462  5.49422   -7.41748  1.000 30.70588  ? 1049 HOH A O   1 
HETATM 1163 O O   . HOH C 3 .   ? 2.88614   -18.63450 5.94288   0.634 22.73145  ? 1050 HOH A O   1 
HETATM 1164 O O   . HOH C 3 .   ? -1.83050  10.22142  15.18873  1.000 41.95859  ? 1051 HOH A O   1 
HETATM 1165 O O   . HOH C 3 .   ? -12.95958 -12.47738 -6.22715  1.000 23.97324  ? 1052 HOH A O   1 
HETATM 1166 O O   . HOH C 3 .   ? -9.59007  4.57328   -10.09828 0.966 26.13591  ? 1053 HOH A O   1 
HETATM 1167 O O   . HOH C 3 .   ? -5.67568  5.03839   12.01516  1.000 35.51040  ? 1054 HOH A O   1 
HETATM 1168 O O   . HOH C 3 .   ? -8.81474  -2.02973  5.78717   1.000 29.92861  ? 1055 HOH A O   1 
HETATM 1169 O O   . HOH C 3 .   ? 8.43217   1.45034   15.97962  0.658 20.31476  ? 1056 HOH A O   1 
HETATM 1170 O O   . HOH C 3 .   ? 8.95065   -21.22989 -4.17676  1.000 41.60324  ? 1057 HOH A O   1 
HETATM 1171 O O   . HOH C 3 .   ? -12.48998 -6.16011  -12.83370 1.000 48.28594  ? 1058 HOH A O   1 
HETATM 1172 O O   . HOH C 3 .   ? -2.23570  -22.44047 2.76180   0.678 25.31129  ? 1059 HOH A O   1 
HETATM 1173 O O   . HOH C 3 .   ? -2.83139  20.09704  -0.90241  1.000 55.72220  ? 1060 HOH A O   1 
HETATM 1174 O O   . HOH C 3 .   ? 9.98078   -2.06660  -6.32236  1.000 27.12757  ? 1061 HOH A O   1 
HETATM 1175 O O   . HOH C 3 .   ? 8.38583   16.43589  -3.63629  1.000 37.71682  ? 1062 HOH A O   1 
HETATM 1176 O O   . HOH C 3 .   ? -5.32506  -15.56875 12.15070  1.000 28.25446  ? 1063 HOH A O   1 
HETATM 1177 O O   . HOH C 3 .   ? 5.08971   16.91712  -0.05555  1.000 43.70468  ? 1064 HOH A O   1 
HETATM 1178 O O   . HOH C 3 .   ? 7.69865   4.63812   19.42912  1.000 54.14087  ? 1065 HOH A O   1 
HETATM 1179 O O   . HOH C 3 .   ? -12.43581 1.77661   0.09219   1.000 49.32672  ? 1066 HOH A O   1 
HETATM 1180 O O   . HOH C 3 .   ? -1.46918  21.82840  -0.08327  1.000 47.44331  ? 1067 HOH A O   1 
HETATM 1181 O O   . HOH C 3 .   ? -14.40000 -5.45583  -1.09064  1.000 23.47687  ? 1068 HOH A O   1 
HETATM 1182 O O   . HOH C 3 .   ? -10.42320 3.81149   -3.11886  0.905 26.82884  ? 1069 HOH A O   1 
HETATM 1183 O O   . HOH C 3 .   ? 8.42314   -7.07482  0.78983   0.788 21.74248  ? 1070 HOH A O   1 
HETATM 1184 O O   . HOH C 3 .   ? -11.37733 5.36326   -0.97395  1.000 36.21147  ? 1071 HOH A O   1 
HETATM 1185 O O   . HOH C 3 .   ? -7.77736  12.31144  0.48103   1.000 30.08641  ? 1072 HOH A O   1 
HETATM 1186 O O   . HOH C 3 .   ? 12.24294  -1.14170  -5.31244  1.000 56.43607  ? 1073 HOH A O   1 
HETATM 1187 O O   . HOH C 3 .   ? 11.16180  -6.52540  8.18097   1.000 46.45221  ? 1074 HOH A O   1 
HETATM 1188 O O   . HOH C 3 .   ? 1.81268   19.55270  5.97241   1.000 40.52608  ? 1075 HOH A O   1 
HETATM 1189 O O   . HOH C 3 .   ? 4.78460   -6.78580  11.67090  1.000 47.39334  ? 1076 HOH A O   1 
HETATM 1190 O O   . HOH C 3 .   ? 9.92771   -9.88897  -0.57558  1.000 31.82694  ? 1077 HOH A O   1 
HETATM 1191 O O   . HOH C 3 .   ? -9.95666  -11.98470 8.69961   1.000 34.09225  ? 1078 HOH A O   1 
HETATM 1192 O O   . HOH C 3 .   ? 15.23706  5.05646   -1.12581  1.000 50.15846  ? 1079 HOH A O   1 
HETATM 1193 O O   . HOH C 3 .   ? 7.77736   15.93484  2.00038   1.000 48.33545  ? 1080 HOH A O   1 
HETATM 1194 O O   . HOH C 3 .   ? -13.86936 -2.72118  -1.90070  1.000 31.37803  ? 1081 HOH A O   1 
HETATM 1195 O O   . HOH C 3 .   ? -15.28696 -14.37636 14.00388  1.000 51.06387  ? 1082 HOH A O   1 
HETATM 1196 O O   . HOH C 3 .   ? -8.39837  -15.47067 -12.88455 1.000 57.95106  ? 1083 HOH A O   1 
HETATM 1197 O O   . HOH C 3 .   ? -12.62454 0.97306   5.54497   1.000 57.55422  ? 1084 HOH A O   1 
HETATM 1198 O O   . HOH C 3 .   ? 9.31117   -13.44629 2.46294   1.000 52.94834  ? 1085 HOH A O   1 
HETATM 1199 O O   . HOH C 3 .   ? -11.72142 -8.00770  12.72482  1.000 56.37767  ? 1086 HOH A O   1 
HETATM 1200 O O   . HOH C 3 .   ? -4.17311  9.57892   15.26397  1.000 38.04875  ? 1087 HOH A O   1 
HETATM 1201 O O   . HOH C 3 .   ? 6.39726   -13.99482 -6.89196  1.000 53.20841  ? 1088 HOH A O   1 
HETATM 1202 O O   . HOH C 3 .   ? -0.28176  23.94275  1.74898   1.000 57.85165  ? 1089 HOH A O   1 
HETATM 1203 O O   . HOH C 3 .   ? -14.03315 -11.53096 4.52584   1.000 35.21095  ? 1090 HOH A O   1 
HETATM 1204 O O   . HOH C 3 .   ? 8.32241   -12.49290 4.88614   1.000 44.29689  ? 1091 HOH A O   1 
HETATM 1205 O O   . HOH C 3 .   ? 5.74937   -22.40967 5.90083   1.000 54.15148  ? 1092 HOH A O   1 
HETATM 1206 O O   . HOH C 3 .   ? -10.13482 1.68192   -15.60786 1.000 53.05565  ? 1093 HOH A O   1 
HETATM 1207 O O   . HOH C 3 .   ? -6.69749  -16.04637 -6.17909  1.000 33.12567  ? 1094 HOH A O   1 
HETATM 1208 O O   . HOH C 3 .   ? -9.43569  10.45816  -5.98733  1.000 42.09172  ? 1095 HOH A O   1 
HETATM 1209 O O   . HOH C 3 .   ? -7.18540  15.38353  0.61174   1.000 56.72369  ? 1096 HOH A O   1 
HETATM 1210 O O   . HOH C 3 .   ? -14.02394 -0.93859  0.82132   1.000 43.28237  ? 1097 HOH A O   1 
HETATM 1211 O O   . HOH C 3 .   ? -12.72351 -19.45841 16.00911  1.000 55.45469  ? 1098 HOH A O   1 
HETATM 1212 O O   . HOH D 3 .   ? -1.06375  18.99094  -6.20465  0.879 29.46894  ? 101  HOH B O   1 
HETATM 1213 O O   . HOH D 3 .   ? 2.09000   3.43277   -14.53516 1.000 40.48727  ? 102  HOH B O   1 
HETATM 1214 O O   . HOH D 3 .   ? -6.79997  24.93697  -8.76679  1.000 49.71563  ? 103  HOH B O   1 
HETATM 1215 O O   . HOH D 3 .   ? 5.02454   7.16302   -9.76930  1.000 45.26382  ? 104  HOH B O   1 
HETATM 1216 O O   . HOH D 3 .   ? 5.10533   4.07020   -8.01798  0.851 24.48593  ? 105  HOH B O   1 
HETATM 1217 O O   . HOH D 3 .   ? -3.74350  19.13901  -5.70345  1.000 51.81639  ? 106  HOH B O   1 
HETATM 1218 O O   . HOH D 3 .   ? 1.65527   26.09530  -4.81543  1.000 28.18175  ? 107  HOH B O   1 
HETATM 1219 O O   . HOH D 3 .   ? 6.06128   1.78342   -14.54561 0.807 27.29496  ? 108  HOH B O   1 
HETATM 1220 O O   . HOH D 3 .   ? -2.60775  9.65715   -14.26847 0.817 17.36045  ? 109  HOH B O   1 
HETATM 1221 O O   . HOH D 3 .   ? -0.58426  3.15246   -12.56890 0.962 21.45721  ? 110  HOH B O   1 
HETATM 1222 O O   . HOH D 3 .   ? -2.38035  23.15841  -12.07728 1.000 37.58165  ? 111  HOH B O   1 
HETATM 1223 O O   . HOH D 3 .   ? 0.88592   1.10399   -10.87449 1.000 38.76717  ? 112  HOH B O   1 
HETATM 1224 O O   . HOH D 3 .   ? -5.23399  24.15929  -10.69238 1.000 58.30822  ? 113  HOH B O   1 
HETATM 1225 O O   . HOH D 3 .   ? 0.80579   22.00744  -5.12025  1.000 42.19840  ? 114  HOH B O   1 
HETATM 1226 O O   . HOH D 3 .   ? -10.01861 7.00766   -13.62002 1.000 49.31104  ? 115  HOH B O   1 
HETATM 1227 O O   . HOH D 3 .   ? -8.55031  8.34598   -15.23073 1.000 49.20441  ? 116  HOH B O   1 
HETATM 1228 O O   . HOH D 3 .   ? -6.96686  9.81023   -16.14500 1.000 54.61240  ? 117  HOH B O   1 
# 
loop_
_atom_site_anisotrop.id 
_atom_site_anisotrop.type_symbol 
_atom_site_anisotrop.pdbx_label_atom_id 
_atom_site_anisotrop.pdbx_label_alt_id 
_atom_site_anisotrop.pdbx_label_comp_id 
_atom_site_anisotrop.pdbx_label_asym_id 
_atom_site_anisotrop.pdbx_label_seq_id 
_atom_site_anisotrop.pdbx_PDB_ins_code 
_atom_site_anisotrop.U[1][1] 
_atom_site_anisotrop.U[2][2] 
_atom_site_anisotrop.U[3][3] 
_atom_site_anisotrop.U[1][2] 
_atom_site_anisotrop.U[1][3] 
_atom_site_anisotrop.U[2][3] 
_atom_site_anisotrop.pdbx_auth_seq_id 
_atom_site_anisotrop.pdbx_auth_comp_id 
_atom_site_anisotrop.pdbx_auth_asym_id 
_atom_site_anisotrop.pdbx_auth_atom_id 
1031 N N   . ARG B 9  ? 0.32858 0.30039 0.26808 0.01286  0.03621  0.01770  17 ARG B N   
1032 C CA  . ARG B 9  ? 0.29264 0.26691 0.27944 0.03685  0.03566  0.01507  17 ARG B CA  
1033 C C   . ARG B 9  ? 0.27397 0.22627 0.28444 0.04876  0.01941  0.00920  17 ARG B C   
1034 O O   . ARG B 9  ? 0.28388 0.25258 0.29231 0.04023  0.01767  -0.00420 17 ARG B O   
1035 C CB  . ARG B 9  ? 0.27763 0.29153 0.32140 0.04327  0.04686  0.03533  17 ARG B CB  
1036 C CG  . ARG B 9  ? 0.28652 0.33942 0.33811 0.02620  0.05491  0.03680  17 ARG B CG  
1037 C CD  . ARG B 9  ? 0.27595 0.36060 0.36062 0.02988  0.06007  0.03058  17 ARG B CD  
1038 N NE  . ARG B 9  ? 0.28606 0.37974 0.37341 0.02061  0.05972  0.02663  17 ARG B NE  
1039 C CZ  . ARG B 9  ? 0.28046 0.38908 0.37433 0.01913  0.06720  0.01484  17 ARG B CZ  
1040 N NH1 . ARG B 9  ? 0.25169 0.38370 0.36478 0.03309  0.08101  0.01049  17 ARG B NH1 
1041 N NH2 . ARG B 9  ? 0.29337 0.39989 0.39494 0.01152  0.06681  0.00689  17 ARG B NH2 
1042 N N   . HIS B 10 ? 0.25959 0.17629 0.26609 0.05469  0.01228  0.00523  18 HIS B N   
1043 C CA  . HIS B 10 ? 0.24187 0.15063 0.24642 0.05395  0.00481  -0.00114 18 HIS B CA  
1044 C C   . HIS B 10 ? 0.24669 0.15279 0.22173 0.03829  0.01376  -0.00549 18 HIS B C   
1045 O O   . HIS B 10 ? 0.27364 0.18212 0.21914 -0.00021 0.00582  0.00889  18 HIS B O   
1052 N N   . ARG B 11 ? 0.24056 0.17446 0.16911 0.03215  0.03596  0.00181  19 ARG B N   
1053 C CA  . ARG B 11 ? 0.23791 0.17396 0.14435 0.02639  0.03029  -0.00718 19 ARG B CA  
1054 C C   . ARG B 11 ? 0.26159 0.17462 0.14241 0.00671  0.02439  -0.00413 19 ARG B C   
1055 O O   . ARG B 11 ? 0.28103 0.17569 0.14450 -0.00545 -0.00456 0.00505  19 ARG B O   
1056 C CB  . ARG B 11 ? 0.25102 0.20277 0.15102 0.00599  0.02622  -0.01243 19 ARG B CB  
1057 C CG  . ARG B 11 ? 0.24198 0.23450 0.15779 -0.00209 0.01364  -0.01577 19 ARG B CG  
1058 C CD  . ARG B 11 ? 0.24345 0.25960 0.14713 -0.01685 0.00911  0.00068  19 ARG B CD  
1059 N NE  . ARG B 11 ? 0.24011 0.28392 0.16429 -0.02138 0.00995  0.01149  19 ARG B NE  
1060 C CZ  . ARG B 11 ? 0.24307 0.29345 0.19063 -0.03017 0.00759  0.02249  19 ARG B CZ  
1061 N NH1 . ARG B 11 ? 0.26578 0.28497 0.17835 -0.03968 0.01678  0.02653  19 ARG B NH1 
1062 N NH2 . ARG B 11 ? 0.23323 0.30509 0.21432 -0.02956 0.00037  0.03790  19 ARG B NH2 
1063 N N   . LYS B 12 ? 0.23714 0.17311 0.14567 0.02317  0.04621  -0.02012 20 LYS B N   
1064 C CA  . LYS B 12 ? 0.23617 0.18434 0.14671 0.02094  0.02531  -0.02506 20 LYS B CA  
1065 C C   . LYS B 12 ? 0.25168 0.17688 0.13722 0.01722  0.01779  -0.02861 20 LYS B C   
1066 O O   . LYS B 12 ? 0.26006 0.18019 0.14975 0.01505  0.01707  -0.01504 20 LYS B O   
1067 C CB  . LYS B 12 ? 0.22852 0.21044 0.17997 0.01925  0.01434  -0.01009 20 LYS B CB  
1068 C CG  . LYS B 12 ? 0.24341 0.21916 0.16207 0.01255  0.01757  0.00307  20 LYS B CG  
1069 C CD  . LYS B 12 ? 0.26478 0.21825 0.13364 0.00833  0.01010  0.00608  20 LYS B CD  
1070 C CE  . LYS B 12 ? 0.28215 0.21470 0.15441 0.00554  -0.00608 -0.00346 20 LYS B CE  
1071 N NZ  . LYS B 12 ? 0.28797 0.21791 0.17866 0.00378  -0.00306 -0.00091 20 LYS B NZ  
1072 N N   . VAL B 13 ? 0.25674 0.14225 0.18461 0.02691  0.00645  -0.02727 21 VAL B N   
1073 C CA  . VAL B 13 ? 0.27472 0.15676 0.17704 0.01912  0.00855  -0.04308 21 VAL B CA  
1074 C C   . VAL B 13 ? 0.29475 0.18502 0.12459 0.00802  0.00408  -0.03626 21 VAL B C   
1075 O O   . VAL B 13 ? 0.28955 0.19145 0.13627 0.01182  0.00638  -0.02493 21 VAL B O   
1076 C CB  . VAL B 13 ? 0.28813 0.16717 0.24977 0.01193  0.00069  -0.04066 21 VAL B CB  
1077 C CG1 . VAL B 13 ? 0.30256 0.17052 0.29255 0.00752  -0.01057 -0.03656 21 VAL B CG1 
1078 C CG2 . VAL B 13 ? 0.29943 0.18251 0.27774 -0.00086 -0.00197 -0.04108 21 VAL B CG2 
1079 N N   . LEU B 14 ? 0.30578 0.17861 0.14550 0.00901  0.00577  -0.03177 22 LEU B N   
1080 C CA  . LEU B 14 ? 0.32545 0.21192 0.14176 -0.00358 0.00715  -0.03274 22 LEU B CA  
1081 C C   . LEU B 14 ? 0.32107 0.21692 0.22244 0.00341  -0.01233 -0.03286 22 LEU B C   
1082 O O   . LEU B 14 ? 0.34253 0.22749 0.28008 -0.00250 -0.04263 -0.01433 22 LEU B O   
1083 C CB  . LEU B 14 ? 0.30570 0.20434 0.15671 0.01772  0.02471  -0.02332 22 LEU B CB  
1084 C CG  . LEU B 14 ? 0.29528 0.23057 0.23220 0.01611  0.02708  -0.01873 22 LEU B CG  
1085 C CD1 . LEU B 14 ? 0.29132 0.25321 0.28301 0.00717  0.03057  -0.01220 22 LEU B CD1 
1086 C CD2 . LEU B 14 ? 0.28741 0.24535 0.26052 0.01875  0.02696  -0.01192 22 LEU B CD2 
1087 N N   . ARG B 15 ? 0.30447 0.22972 0.25850 0.00859  -0.00075 -0.01850 23 ARG B N   
1088 C CA  . ARG B 15 ? 0.30657 0.26086 0.28352 0.00983  0.00070  -0.01434 23 ARG B CA  
1089 C C   . ARG B 15 ? 0.31834 0.28880 0.27420 0.00780  -0.00117 -0.01465 23 ARG B C   
1090 O O   . ARG B 15 ? 0.32204 0.29395 0.31764 0.01247  -0.00613 -0.02610 23 ARG B O   
1091 C CB  . ARG B 15 ? 0.32689 0.30252 0.35026 -0.01177 0.00068  -0.00022 23 ARG B CB  
1092 C CG  . ARG B 15 ? 0.36337 0.36143 0.40112 -0.04265 -0.00421 0.00017  23 ARG B CG  
1093 C CD  . ARG B 15 ? 0.39342 0.40457 0.43983 -0.06074 -0.00829 0.00373  23 ARG B CD  
1094 N NE  . ARG B 15 ? 0.41113 0.42850 0.45486 -0.06419 -0.00820 0.00868  23 ARG B NE  
1095 C CZ  . ARG B 15 ? 0.40268 0.44133 0.46830 -0.05265 -0.00562 0.01193  23 ARG B CZ  
1096 N NH1 . ARG B 15 ? 0.39386 0.43863 0.48261 -0.04241 -0.00109 0.00967  23 ARG B NH1 
1097 N NH2 . ARG B 15 ? 0.40933 0.45328 0.47367 -0.05513 -0.00847 0.01932  23 ARG B NH2 
1098 N N   . ASP B 16 ? 0.34660 0.30927 0.25531 -0.00723 0.00291  -0.02275 24 ASP B N   
1099 C CA  . ASP B 16 ? 0.35818 0.33488 0.30079 -0.00314 0.01063  -0.02783 24 ASP B CA  
1100 C C   . ASP B 16 ? 0.45651 0.43392 0.42777 -0.00779 0.00402  -0.01729 24 ASP B C   
1101 O O   . ASP B 16 ? 0.45799 0.43911 0.42466 -0.01476 0.01322  -0.01487 24 ASP B O   
1106 N N   . ASN B 17 ? 0.55506 0.53221 0.52100 -0.00887 0.00548  -0.01623 25 ASN B N   
1107 C CA  . ASN B 17 ? 0.66436 0.63271 0.61778 -0.01350 -0.00164 -0.01498 25 ASN B CA  
1108 C C   . ASN B 17 ? 0.66769 0.62992 0.61787 -0.01529 -0.00379 -0.01981 25 ASN B C   
1109 O O   . ASN B 17 ? 0.66840 0.62238 0.61324 -0.01297 -0.00489 -0.02911 25 ASN B O   
# 
